data_7TBY
#
_entry.id   7TBY
#
_cell.length_a   1.00
_cell.length_b   1.00
_cell.length_c   1.00
_cell.angle_alpha   90.00
_cell.angle_beta   90.00
_cell.angle_gamma   90.00
#
_symmetry.space_group_name_H-M   'P 1'
#
loop_
_entity.id
_entity.type
_entity.pdbx_description
1 polymer 'ATP-binding cassette, sub-family A (ABC1), member 1'
2 branched 2-acetamido-2-deoxy-beta-D-glucopyranose-(1-4)-2-acetamido-2-deoxy-beta-D-glucopyranose
3 branched beta-D-mannopyranose-(1-3)-[beta-D-mannopyranose-(1-6)]beta-D-mannopyranose-(1-4)-2-acetamido-2-deoxy-beta-D-glucopyranose-(1-4)-2-acetamido-2-deoxy-beta-D-glucopyranose
4 non-polymer CHOLESTEROL
5 non-polymer 2-acetamido-2-deoxy-beta-D-glucopyranose
#
_entity_poly.entity_id   1
_entity_poly.type   'polypeptide(L)'
_entity_poly.pdbx_seq_one_letter_code
;MACWPQLRLLLWKNLTFRRRQTCQLLLEVAWPLFIFLILISVRLSYPPYEQHECHFPNKAMPSAGTLPWVQGIICNANNP
CFRYPTPGEAPGVVGNFNKSIVARLFSDARRLLLYSQKDTSMKDMRKVLRTLQQIKKSSSNLKLQDFLVDNETFSGFLYH
NLSLPKSTVDKMLRADVILHKVFLQGYQLHLTSLCNGSKSEEMIQLGDQEVSELCGLPREKLAAAERVLRSNMDILKPIL
RTLNSTSPFPSKELAEATKTLLHSLGTLAQELFSMRSWSDMRQEVMFLTNVNSSSSSTQIYQAVSRIVCGHPEGGGLKIK
SLNWYEDNNYKALFGGNGTEEDAETFYDNSTTPYCNDLMKNLESSPLSRIIWKALKPLLVGKILYTPDTPATRQVMAEVN
KTFQELAVFHDLEGMWEELSPKIWTFMENSQEMDLVRMLLDSRDNDHFWEQQLDGLDWTAQDIVAFLAKHPEDVQSSNGS
VYTWREAFNETNQAIRTISRFMECVNLNKLEPIATEVWLINKSMELLDERKFWAGIVFTGITPGSIELPHHVKYKIRMDI
DNVERTNKIKDGYWDPGPRADPFEDMRYVWGGFAYLQDVVEQAIIRVLTGTEKKTGVYMQQMPYPCYVDDIFLRVMSRSM
PLFMTLAWIYSVAVIIKGIVYEKEARLKETMRIMGLDNSILWFSWFISSLIPLLVSAGLLVVILKLGNLLPYSDPSVVFV
FLSVFAVVTILQCFLISTLFSRANLAAACGGIIYFTLYLPYVLCVAWRDYVGFTLKIFASLLSPVAFGFGCEYFALFEEQ
GIGVQWDNLFESPVEEDGFNLTTSVSMMLFDTFLYGVMTWYIEAVFPGQYGIPRPWYFPCTKSYWFGEESDEKSHPGSNQ
KRISEICMEEEPTHLKLGVSIQNLVKVYRDGMKVAVDGLALNFYEGQITSFLGHNGAGKTTTMSILTGLFPPTSGTAYIL
GKDIRSEMSTIRQNLGVCPQHNVLFDMLTVEEHIWFYARLKGLSEKHVKAEMEQMALDVGLPSSKLKSKTSQLSGGMQRK
LSVALAFVGGSKVVILDEPTAGVDPYSRRGIWELLLKYRQGRTIILSTHHMDEADVLGDRIAIISHGKLCCVGSSLFLKN
QLGTGYYLTLVKKDVESSLSSCRNSSSTVSYLKKEDSVSQSSSDAGLGSDHESDTLTIDVSAISNLIRKHVSEARLVEDI
GHELTYVLPYEAAKEGAFVELFHEIDDRLSDLGISSYGISETTLEEIFLKVAEESGVDAETSDGTLPARRNRRAFGDKQS
CLRPFTEDDAADPNDSDIDPESRETDLLSGMDGKGSYQVKGWKLTQQQFVALLWKRLLIARRSRKGFFAQIVLPAVFVCI
ALVFSLIVPPFGKYPSLELQPWMYNEQYTFVSNDAPEDTGTLELLNALTKDPGFGTRCMEGNPIPDTPCQAGEEEWTTAP
VPQTIMDLFQNGNWTMQNPSPACQCSSDKIKKMLPVCPPGAGGLPPPQRKQNTADILQDLTGRNISDYLVKTYVQIIAKS
LKNKIWVNEFRYGGFSLGVSNTQALPPSQEVNDAIKQMKKHLKLAKDSSADRFLNSLGRFMTGLDTKNNVKVWFNNKGWH
AISSFLNVINNAILRANLQKGENPSHYGITAFNHPLNLTKQQLSEVALMTTSVDVLVSICVIFAMSFVPASFVVFLIQER
VSKAKHLQFISGVKPVIYWLSNFVWDMCNYVVPATLVIIIFICFQQKSYVSSTNLPVLALLLLLYGWSITPLMYPASFVF
KIPSTAYVVLTSVNLFIGINGSVATFVLELFTDNKLNNINDILKSVFLIFPHFCLGRGLIDMVKNQAMADALERFGENRF
VSPLSWDLVGRNLFAMAVEGVVFFLITVLIQYRFFIRPRPVNAKLSPLNDEDEDVRRERQRILDGGGQNDILEIKELTKI
YRRKRKPAVDRICVGIPPGECFGLLGVNGAGKSSTFKMLTGDTTVTRGDAFLNKNSILSNIHEVHQNMGYCPQFDAITEL
LTGREHVEFFALLRGVPEKEVGKVGEWAIRKLGLVKYGEKYAGNYSGGNKRKLSTAMALIGGPPVVFLDEPTTGMDPKAR
RFLWNCALSVVKEGRSVVLTSHSMEECEALCTRMAIMVNGRFRCLGSVQHLKNRFGDGYTIVVRIAGSNPDLKPVQDFFG
LAFPGSVLKEKHRNMLQYQLPSSLSSLARIFSILSQSKKRLHIEDYSVSQTTLDQVFVNFAKDQSDDDHLKDLSLHKNQT
VVDVAVLTSFLQDEKVKESYVGDYKDDDDK
;
_entity_poly.pdbx_strand_id   A
#
loop_
_chem_comp.id
_chem_comp.type
_chem_comp.name
_chem_comp.formula
BMA D-saccharide, beta linking beta-D-mannopyranose 'C6 H12 O6'
CLR non-polymer CHOLESTEROL 'C27 H46 O'
NAG D-saccharide, beta linking 2-acetamido-2-deoxy-beta-D-glucopyranose 'C8 H15 N O6'
#
# COMPACT_ATOMS: atom_id res chain seq x y z
N CYS A 3 39.84 -19.23 11.07
CA CYS A 3 38.75 -18.26 11.12
C CYS A 3 38.30 -17.87 9.70
N TRP A 4 39.23 -17.32 8.93
CA TRP A 4 38.91 -16.93 7.55
C TRP A 4 38.54 -18.10 6.65
N PRO A 5 39.19 -19.28 6.73
CA PRO A 5 38.73 -20.40 5.90
C PRO A 5 37.27 -20.78 6.15
N GLN A 6 36.82 -20.71 7.40
CA GLN A 6 35.41 -21.00 7.68
C GLN A 6 34.50 -19.97 7.01
N LEU A 7 34.90 -18.70 7.03
CA LEU A 7 34.15 -17.68 6.29
C LEU A 7 34.12 -17.97 4.80
N ARG A 8 35.24 -18.45 4.25
CA ARG A 8 35.29 -18.81 2.84
C ARG A 8 34.33 -19.94 2.52
N LEU A 9 34.30 -20.98 3.38
CA LEU A 9 33.39 -22.09 3.16
C LEU A 9 31.94 -21.64 3.27
N LEU A 10 31.65 -20.76 4.22
CA LEU A 10 30.28 -20.27 4.37
C LEU A 10 29.85 -19.45 3.16
N LEU A 11 30.73 -18.58 2.66
CA LEU A 11 30.41 -17.79 1.48
C LEU A 11 30.24 -18.70 0.25
N TRP A 12 31.07 -19.74 0.14
CA TRP A 12 30.92 -20.68 -0.96
C TRP A 12 29.59 -21.43 -0.87
N LYS A 13 29.19 -21.83 0.34
CA LYS A 13 27.91 -22.51 0.51
C LYS A 13 26.76 -21.59 0.14
N ASN A 14 26.83 -20.32 0.56
CA ASN A 14 25.77 -19.39 0.21
C ASN A 14 25.70 -19.13 -1.29
N LEU A 15 26.87 -19.00 -1.93
CA LEU A 15 26.89 -18.79 -3.38
C LEU A 15 26.35 -20.00 -4.12
N THR A 16 26.64 -21.20 -3.62
CA THR A 16 26.11 -22.41 -4.25
C THR A 16 24.61 -22.51 -4.06
N PHE A 17 24.11 -22.14 -2.88
CA PHE A 17 22.67 -22.10 -2.65
C PHE A 17 22.00 -21.10 -3.59
N ARG A 18 22.64 -19.97 -3.83
CA ARG A 18 22.09 -18.98 -4.75
C ARG A 18 22.10 -19.49 -6.19
N ARG A 19 23.17 -20.20 -6.57
CA ARG A 19 23.33 -20.61 -7.96
C ARG A 19 22.43 -21.80 -8.32
N ARG A 20 22.35 -22.79 -7.44
CA ARG A 20 21.70 -24.05 -7.79
C ARG A 20 20.18 -23.91 -7.93
N GLN A 21 19.59 -22.85 -7.39
CA GLN A 21 18.14 -22.71 -7.46
C GLN A 21 17.68 -22.43 -8.89
N THR A 22 18.32 -21.49 -9.56
CA THR A 22 18.01 -21.11 -10.94
C THR A 22 16.56 -20.70 -11.14
N CYS A 23 15.88 -20.31 -10.05
CA CYS A 23 14.47 -19.93 -10.16
C CYS A 23 14.22 -18.61 -9.43
N GLN A 24 15.04 -18.30 -8.44
CA GLN A 24 14.83 -17.10 -7.62
C GLN A 24 15.65 -15.91 -8.11
N LEU A 25 16.90 -16.13 -8.53
CA LEU A 25 17.76 -15.01 -8.90
C LEU A 25 17.29 -14.34 -10.18
N LEU A 26 16.66 -15.08 -11.09
CA LEU A 26 16.21 -14.46 -12.34
C LEU A 26 15.02 -13.54 -12.08
N LEU A 27 14.08 -13.96 -11.22
CA LEU A 27 13.02 -13.04 -10.81
C LEU A 27 13.59 -11.88 -10.00
N GLU A 28 14.63 -12.15 -9.20
CA GLU A 28 15.25 -11.08 -8.41
C GLU A 28 15.88 -10.02 -9.28
N VAL A 29 16.45 -10.40 -10.42
CA VAL A 29 17.05 -9.43 -11.32
C VAL A 29 16.02 -8.85 -12.30
N ALA A 30 14.88 -9.52 -12.49
CA ALA A 30 13.88 -9.04 -13.43
C ALA A 30 12.86 -8.09 -12.79
N TRP A 31 12.61 -8.23 -11.49
CA TRP A 31 11.59 -7.39 -10.85
C TRP A 31 11.97 -5.91 -10.81
N PRO A 32 13.16 -5.50 -10.33
CA PRO A 32 13.50 -4.07 -10.40
C PRO A 32 13.57 -3.53 -11.82
N LEU A 33 14.08 -4.33 -12.76
CA LEU A 33 14.10 -3.91 -14.15
C LEU A 33 12.71 -3.62 -14.66
N PHE A 34 11.74 -4.50 -14.37
CA PHE A 34 10.37 -4.28 -14.82
C PHE A 34 9.77 -3.05 -14.15
N ILE A 35 9.96 -2.92 -12.83
CA ILE A 35 9.38 -1.78 -12.10
C ILE A 35 9.91 -0.46 -12.67
N PHE A 36 11.22 -0.35 -12.81
CA PHE A 36 11.78 0.91 -13.28
C PHE A 36 11.63 1.10 -14.79
N LEU A 37 11.39 0.02 -15.54
CA LEU A 37 11.01 0.19 -16.94
C LEU A 37 9.62 0.79 -17.05
N ILE A 38 8.68 0.32 -16.23
CA ILE A 38 7.37 0.98 -16.16
C ILE A 38 7.52 2.43 -15.72
N LEU A 39 8.40 2.67 -14.76
CA LEU A 39 8.64 4.03 -14.28
C LEU A 39 9.16 4.93 -15.40
N ILE A 40 10.13 4.46 -16.17
CA ILE A 40 10.71 5.29 -17.23
C ILE A 40 9.73 5.42 -18.39
N SER A 41 8.87 4.43 -18.61
CA SER A 41 7.84 4.56 -19.64
C SER A 41 6.82 5.61 -19.25
N VAL A 42 6.48 5.70 -17.96
CA VAL A 42 5.61 6.78 -17.49
C VAL A 42 6.33 8.11 -17.58
N ARG A 43 7.63 8.13 -17.30
CA ARG A 43 8.41 9.37 -17.36
C ARG A 43 8.45 9.93 -18.78
N LEU A 44 8.75 9.08 -19.76
CA LEU A 44 8.84 9.49 -21.15
C LEU A 44 7.49 9.88 -21.75
N SER A 45 6.40 9.81 -20.99
CA SER A 45 5.09 10.22 -21.47
C SER A 45 4.72 11.64 -21.05
N TYR A 46 5.27 12.14 -19.95
CA TYR A 46 5.00 13.49 -19.50
C TYR A 46 6.25 14.35 -19.64
N PRO A 47 6.40 15.09 -20.74
CA PRO A 47 7.58 15.92 -20.94
C PRO A 47 7.55 17.14 -20.03
N PRO A 48 8.70 17.72 -19.71
CA PRO A 48 8.71 18.93 -18.88
C PRO A 48 8.15 20.13 -19.65
N TYR A 49 7.27 20.87 -19.00
CA TYR A 49 6.61 22.02 -19.61
C TYR A 49 7.38 23.29 -19.24
N GLU A 50 7.88 23.99 -20.25
CA GLU A 50 8.61 25.24 -20.07
C GLU A 50 7.75 26.41 -20.48
N GLN A 51 7.80 27.49 -19.70
CA GLN A 51 7.02 28.69 -19.96
C GLN A 51 7.86 29.93 -19.70
N HIS A 52 7.95 30.79 -20.70
CA HIS A 52 8.73 32.02 -20.56
C HIS A 52 8.03 32.98 -19.61
N GLU A 53 8.83 33.90 -19.04
CA GLU A 53 8.28 34.95 -18.22
C GLU A 53 7.49 35.93 -19.06
N CYS A 54 6.39 36.44 -18.50
CA CYS A 54 5.54 37.38 -19.23
C CYS A 54 4.71 38.19 -18.25
N HIS A 55 4.06 39.21 -18.79
CA HIS A 55 3.20 40.10 -18.04
C HIS A 55 1.80 40.07 -18.65
N PHE A 56 0.83 40.63 -17.93
CA PHE A 56 -0.55 40.59 -18.36
C PHE A 56 -1.12 41.99 -18.48
N PRO A 57 -1.96 42.23 -19.49
CA PRO A 57 -2.57 43.55 -19.64
C PRO A 57 -3.50 43.87 -18.48
N ASN A 58 -3.73 45.16 -18.28
CA ASN A 58 -4.55 45.64 -17.18
C ASN A 58 -6.01 45.76 -17.62
N LYS A 59 -6.90 45.25 -16.78
CA LYS A 59 -8.34 45.34 -17.02
C LYS A 59 -8.90 46.61 -16.39
N ALA A 60 -9.93 47.15 -17.03
CA ALA A 60 -10.55 48.40 -16.60
C ALA A 60 -11.94 48.12 -16.07
N MET A 61 -12.23 48.61 -14.87
CA MET A 61 -13.55 48.47 -14.27
C MET A 61 -14.51 49.50 -14.88
N PRO A 62 -15.82 49.31 -14.71
CA PRO A 62 -16.78 50.27 -15.27
C PRO A 62 -16.60 51.69 -14.79
N SER A 63 -16.09 51.89 -13.58
CA SER A 63 -15.92 53.25 -13.05
C SER A 63 -14.82 54.02 -13.76
N ALA A 64 -13.91 53.35 -14.46
CA ALA A 64 -12.84 54.01 -15.19
C ALA A 64 -13.23 54.42 -16.60
N GLY A 65 -14.52 54.39 -16.91
CA GLY A 65 -15.00 54.74 -18.24
C GLY A 65 -15.67 53.55 -18.90
N THR A 66 -16.79 53.82 -19.59
CA THR A 66 -17.53 52.74 -20.23
C THR A 66 -16.77 52.20 -21.44
N LEU A 67 -16.25 53.10 -22.28
CA LEU A 67 -15.52 52.66 -23.47
C LEU A 67 -14.27 51.85 -23.13
N PRO A 68 -13.38 52.29 -22.23
CA PRO A 68 -12.23 51.43 -21.89
C PRO A 68 -12.63 50.13 -21.23
N TRP A 69 -13.71 50.13 -20.44
CA TRP A 69 -14.20 48.89 -19.84
C TRP A 69 -14.63 47.90 -20.91
N VAL A 70 -15.42 48.37 -21.89
CA VAL A 70 -15.85 47.49 -22.97
C VAL A 70 -14.67 47.02 -23.79
N GLN A 71 -13.70 47.91 -24.06
CA GLN A 71 -12.54 47.52 -24.84
C GLN A 71 -11.70 46.47 -24.10
N GLY A 72 -11.61 46.58 -22.77
CA GLY A 72 -10.92 45.56 -22.00
C GLY A 72 -11.68 44.25 -21.99
N ILE A 73 -13.02 44.32 -22.04
CA ILE A 73 -13.82 43.10 -22.09
C ILE A 73 -13.64 42.38 -23.43
N ILE A 74 -13.57 43.14 -24.53
CA ILE A 74 -13.74 42.54 -25.85
C ILE A 74 -12.50 41.76 -26.27
N CYS A 75 -11.36 42.44 -26.42
CA CYS A 75 -10.22 41.77 -27.06
C CYS A 75 -9.25 41.15 -26.05
N ASN A 76 -8.67 41.96 -25.16
CA ASN A 76 -7.65 41.46 -24.23
C ASN A 76 -8.31 40.79 -23.02
N ALA A 77 -9.00 39.68 -23.31
CA ALA A 77 -9.67 38.88 -22.29
C ALA A 77 -9.18 37.43 -22.31
N ASN A 78 -7.89 37.24 -22.58
CA ASN A 78 -7.33 35.90 -22.65
C ASN A 78 -5.97 35.75 -21.97
N ASN A 79 -5.46 36.80 -21.31
CA ASN A 79 -4.13 36.80 -20.72
C ASN A 79 -3.10 36.40 -21.77
N PRO A 80 -2.81 37.27 -22.73
CA PRO A 80 -2.00 36.86 -23.88
C PRO A 80 -0.55 36.49 -23.56
N CYS A 81 -0.05 36.81 -22.36
CA CYS A 81 1.31 36.46 -21.95
C CYS A 81 2.34 37.09 -22.90
N PHE A 82 2.35 38.43 -22.87
CA PHE A 82 3.10 39.22 -23.85
C PHE A 82 4.56 38.83 -23.97
N ARG A 83 5.17 38.35 -22.88
CA ARG A 83 6.60 38.03 -22.72
C ARG A 83 7.44 39.30 -22.59
N TYR A 84 6.84 40.49 -22.67
CA TYR A 84 7.57 41.74 -22.52
C TYR A 84 6.69 42.72 -21.74
N PRO A 85 7.29 43.61 -20.94
CA PRO A 85 6.48 44.53 -20.13
C PRO A 85 5.56 45.41 -20.96
N THR A 86 4.26 45.25 -20.79
CA THR A 86 3.30 46.09 -21.48
C THR A 86 3.40 47.53 -20.96
N PRO A 87 3.13 48.52 -21.81
CA PRO A 87 3.16 49.92 -21.33
C PRO A 87 2.15 50.20 -20.24
N GLY A 88 1.13 49.36 -20.07
CA GLY A 88 0.19 49.56 -18.98
C GLY A 88 0.82 49.39 -17.62
N GLU A 89 1.86 48.57 -17.52
CA GLU A 89 2.57 48.39 -16.25
C GLU A 89 3.50 49.54 -15.92
N ALA A 90 3.67 50.50 -16.81
CA ALA A 90 4.50 51.66 -16.52
C ALA A 90 3.88 52.45 -15.36
N PRO A 91 4.70 53.07 -14.51
CA PRO A 91 4.15 53.78 -13.35
C PRO A 91 3.36 55.02 -13.73
N GLY A 92 3.57 55.58 -14.92
CA GLY A 92 2.91 56.81 -15.29
C GLY A 92 1.67 56.66 -16.16
N VAL A 93 1.76 55.84 -17.21
CA VAL A 93 0.70 55.74 -18.20
C VAL A 93 -0.19 54.54 -17.88
N VAL A 94 -1.48 54.69 -18.21
CA VAL A 94 -2.48 53.66 -17.97
C VAL A 94 -3.24 53.39 -19.27
N GLY A 95 -2.54 53.49 -20.40
CA GLY A 95 -3.18 53.48 -21.70
C GLY A 95 -3.25 52.12 -22.36
N ASN A 96 -2.39 51.90 -23.36
CA ASN A 96 -2.32 50.73 -24.24
C ASN A 96 -3.38 50.79 -25.34
N PHE A 97 -4.15 51.88 -25.42
CA PHE A 97 -5.17 52.04 -26.44
C PHE A 97 -4.84 53.24 -27.33
N ASN A 98 -3.54 53.43 -27.60
CA ASN A 98 -3.09 54.54 -28.42
C ASN A 98 -3.58 54.42 -29.86
N LYS A 99 -3.49 53.21 -30.42
CA LYS A 99 -3.85 52.97 -31.81
C LYS A 99 -5.29 52.52 -32.02
N SER A 100 -6.13 52.56 -30.97
CA SER A 100 -7.51 52.12 -31.11
C SER A 100 -8.27 53.06 -32.03
N ILE A 101 -8.75 52.52 -33.16
CA ILE A 101 -9.43 53.35 -34.15
C ILE A 101 -10.77 53.85 -33.61
N VAL A 102 -11.37 53.12 -32.67
CA VAL A 102 -12.61 53.60 -32.06
C VAL A 102 -12.33 54.79 -31.15
N ALA A 103 -11.24 54.73 -30.39
CA ALA A 103 -10.84 55.87 -29.57
C ALA A 103 -10.51 57.08 -30.44
N ARG A 104 -9.82 56.84 -31.57
CA ARG A 104 -9.52 57.93 -32.48
C ARG A 104 -10.79 58.53 -33.07
N LEU A 105 -11.77 57.69 -33.41
CA LEU A 105 -13.04 58.18 -33.94
C LEU A 105 -13.77 59.02 -32.91
N PHE A 106 -13.78 58.56 -31.65
CA PHE A 106 -14.45 59.32 -30.60
C PHE A 106 -13.75 60.65 -30.34
N SER A 107 -12.41 60.65 -30.35
CA SER A 107 -11.67 61.89 -30.16
C SER A 107 -11.91 62.86 -31.30
N ASP A 108 -11.97 62.35 -32.54
CA ASP A 108 -12.24 63.21 -33.67
C ASP A 108 -13.66 63.76 -33.63
N ALA A 109 -14.61 62.95 -33.15
CA ALA A 109 -15.99 63.44 -33.01
C ALA A 109 -16.06 64.53 -31.94
N ARG A 110 -15.35 64.34 -30.82
CA ARG A 110 -15.31 65.38 -29.80
C ARG A 110 -14.67 66.66 -30.32
N ARG A 111 -13.59 66.53 -31.07
CA ARG A 111 -12.94 67.71 -31.67
C ARG A 111 -13.88 68.41 -32.63
N LEU A 112 -14.57 67.65 -33.49
CA LEU A 112 -15.51 68.24 -34.43
C LEU A 112 -16.63 68.97 -33.70
N LEU A 113 -17.18 68.36 -32.64
CA LEU A 113 -18.20 69.03 -31.85
C LEU A 113 -17.69 70.34 -31.27
N LEU A 114 -16.61 70.27 -30.49
CA LEU A 114 -16.11 71.47 -29.81
C LEU A 114 -15.72 72.55 -30.81
N TYR A 115 -15.28 72.16 -32.01
CA TYR A 115 -14.99 73.14 -33.04
C TYR A 115 -16.28 73.76 -33.58
N SER A 116 -17.31 72.94 -33.78
CA SER A 116 -18.57 73.44 -34.33
C SER A 116 -19.23 74.43 -33.37
N GLN A 117 -19.17 74.15 -32.06
CA GLN A 117 -19.78 75.07 -31.11
C GLN A 117 -19.02 76.38 -31.02
N LYS A 118 -17.71 76.35 -31.27
CA LYS A 118 -16.89 77.56 -31.29
C LYS A 118 -16.69 78.10 -32.71
N ASP A 119 -17.44 77.59 -33.68
CA ASP A 119 -17.31 77.99 -35.07
C ASP A 119 -18.27 79.13 -35.40
N THR A 120 -17.82 79.99 -36.31
CA THR A 120 -18.62 81.10 -36.81
C THR A 120 -18.84 81.05 -38.31
N SER A 121 -18.38 79.99 -38.99
CA SER A 121 -18.50 79.92 -40.45
C SER A 121 -19.96 79.90 -40.89
N MET A 122 -20.84 79.26 -40.12
CA MET A 122 -22.25 79.20 -40.48
C MET A 122 -22.88 80.60 -40.43
N LYS A 123 -22.73 81.28 -39.30
CA LYS A 123 -23.28 82.62 -39.16
C LYS A 123 -22.62 83.61 -40.12
N ASP A 124 -21.31 83.47 -40.33
CA ASP A 124 -20.62 84.37 -41.26
C ASP A 124 -21.12 84.17 -42.69
N MET A 125 -21.30 82.91 -43.10
CA MET A 125 -21.82 82.63 -44.43
C MET A 125 -23.26 83.13 -44.58
N ARG A 126 -24.07 82.97 -43.53
CA ARG A 126 -25.44 83.47 -43.58
C ARG A 126 -25.47 84.99 -43.72
N LYS A 127 -24.62 85.68 -42.95
CA LYS A 127 -24.56 87.14 -43.04
C LYS A 127 -24.06 87.59 -44.39
N VAL A 128 -23.08 86.88 -44.95
CA VAL A 128 -22.53 87.23 -46.26
C VAL A 128 -23.59 87.04 -47.33
N LEU A 129 -24.36 85.94 -47.26
CA LEU A 129 -25.42 85.71 -48.23
C LEU A 129 -26.52 86.76 -48.10
N ARG A 130 -26.86 87.14 -46.87
CA ARG A 130 -27.88 88.17 -46.67
C ARG A 130 -27.41 89.51 -47.20
N THR A 131 -26.13 89.83 -47.04
CA THR A 131 -25.60 91.09 -47.55
C THR A 131 -25.53 91.09 -49.07
N LEU A 132 -25.15 89.96 -49.66
CA LEU A 132 -25.08 89.87 -51.12
C LEU A 132 -26.47 89.90 -51.75
N GLN A 133 -27.47 89.33 -51.07
CA GLN A 133 -28.83 89.35 -51.60
C GLN A 133 -29.46 90.73 -51.46
N GLN A 134 -29.09 91.47 -50.42
CA GLN A 134 -29.63 92.81 -50.21
C GLN A 134 -28.98 93.83 -51.14
N PRO A 250 -17.02 94.82 -56.05
CA PRO A 250 -18.11 95.81 -56.10
C PRO A 250 -18.22 96.63 -54.82
N SER A 251 -18.74 96.02 -53.77
CA SER A 251 -18.90 96.70 -52.49
C SER A 251 -17.57 96.75 -51.74
N LYS A 252 -17.59 97.37 -50.57
CA LYS A 252 -16.39 97.49 -49.74
C LYS A 252 -16.28 96.35 -48.73
N GLU A 253 -17.32 96.18 -47.91
CA GLU A 253 -17.34 95.10 -46.92
C GLU A 253 -17.48 93.73 -47.56
N LEU A 254 -17.87 93.65 -48.84
CA LEU A 254 -18.02 92.36 -49.50
C LEU A 254 -16.68 91.62 -49.58
N ALA A 255 -15.60 92.36 -49.86
CA ALA A 255 -14.29 91.73 -49.95
C ALA A 255 -13.84 91.17 -48.60
N GLU A 256 -14.03 91.94 -47.53
CA GLU A 256 -13.66 91.47 -46.21
C GLU A 256 -14.51 90.27 -45.80
N ALA A 257 -15.80 90.30 -46.09
CA ALA A 257 -16.66 89.16 -45.78
C ALA A 257 -16.23 87.93 -46.56
N THR A 258 -15.86 88.10 -47.84
CA THR A 258 -15.43 86.97 -48.64
C THR A 258 -14.11 86.40 -48.13
N LYS A 259 -13.19 87.27 -47.69
CA LYS A 259 -11.93 86.79 -47.14
C LYS A 259 -12.15 86.02 -45.84
N THR A 260 -13.00 86.55 -44.96
CA THR A 260 -13.29 85.85 -43.71
C THR A 260 -13.97 84.51 -43.98
N LEU A 261 -14.90 84.47 -44.94
CA LEU A 261 -15.55 83.21 -45.28
C LEU A 261 -14.56 82.21 -45.86
N LEU A 262 -13.63 82.70 -46.69
CA LEU A 262 -12.62 81.81 -47.26
C LEU A 262 -11.75 81.21 -46.17
N HIS A 263 -11.31 82.04 -45.22
CA HIS A 263 -10.49 81.53 -44.12
C HIS A 263 -11.26 80.54 -43.27
N SER A 264 -12.53 80.85 -42.97
CA SER A 264 -13.34 79.95 -42.16
C SER A 264 -13.56 78.62 -42.88
N LEU A 265 -13.87 78.65 -44.17
CA LEU A 265 -14.08 77.41 -44.91
C LEU A 265 -12.79 76.61 -45.07
N GLY A 266 -11.65 77.29 -45.19
CA GLY A 266 -10.38 76.58 -45.18
C GLY A 266 -10.14 75.87 -43.87
N THR A 267 -10.43 76.53 -42.75
CA THR A 267 -10.26 75.88 -41.45
C THR A 267 -11.21 74.70 -41.29
N LEU A 268 -12.47 74.86 -41.72
CA LEU A 268 -13.41 73.74 -41.67
C LEU A 268 -12.94 72.58 -42.55
N ALA A 269 -12.41 72.88 -43.73
CA ALA A 269 -11.92 71.82 -44.61
C ALA A 269 -10.75 71.09 -43.96
N GLN A 270 -9.82 71.83 -43.37
CA GLN A 270 -8.69 71.20 -42.67
C GLN A 270 -9.18 70.31 -41.54
N GLU A 271 -10.14 70.80 -40.75
CA GLU A 271 -10.67 70.03 -39.64
C GLU A 271 -11.38 68.77 -40.11
N LEU A 272 -12.17 68.89 -41.18
CA LEU A 272 -12.92 67.75 -41.68
C LEU A 272 -12.00 66.73 -42.36
N PHE A 273 -10.85 67.17 -42.87
CA PHE A 273 -9.94 66.24 -43.53
C PHE A 273 -8.98 65.59 -42.53
N SER A 274 -8.72 66.26 -41.41
CA SER A 274 -7.73 65.76 -40.46
C SER A 274 -8.26 64.63 -39.57
N MET A 275 -9.52 64.23 -39.72
CA MET A 275 -10.07 63.20 -38.84
C MET A 275 -9.48 61.82 -39.16
N ARG A 276 -9.54 61.41 -40.43
CA ARG A 276 -8.86 60.22 -40.92
C ARG A 276 -9.38 58.93 -40.31
N SER A 277 -10.42 59.01 -39.50
CA SER A 277 -10.97 57.83 -38.82
C SER A 277 -12.05 57.12 -39.62
N TRP A 278 -12.94 57.88 -40.27
CA TRP A 278 -14.03 57.29 -41.02
C TRP A 278 -13.51 56.45 -42.18
N SER A 279 -12.38 56.87 -42.76
CA SER A 279 -11.76 56.11 -43.84
C SER A 279 -11.41 54.70 -43.38
N ASP A 280 -10.66 54.59 -42.29
CA ASP A 280 -10.27 53.28 -41.77
C ASP A 280 -11.49 52.49 -41.31
N MET A 281 -12.46 53.16 -40.69
CA MET A 281 -13.65 52.46 -40.22
C MET A 281 -14.41 51.85 -41.39
N ARG A 282 -14.63 52.63 -42.45
CA ARG A 282 -15.36 52.12 -43.61
C ARG A 282 -14.57 51.02 -44.32
N GLN A 283 -13.26 51.20 -44.45
CA GLN A 283 -12.45 50.17 -45.10
C GLN A 283 -12.51 48.86 -44.32
N GLU A 284 -12.48 48.94 -42.99
CA GLU A 284 -12.49 47.73 -42.18
C GLU A 284 -13.87 47.07 -42.18
N VAL A 285 -14.94 47.85 -42.20
CA VAL A 285 -16.27 47.24 -42.20
C VAL A 285 -16.60 46.69 -43.58
N MET A 286 -15.99 47.25 -44.63
CA MET A 286 -16.21 46.71 -45.97
C MET A 286 -15.37 45.46 -46.21
N PHE A 287 -14.15 45.43 -45.67
CA PHE A 287 -13.32 44.24 -45.78
C PHE A 287 -13.93 43.06 -45.03
N LEU A 288 -14.64 43.33 -43.94
CA LEU A 288 -15.30 42.28 -43.18
C LEU A 288 -16.52 41.70 -43.89
N THR A 289 -17.17 42.47 -44.74
CA THR A 289 -18.34 41.99 -45.47
C THR A 289 -18.08 41.94 -46.97
N SER A 296 -8.29 33.01 -44.17
CA SER A 296 -9.58 33.69 -44.05
C SER A 296 -10.07 33.72 -42.61
N SER A 297 -9.78 32.65 -41.87
CA SER A 297 -10.20 32.58 -40.47
C SER A 297 -9.41 33.56 -39.61
N THR A 298 -8.10 33.65 -39.84
CA THR A 298 -7.27 34.58 -39.08
C THR A 298 -7.42 36.02 -39.53
N GLN A 299 -7.84 36.25 -40.78
CA GLN A 299 -7.99 37.61 -41.27
C GLN A 299 -9.12 38.34 -40.56
N ILE A 300 -10.23 37.65 -40.30
CA ILE A 300 -11.34 38.28 -39.57
C ILE A 300 -10.90 38.65 -38.16
N TYR A 301 -10.18 37.73 -37.49
CA TYR A 301 -9.68 38.02 -36.15
C TYR A 301 -8.72 39.21 -36.17
N GLN A 302 -7.83 39.27 -37.16
CA GLN A 302 -6.91 40.40 -37.27
C GLN A 302 -7.68 41.70 -37.47
N ALA A 303 -8.73 41.67 -38.29
CA ALA A 303 -9.52 42.87 -38.55
C ALA A 303 -10.22 43.34 -37.28
N VAL A 304 -10.86 42.42 -36.55
CA VAL A 304 -11.56 42.81 -35.33
C VAL A 304 -10.59 43.32 -34.28
N SER A 305 -9.41 42.69 -34.18
CA SER A 305 -8.43 43.14 -33.21
C SER A 305 -7.90 44.52 -33.56
N ARG A 306 -7.67 44.79 -34.85
CA ARG A 306 -7.26 46.12 -35.27
C ARG A 306 -8.36 47.15 -35.03
N ILE A 307 -9.62 46.72 -35.11
CA ILE A 307 -10.73 47.66 -34.95
C ILE A 307 -10.91 48.03 -33.48
N VAL A 308 -10.96 47.04 -32.59
CA VAL A 308 -11.40 47.29 -31.23
C VAL A 308 -10.27 47.79 -30.32
N CYS A 309 -9.04 47.33 -30.52
CA CYS A 309 -7.94 47.72 -29.64
C CYS A 309 -6.64 47.68 -30.45
N GLY A 310 -5.50 47.68 -29.76
CA GLY A 310 -4.21 47.70 -30.41
C GLY A 310 -3.78 46.38 -30.99
N HIS A 311 -2.49 46.09 -30.94
CA HIS A 311 -1.92 44.88 -31.50
C HIS A 311 -1.10 44.15 -30.43
N PRO A 312 -1.13 42.82 -30.42
CA PRO A 312 -0.37 42.02 -29.45
C PRO A 312 1.12 41.98 -29.76
N PHE A 346 -36.06 27.14 -28.03
CA PHE A 346 -36.99 27.63 -27.01
C PHE A 346 -36.79 29.12 -26.77
N TYR A 347 -35.57 29.59 -27.00
CA TYR A 347 -35.26 31.00 -26.79
C TYR A 347 -35.94 31.90 -27.82
N ASP A 348 -36.41 31.34 -28.93
CA ASP A 348 -37.03 32.16 -29.97
C ASP A 348 -38.40 32.68 -29.53
N ASN A 349 -39.01 32.06 -28.52
CA ASN A 349 -40.32 32.49 -28.07
C ASN A 349 -40.24 33.72 -27.18
N SER A 350 -39.09 33.95 -26.53
CA SER A 350 -38.94 35.07 -25.61
C SER A 350 -38.80 36.38 -26.37
N THR A 351 -37.76 36.49 -27.20
CA THR A 351 -37.47 37.71 -27.95
C THR A 351 -37.50 37.41 -29.44
N THR A 352 -37.14 38.42 -30.25
CA THR A 352 -37.13 38.24 -31.68
C THR A 352 -36.06 37.22 -32.08
N PRO A 353 -36.31 36.39 -33.10
CA PRO A 353 -35.33 35.37 -33.47
C PRO A 353 -34.09 35.92 -34.16
N TYR A 354 -34.04 37.21 -34.48
CA TYR A 354 -32.89 37.79 -35.16
C TYR A 354 -31.63 37.68 -34.31
N CYS A 355 -31.61 38.34 -33.15
CA CYS A 355 -30.44 38.25 -32.31
C CYS A 355 -30.32 36.90 -31.61
N ASN A 356 -31.40 36.10 -31.58
CA ASN A 356 -31.26 34.71 -31.17
C ASN A 356 -30.37 33.94 -32.15
N ASP A 357 -30.64 34.07 -33.45
CA ASP A 357 -29.78 33.47 -34.45
C ASP A 357 -28.39 34.09 -34.41
N LEU A 358 -28.31 35.37 -34.09
CA LEU A 358 -27.00 36.02 -33.96
C LEU A 358 -26.17 35.37 -32.85
N MET A 359 -26.76 35.18 -31.67
CA MET A 359 -26.01 34.56 -30.58
C MET A 359 -25.77 33.08 -30.86
N LYS A 360 -26.65 32.44 -31.63
CA LYS A 360 -26.38 31.06 -32.06
C LYS A 360 -25.14 31.01 -32.94
N ASN A 361 -25.03 31.94 -33.89
CA ASN A 361 -23.82 32.01 -34.72
C ASN A 361 -22.59 32.33 -33.89
N LEU A 362 -22.74 33.21 -32.90
CA LEU A 362 -21.62 33.51 -31.99
C LEU A 362 -21.17 32.26 -31.24
N GLU A 363 -22.11 31.43 -30.81
CA GLU A 363 -21.78 30.18 -30.13
C GLU A 363 -21.28 29.11 -31.09
N SER A 364 -21.52 29.26 -32.40
CA SER A 364 -21.09 28.28 -33.38
C SER A 364 -19.96 28.78 -34.27
N SER A 365 -19.50 30.02 -34.10
CA SER A 365 -18.40 30.53 -34.91
C SER A 365 -17.09 29.94 -34.45
N PRO A 366 -16.23 29.46 -35.35
CA PRO A 366 -14.99 28.80 -34.91
C PRO A 366 -13.92 29.75 -34.42
N LEU A 367 -14.15 30.38 -33.27
CA LEU A 367 -13.14 31.22 -32.64
C LEU A 367 -13.09 30.95 -31.14
N SER A 368 -12.31 31.74 -30.41
CA SER A 368 -12.23 31.60 -28.95
C SER A 368 -13.55 32.04 -28.35
N ARG A 369 -14.38 31.06 -27.98
CA ARG A 369 -15.72 31.36 -27.46
C ARG A 369 -15.67 31.72 -25.98
N ILE A 370 -14.84 32.69 -25.64
CA ILE A 370 -14.75 33.19 -24.27
C ILE A 370 -15.39 34.57 -24.13
N ILE A 371 -15.30 35.39 -25.18
CA ILE A 371 -15.92 36.70 -25.14
C ILE A 371 -17.43 36.60 -25.04
N TRP A 372 -18.01 35.52 -25.57
CA TRP A 372 -19.45 35.32 -25.44
C TRP A 372 -19.81 34.97 -24.00
N LYS A 373 -18.97 34.18 -23.33
CA LYS A 373 -19.22 33.84 -21.93
C LYS A 373 -19.17 35.08 -21.05
N ALA A 374 -18.39 36.09 -21.46
CA ALA A 374 -18.31 37.32 -20.69
C ALA A 374 -19.39 38.32 -21.07
N LEU A 375 -19.87 38.27 -22.32
CA LEU A 375 -20.89 39.20 -22.79
C LEU A 375 -22.30 38.73 -22.51
N LYS A 376 -22.50 37.43 -22.24
CA LYS A 376 -23.83 36.92 -21.93
C LYS A 376 -24.42 37.50 -20.66
N PRO A 377 -23.72 37.53 -19.51
CA PRO A 377 -24.33 38.12 -18.31
C PRO A 377 -24.30 39.64 -18.28
N LEU A 378 -23.84 40.29 -19.35
CA LEU A 378 -23.76 41.75 -19.39
C LEU A 378 -24.92 42.38 -20.15
N LEU A 379 -25.29 41.83 -21.31
CA LEU A 379 -26.38 42.36 -22.10
C LEU A 379 -27.63 41.48 -22.03
N VAL A 380 -27.61 40.41 -21.23
CA VAL A 380 -28.80 39.60 -21.01
C VAL A 380 -29.18 39.48 -19.54
N GLY A 381 -28.25 39.67 -18.61
CA GLY A 381 -28.49 39.46 -17.20
C GLY A 381 -29.58 40.31 -16.56
N LYS A 382 -29.82 40.10 -15.27
CA LYS A 382 -30.90 40.77 -14.56
C LYS A 382 -30.64 40.64 -13.07
N ILE A 383 -30.65 41.77 -12.36
CA ILE A 383 -30.29 41.79 -10.95
C ILE A 383 -31.49 42.19 -10.10
N LEU A 384 -31.41 41.84 -8.82
CA LEU A 384 -32.48 42.02 -7.84
C LEU A 384 -31.85 42.07 -6.46
N TYR A 385 -32.49 42.81 -5.55
CA TYR A 385 -31.86 43.15 -4.28
C TYR A 385 -32.87 43.02 -3.14
N THR A 386 -32.46 43.50 -1.96
CA THR A 386 -33.15 43.42 -0.67
C THR A 386 -34.29 44.43 -0.60
N PRO A 387 -35.08 44.50 0.50
CA PRO A 387 -36.32 45.29 0.47
C PRO A 387 -36.09 46.75 0.07
N ASP A 388 -37.18 47.39 -0.33
CA ASP A 388 -37.13 48.69 -0.99
C ASP A 388 -36.94 49.84 -0.01
N THR A 389 -35.84 49.81 0.73
CA THR A 389 -35.46 50.98 1.52
C THR A 389 -35.14 52.14 0.58
N PRO A 390 -35.65 53.35 0.87
CA PRO A 390 -35.38 54.49 -0.02
C PRO A 390 -33.90 54.72 -0.29
N ALA A 391 -33.02 54.43 0.67
CA ALA A 391 -31.59 54.54 0.43
C ALA A 391 -31.12 53.47 -0.53
N THR A 392 -31.61 52.25 -0.37
CA THR A 392 -31.33 51.20 -1.36
C THR A 392 -31.88 51.58 -2.73
N ARG A 393 -33.05 52.23 -2.77
CA ARG A 393 -33.56 52.72 -4.04
C ARG A 393 -32.64 53.75 -4.65
N GLN A 394 -32.06 54.63 -3.83
CA GLN A 394 -31.14 55.64 -4.34
C GLN A 394 -29.87 55.00 -4.90
N VAL A 395 -29.29 54.05 -4.17
CA VAL A 395 -28.06 53.42 -4.64
C VAL A 395 -28.33 52.58 -5.89
N MET A 396 -29.50 51.96 -5.98
CA MET A 396 -29.83 51.22 -7.19
C MET A 396 -30.13 52.15 -8.35
N ALA A 397 -30.66 53.35 -8.09
CA ALA A 397 -30.83 54.33 -9.15
C ALA A 397 -29.49 54.83 -9.65
N GLU A 398 -28.52 54.97 -8.75
CA GLU A 398 -27.17 55.34 -9.18
C GLU A 398 -26.53 54.23 -10.01
N VAL A 399 -26.72 52.97 -9.61
CA VAL A 399 -26.23 51.85 -10.41
C VAL A 399 -26.93 51.84 -11.77
N ASN A 400 -28.22 52.18 -11.80
CA ASN A 400 -28.97 52.22 -13.04
C ASN A 400 -28.46 53.34 -13.96
N LYS A 401 -28.08 54.48 -13.38
CA LYS A 401 -27.47 55.54 -14.15
C LYS A 401 -26.14 55.08 -14.75
N THR A 402 -25.31 54.42 -13.92
CA THR A 402 -24.05 53.87 -14.41
C THR A 402 -24.28 52.88 -15.55
N PHE A 403 -25.35 52.09 -15.47
CA PHE A 403 -25.65 51.13 -16.53
C PHE A 403 -26.12 51.83 -17.80
N GLN A 404 -27.09 52.74 -17.68
CA GLN A 404 -27.64 53.45 -18.83
C GLN A 404 -26.67 54.48 -19.40
N GLU A 405 -25.52 54.69 -18.77
CA GLU A 405 -24.49 55.54 -19.35
C GLU A 405 -24.17 55.15 -20.79
N LEU A 406 -24.26 53.85 -21.11
CA LEU A 406 -23.96 53.34 -22.43
C LEU A 406 -25.19 53.19 -23.32
N ALA A 407 -26.31 53.79 -22.94
CA ALA A 407 -27.55 53.68 -23.69
C ALA A 407 -27.71 54.77 -24.76
N VAL A 408 -26.60 55.33 -25.26
CA VAL A 408 -26.69 56.38 -26.27
C VAL A 408 -27.18 55.82 -27.60
N PHE A 409 -26.95 54.53 -27.85
CA PHE A 409 -27.35 53.93 -29.11
C PHE A 409 -28.84 53.56 -29.14
N HIS A 410 -29.54 53.70 -28.02
CA HIS A 410 -30.95 53.34 -27.99
C HIS A 410 -31.80 54.37 -28.72
N ASP A 411 -31.55 55.66 -28.46
CA ASP A 411 -32.33 56.74 -29.04
C ASP A 411 -31.63 57.42 -30.21
N LEU A 412 -30.64 56.75 -30.80
CA LEU A 412 -29.96 57.31 -31.97
C LEU A 412 -30.80 57.10 -33.24
N GLU A 413 -31.58 56.01 -33.28
CA GLU A 413 -32.40 55.73 -34.45
C GLU A 413 -33.46 56.81 -34.64
N GLY A 414 -34.08 57.26 -33.55
CA GLY A 414 -35.05 58.33 -33.65
C GLY A 414 -34.42 59.64 -34.10
N MET A 415 -33.23 59.94 -33.57
CA MET A 415 -32.51 61.14 -33.99
C MET A 415 -32.22 61.11 -35.49
N TRP A 416 -31.78 59.95 -35.99
CA TRP A 416 -31.51 59.84 -37.42
C TRP A 416 -32.80 59.96 -38.24
N GLU A 417 -33.87 59.29 -37.81
CA GLU A 417 -35.14 59.38 -38.51
C GLU A 417 -35.71 60.79 -38.52
N GLU A 418 -35.38 61.60 -37.51
CA GLU A 418 -35.84 62.99 -37.46
C GLU A 418 -34.92 63.96 -38.19
N LEU A 419 -33.63 63.67 -38.30
CA LEU A 419 -32.68 64.61 -38.88
C LEU A 419 -32.32 64.29 -40.33
N SER A 420 -32.63 63.09 -40.83
CA SER A 420 -32.25 62.73 -42.20
C SER A 420 -32.90 63.61 -43.27
N PRO A 421 -34.20 63.90 -43.25
CA PRO A 421 -34.74 64.76 -44.32
C PRO A 421 -34.18 66.17 -44.30
N LYS A 422 -33.91 66.71 -43.10
CA LYS A 422 -33.37 68.07 -43.01
C LYS A 422 -31.99 68.15 -43.63
N ILE A 423 -31.09 67.24 -43.25
CA ILE A 423 -29.75 67.26 -43.83
C ILE A 423 -29.79 66.90 -45.31
N TRP A 424 -30.76 66.06 -45.71
CA TRP A 424 -30.90 65.72 -47.12
C TRP A 424 -31.23 66.95 -47.95
N THR A 425 -32.27 67.69 -47.55
CA THR A 425 -32.63 68.90 -48.30
C THR A 425 -31.57 69.98 -48.16
N PHE A 426 -30.81 69.97 -47.05
CA PHE A 426 -29.72 70.91 -46.89
C PHE A 426 -28.61 70.65 -47.90
N MET A 427 -28.26 69.38 -48.10
CA MET A 427 -27.23 69.02 -49.06
C MET A 427 -27.75 68.99 -50.50
N GLU A 428 -29.08 69.02 -50.69
CA GLU A 428 -29.66 68.96 -52.03
C GLU A 428 -30.01 70.33 -52.60
N ASN A 429 -30.83 71.11 -51.88
CA ASN A 429 -31.38 72.34 -52.48
C ASN A 429 -31.23 73.54 -51.56
N SER A 430 -30.04 73.76 -51.01
CA SER A 430 -29.78 74.93 -50.18
C SER A 430 -28.88 75.91 -50.93
N GLN A 431 -29.16 77.21 -50.77
CA GLN A 431 -28.34 78.23 -51.42
C GLN A 431 -26.93 78.28 -50.84
N GLU A 432 -26.77 77.92 -49.58
CA GLU A 432 -25.45 77.94 -48.95
C GLU A 432 -24.52 76.93 -49.62
N MET A 433 -25.01 75.71 -49.84
CA MET A 433 -24.21 74.69 -50.52
C MET A 433 -23.90 75.08 -51.96
N ASP A 434 -24.86 75.69 -52.66
CA ASP A 434 -24.59 76.14 -54.03
C ASP A 434 -23.52 77.23 -54.06
N LEU A 435 -23.59 78.18 -53.12
CA LEU A 435 -22.57 79.22 -53.05
C LEU A 435 -21.21 78.64 -52.69
N VAL A 436 -21.18 77.64 -51.80
CA VAL A 436 -19.91 77.00 -51.44
C VAL A 436 -19.32 76.29 -52.65
N ARG A 437 -20.16 75.56 -53.40
CA ARG A 437 -19.68 74.87 -54.59
C ARG A 437 -19.21 75.85 -55.65
N MET A 438 -19.86 77.01 -55.75
CA MET A 438 -19.44 78.03 -56.71
C MET A 438 -18.09 78.62 -56.32
N LEU A 439 -17.93 78.96 -55.04
CA LEU A 439 -16.67 79.52 -54.55
C LEU A 439 -15.55 78.50 -54.54
N LEU A 440 -15.86 77.21 -54.54
CA LEU A 440 -14.82 76.19 -54.55
C LEU A 440 -14.13 76.04 -55.89
N ASP A 441 -14.77 76.49 -56.97
CA ASP A 441 -14.20 76.40 -58.32
C ASP A 441 -14.10 77.81 -58.89
N SER A 442 -12.88 78.31 -59.01
CA SER A 442 -12.62 79.65 -59.54
C SER A 442 -11.19 79.69 -60.05
N ARG A 443 -10.71 80.89 -60.37
CA ARG A 443 -9.34 81.09 -60.85
C ARG A 443 -8.38 81.53 -59.76
N ASP A 444 -8.87 82.17 -58.71
CA ASP A 444 -8.03 82.59 -57.58
C ASP A 444 -8.29 81.82 -56.31
N ASN A 445 -9.49 81.26 -56.13
CA ASN A 445 -9.78 80.48 -54.94
C ASN A 445 -9.06 79.14 -54.94
N ASP A 446 -8.67 78.64 -56.11
CA ASP A 446 -7.94 77.37 -56.18
C ASP A 446 -6.61 77.47 -55.46
N HIS A 447 -5.87 78.58 -55.68
CA HIS A 447 -4.62 78.79 -54.96
C HIS A 447 -4.87 78.95 -53.46
N PHE A 448 -5.98 79.57 -53.07
CA PHE A 448 -6.30 79.71 -51.66
C PHE A 448 -6.52 78.35 -51.01
N TRP A 449 -7.27 77.47 -51.69
CA TRP A 449 -7.49 76.13 -51.16
C TRP A 449 -6.19 75.32 -51.15
N GLU A 450 -5.34 75.50 -52.15
CA GLU A 450 -4.06 74.79 -52.17
C GLU A 450 -3.16 75.24 -51.01
N GLN A 451 -3.19 76.53 -50.70
CA GLN A 451 -2.39 77.05 -49.60
C GLN A 451 -2.98 76.66 -48.24
N GLN A 452 -4.30 76.53 -48.15
CA GLN A 452 -4.94 76.15 -46.90
C GLN A 452 -4.93 74.64 -46.67
N LEU A 453 -4.71 73.84 -47.70
CA LEU A 453 -4.67 72.39 -47.53
C LEU A 453 -3.34 71.92 -46.96
N ASP A 454 -2.29 72.74 -47.08
CA ASP A 454 -0.95 72.42 -46.57
C ASP A 454 -0.42 71.11 -47.15
N GLY A 455 -0.76 70.83 -48.40
CA GLY A 455 -0.28 69.63 -49.05
C GLY A 455 -0.93 68.34 -48.63
N LEU A 456 -2.02 68.41 -47.85
CA LEU A 456 -2.71 67.21 -47.42
C LEU A 456 -3.50 66.59 -48.57
N ASP A 457 -4.05 65.41 -48.31
CA ASP A 457 -4.82 64.71 -49.31
C ASP A 457 -6.20 65.35 -49.46
N TRP A 458 -7.02 64.78 -50.35
CA TRP A 458 -8.38 65.25 -50.62
C TRP A 458 -8.36 66.71 -51.07
N THR A 459 -7.72 66.92 -52.22
CA THR A 459 -7.56 68.26 -52.78
C THR A 459 -8.93 68.86 -53.16
N ALA A 460 -8.87 70.11 -53.63
CA ALA A 460 -10.10 70.83 -53.96
C ALA A 460 -10.90 70.11 -55.05
N GLN A 461 -10.22 69.44 -55.97
CA GLN A 461 -10.92 68.71 -57.02
C GLN A 461 -11.72 67.55 -56.43
N ASP A 462 -11.12 66.80 -55.49
CA ASP A 462 -11.84 65.71 -54.85
C ASP A 462 -13.01 66.23 -54.02
N ILE A 463 -12.83 67.37 -53.35
CA ILE A 463 -13.90 67.95 -52.56
C ILE A 463 -15.06 68.38 -53.45
N VAL A 464 -14.74 68.97 -54.61
CA VAL A 464 -15.79 69.39 -55.53
C VAL A 464 -16.49 68.19 -56.15
N ALA A 465 -15.76 67.10 -56.39
CA ALA A 465 -16.38 65.90 -56.94
C ALA A 465 -17.28 65.22 -55.91
N PHE A 466 -16.88 65.27 -54.64
CA PHE A 466 -17.65 64.60 -53.60
C PHE A 466 -18.88 65.40 -53.21
N LEU A 467 -18.71 66.69 -52.92
CA LEU A 467 -19.81 67.50 -52.43
C LEU A 467 -20.75 67.92 -53.56
N ALA A 468 -20.22 68.56 -54.60
CA ALA A 468 -21.03 69.06 -55.70
C ALA A 468 -21.37 67.90 -56.63
N LYS A 469 -22.52 67.27 -56.38
CA LYS A 469 -22.98 66.16 -57.21
C LYS A 469 -24.49 66.13 -57.15
N HIS A 470 -25.15 66.69 -58.16
CA HIS A 470 -26.61 66.70 -58.22
C HIS A 470 -27.17 65.35 -58.68
N PRO A 471 -26.64 64.75 -59.77
CA PRO A 471 -27.20 63.43 -60.11
C PRO A 471 -26.68 62.34 -59.18
N VAL A 481 -15.85 59.01 -58.29
CA VAL A 481 -17.21 58.47 -58.29
C VAL A 481 -17.62 58.14 -56.86
N TYR A 482 -17.69 59.16 -56.02
CA TYR A 482 -18.07 58.98 -54.62
C TYR A 482 -18.63 60.30 -54.11
N THR A 483 -19.95 60.38 -54.01
CA THR A 483 -20.62 61.58 -53.54
C THR A 483 -21.13 61.36 -52.11
N TRP A 484 -21.84 62.35 -51.57
CA TRP A 484 -22.36 62.24 -50.21
C TRP A 484 -23.58 61.31 -50.12
N ARG A 485 -24.15 60.93 -51.26
CA ARG A 485 -25.30 60.03 -51.23
C ARG A 485 -24.90 58.62 -50.78
N GLU A 486 -23.77 58.13 -51.28
CA GLU A 486 -23.29 56.82 -50.86
C GLU A 486 -22.94 56.82 -49.38
N ALA A 487 -22.31 57.90 -48.89
CA ALA A 487 -21.98 57.99 -47.47
C ALA A 487 -23.26 58.08 -46.63
N PHE A 488 -24.27 58.78 -47.13
CA PHE A 488 -25.55 58.87 -46.42
C PHE A 488 -26.20 57.50 -46.31
N ASN A 489 -26.22 56.75 -47.41
CA ASN A 489 -26.78 55.40 -47.39
C ASN A 489 -26.00 54.47 -46.48
N GLU A 490 -24.66 54.59 -46.47
CA GLU A 490 -23.84 53.75 -45.62
C GLU A 490 -24.09 54.07 -44.15
N THR A 491 -24.19 55.35 -43.81
CA THR A 491 -24.49 55.73 -42.43
C THR A 491 -25.87 55.25 -42.01
N ASN A 492 -26.85 55.35 -42.92
CA ASN A 492 -28.19 54.85 -42.63
C ASN A 492 -28.17 53.36 -42.36
N GLN A 493 -27.45 52.59 -43.19
CA GLN A 493 -27.37 51.15 -43.00
C GLN A 493 -26.67 50.80 -41.69
N ALA A 494 -25.60 51.55 -41.35
CA ALA A 494 -24.88 51.29 -40.11
C ALA A 494 -25.77 51.59 -38.91
N ILE A 495 -26.56 52.66 -38.98
CA ILE A 495 -27.48 52.99 -37.89
C ILE A 495 -28.55 51.93 -37.76
N ARG A 496 -29.07 51.44 -38.88
CA ARG A 496 -30.04 50.35 -38.84
C ARG A 496 -29.45 49.12 -38.17
N THR A 497 -28.21 48.77 -38.53
CA THR A 497 -27.59 47.57 -37.97
C THR A 497 -27.36 47.73 -36.47
N ILE A 498 -26.81 48.87 -36.05
CA ILE A 498 -26.54 49.05 -34.62
C ILE A 498 -27.83 49.13 -33.81
N SER A 499 -28.91 49.69 -34.38
CA SER A 499 -30.19 49.69 -33.68
C SER A 499 -30.77 48.29 -33.57
N ARG A 500 -30.72 47.51 -34.65
CA ARG A 500 -31.21 46.13 -34.58
C ARG A 500 -30.37 45.30 -33.60
N PHE A 501 -29.09 45.65 -33.44
CA PHE A 501 -28.26 44.95 -32.47
C PHE A 501 -28.62 45.34 -31.04
N MET A 502 -28.75 46.64 -30.77
CA MET A 502 -29.05 47.12 -29.43
C MET A 502 -30.52 46.94 -29.04
N GLU A 503 -31.37 46.50 -29.97
CA GLU A 503 -32.79 46.34 -29.65
C GLU A 503 -33.05 45.32 -28.55
N CYS A 504 -32.46 44.13 -28.64
CA CYS A 504 -32.70 43.07 -27.67
C CYS A 504 -31.65 43.06 -26.56
N VAL A 505 -31.09 44.23 -26.26
CA VAL A 505 -30.12 44.40 -25.19
C VAL A 505 -30.88 44.96 -23.99
N ASN A 506 -31.12 44.12 -23.00
CA ASN A 506 -31.90 44.49 -21.82
C ASN A 506 -31.06 45.38 -20.91
N LEU A 507 -31.25 46.69 -21.04
CA LEU A 507 -30.58 47.67 -20.20
C LEU A 507 -31.45 48.12 -19.02
N ASN A 508 -32.51 47.37 -18.72
CA ASN A 508 -33.39 47.64 -17.59
C ASN A 508 -33.32 46.51 -16.57
N LYS A 509 -32.11 46.05 -16.28
CA LYS A 509 -31.90 44.86 -15.45
C LYS A 509 -31.86 45.25 -13.97
N LEU A 510 -33.02 45.70 -13.47
CA LEU A 510 -33.19 46.02 -12.07
C LEU A 510 -34.59 45.63 -11.63
N GLU A 511 -34.69 44.73 -10.65
CA GLU A 511 -35.99 44.28 -10.13
C GLU A 511 -35.93 44.28 -8.61
N PRO A 512 -36.65 45.19 -7.95
CA PRO A 512 -36.67 45.20 -6.48
C PRO A 512 -37.42 44.00 -5.93
N ILE A 513 -36.85 43.41 -4.87
CA ILE A 513 -37.42 42.24 -4.22
C ILE A 513 -37.53 42.51 -2.73
N ALA A 514 -38.60 41.99 -2.11
CA ALA A 514 -38.93 42.33 -0.73
C ALA A 514 -38.07 41.55 0.27
N THR A 515 -38.15 40.22 0.24
CA THR A 515 -37.50 39.40 1.25
C THR A 515 -36.33 38.63 0.64
N GLU A 516 -35.59 37.92 1.51
CA GLU A 516 -34.44 37.17 1.05
C GLU A 516 -34.83 35.78 0.52
N VAL A 517 -35.86 35.18 1.11
CA VAL A 517 -36.33 33.89 0.60
C VAL A 517 -36.99 34.06 -0.76
N TRP A 518 -37.78 35.14 -0.93
CA TRP A 518 -38.30 35.44 -2.26
C TRP A 518 -37.19 35.86 -3.21
N LEU A 519 -36.14 36.49 -2.68
CA LEU A 519 -34.95 36.76 -3.48
C LEU A 519 -34.36 35.49 -4.05
N ILE A 520 -34.16 34.48 -3.19
CA ILE A 520 -33.58 33.22 -3.64
C ILE A 520 -34.52 32.52 -4.62
N ASN A 521 -35.82 32.54 -4.35
CA ASN A 521 -36.77 31.90 -5.25
C ASN A 521 -36.76 32.56 -6.63
N LYS A 522 -36.76 33.89 -6.67
CA LYS A 522 -36.76 34.59 -7.95
C LYS A 522 -35.44 34.41 -8.68
N SER A 523 -34.33 34.35 -7.95
CA SER A 523 -33.05 34.09 -8.60
C SER A 523 -33.02 32.70 -9.21
N MET A 524 -33.57 31.71 -8.50
CA MET A 524 -33.65 30.36 -9.06
C MET A 524 -34.54 30.32 -10.30
N GLU A 525 -35.68 31.00 -10.24
CA GLU A 525 -36.58 31.04 -11.39
C GLU A 525 -35.90 31.70 -12.60
N LEU A 526 -35.19 32.80 -12.36
CA LEU A 526 -34.46 33.45 -13.45
C LEU A 526 -33.34 32.56 -13.97
N LEU A 527 -32.74 31.76 -13.11
CA LEU A 527 -31.72 30.80 -13.54
C LEU A 527 -32.34 29.74 -14.46
N ASP A 528 -33.54 29.27 -14.11
CA ASP A 528 -34.26 28.38 -15.03
C ASP A 528 -34.59 29.10 -16.33
N GLU A 529 -34.86 30.40 -16.27
CA GLU A 529 -35.10 31.19 -17.47
C GLU A 529 -33.83 31.51 -18.24
N ARG A 530 -32.66 31.15 -17.71
CA ARG A 530 -31.37 31.35 -18.36
C ARG A 530 -31.07 32.83 -18.62
N LYS A 531 -31.61 33.71 -17.78
CA LYS A 531 -31.31 35.14 -17.84
C LYS A 531 -31.26 35.65 -16.40
N PHE A 532 -30.06 35.66 -15.83
CA PHE A 532 -29.90 36.05 -14.43
C PHE A 532 -28.44 36.39 -14.17
N TRP A 533 -28.17 37.65 -13.83
CA TRP A 533 -26.84 38.06 -13.40
C TRP A 533 -26.77 37.97 -11.87
N ALA A 534 -25.72 38.53 -11.28
CA ALA A 534 -25.55 38.45 -9.82
C ALA A 534 -26.65 39.22 -9.11
N GLY A 535 -26.72 39.02 -7.79
CA GLY A 535 -27.70 39.71 -6.97
C GLY A 535 -27.10 40.29 -5.71
N ILE A 536 -27.46 41.53 -5.39
CA ILE A 536 -26.91 42.23 -4.24
C ILE A 536 -27.83 41.99 -3.04
N VAL A 537 -27.23 41.80 -1.87
CA VAL A 537 -27.98 41.60 -0.63
C VAL A 537 -27.41 42.55 0.42
N PHE A 538 -28.24 43.50 0.85
CA PHE A 538 -27.84 44.50 1.84
C PHE A 538 -28.12 43.97 3.25
N THR A 539 -27.88 44.81 4.25
CA THR A 539 -28.13 44.47 5.64
C THR A 539 -28.82 45.61 6.39
N GLY A 540 -29.85 46.20 5.78
CA GLY A 540 -30.54 47.29 6.44
C GLY A 540 -31.24 46.84 7.71
N ILE A 541 -31.30 47.74 8.69
CA ILE A 541 -31.90 47.39 9.98
C ILE A 541 -33.42 47.52 9.93
N THR A 542 -33.94 48.46 9.13
CA THR A 542 -35.37 48.70 9.04
C THR A 542 -35.64 49.51 7.78
N PRO A 543 -36.80 49.34 7.15
CA PRO A 543 -37.14 50.17 5.99
C PRO A 543 -37.43 51.61 6.38
N GLY A 544 -36.39 52.37 6.68
CA GLY A 544 -36.55 53.75 7.12
C GLY A 544 -35.85 54.70 6.17
N SER A 545 -36.20 55.98 6.29
CA SER A 545 -35.63 57.01 5.44
C SER A 545 -34.20 57.38 5.86
N ILE A 546 -33.70 56.74 6.91
CA ILE A 546 -32.32 56.97 7.32
C ILE A 546 -31.38 56.53 6.20
N GLU A 547 -30.39 57.36 5.90
CA GLU A 547 -29.52 57.12 4.75
C GLU A 547 -28.74 55.83 4.89
N LEU A 548 -27.80 55.78 5.83
CA LEU A 548 -26.95 54.61 5.98
C LEU A 548 -26.61 54.46 7.46
N PRO A 549 -26.28 53.24 7.91
CA PRO A 549 -25.78 53.06 9.27
C PRO A 549 -24.30 53.35 9.38
N HIS A 550 -23.74 54.00 8.37
CA HIS A 550 -22.33 54.38 8.24
C HIS A 550 -21.40 53.18 8.09
N HIS A 551 -21.94 51.96 8.01
CA HIS A 551 -21.11 50.77 7.79
C HIS A 551 -21.96 49.76 7.03
N VAL A 552 -21.72 49.69 5.72
CA VAL A 552 -22.53 48.87 4.82
C VAL A 552 -21.94 47.47 4.74
N LYS A 553 -22.76 46.46 5.04
CA LYS A 553 -22.40 45.06 4.86
C LYS A 553 -23.31 44.49 3.78
N TYR A 554 -22.70 44.06 2.66
CA TYR A 554 -23.46 43.54 1.54
C TYR A 554 -22.78 42.30 0.97
N LYS A 555 -23.60 41.43 0.38
CA LYS A 555 -23.16 40.18 -0.22
C LYS A 555 -23.56 40.17 -1.69
N ILE A 556 -22.81 39.40 -2.48
CA ILE A 556 -23.07 39.26 -3.91
C ILE A 556 -23.33 37.77 -4.16
N ARG A 557 -24.61 37.41 -4.31
CA ARG A 557 -25.00 36.03 -4.56
C ARG A 557 -25.09 35.80 -6.07
N MET A 558 -24.27 34.88 -6.57
CA MET A 558 -24.25 34.54 -7.98
C MET A 558 -24.18 33.03 -8.12
N ASP A 559 -24.25 32.56 -9.37
CA ASP A 559 -24.18 31.13 -9.64
C ASP A 559 -22.81 30.58 -9.28
N ILE A 560 -22.74 29.26 -9.12
CA ILE A 560 -21.50 28.62 -8.71
C ILE A 560 -20.53 28.54 -9.87
N ASP A 561 -21.02 28.29 -11.08
CA ASP A 561 -20.18 28.14 -12.25
C ASP A 561 -19.62 29.46 -12.77
N ASN A 562 -19.92 30.57 -12.09
CA ASN A 562 -19.41 31.88 -12.51
C ASN A 562 -18.59 32.55 -11.41
N VAL A 563 -18.52 31.96 -10.22
CA VAL A 563 -17.78 32.52 -9.09
C VAL A 563 -16.85 31.45 -8.54
N GLU A 564 -15.64 31.87 -8.18
CA GLU A 564 -14.67 30.96 -7.57
C GLU A 564 -15.24 30.42 -6.27
N ARG A 565 -14.99 29.13 -6.01
CA ARG A 565 -15.54 28.48 -4.84
C ARG A 565 -15.03 29.13 -3.56
N THR A 566 -15.89 29.17 -2.54
CA THR A 566 -15.58 29.79 -1.27
C THR A 566 -15.19 28.78 -0.19
N ASN A 567 -15.18 27.49 -0.51
CA ASN A 567 -14.79 26.49 0.47
C ASN A 567 -13.28 26.43 0.69
N LYS A 568 -12.50 26.97 -0.24
CA LYS A 568 -11.04 26.99 -0.12
C LYS A 568 -10.52 28.32 -0.64
N ILE A 569 -9.44 28.80 -0.03
CA ILE A 569 -8.85 30.08 -0.39
C ILE A 569 -7.47 29.91 -1.01
N LYS A 570 -7.02 28.68 -1.20
CA LYS A 570 -5.71 28.42 -1.77
C LYS A 570 -5.68 27.00 -2.30
N ASP A 571 -4.81 26.77 -3.28
CA ASP A 571 -4.69 25.45 -3.90
C ASP A 571 -4.15 24.39 -2.96
N GLY A 572 -3.63 24.77 -1.80
CA GLY A 572 -3.07 23.81 -0.87
C GLY A 572 -1.59 23.57 -1.12
N TYR A 573 -1.27 22.48 -1.83
CA TYR A 573 0.11 22.19 -2.18
C TYR A 573 0.62 23.24 -3.17
N TRP A 574 1.84 23.71 -2.94
CA TRP A 574 2.40 24.75 -3.80
C TRP A 574 2.91 24.15 -5.11
N ASP A 575 2.79 24.93 -6.18
CA ASP A 575 3.24 24.53 -7.50
C ASP A 575 3.48 25.76 -8.36
N PRO A 576 4.55 25.78 -9.17
CA PRO A 576 4.81 26.95 -10.00
C PRO A 576 3.72 27.16 -11.03
N GLY A 577 3.62 28.40 -11.50
CA GLY A 577 2.61 28.79 -12.46
C GLY A 577 1.82 30.00 -12.00
N PRO A 578 1.71 31.01 -12.86
CA PRO A 578 1.02 32.25 -12.46
C PRO A 578 -0.47 32.10 -12.26
N ARG A 579 -1.06 30.96 -12.65
CA ARG A 579 -2.49 30.72 -12.52
C ARG A 579 -3.29 31.81 -13.24
N ALA A 580 -3.11 31.85 -14.55
CA ALA A 580 -3.68 32.90 -15.39
C ALA A 580 -4.39 32.28 -16.59
N ASP A 581 -5.18 31.24 -16.35
CA ASP A 581 -6.00 30.68 -17.40
C ASP A 581 -7.23 31.56 -17.62
N PRO A 582 -7.59 31.87 -18.87
CA PRO A 582 -8.68 32.83 -19.09
C PRO A 582 -10.06 32.33 -18.67
N PHE A 583 -10.25 31.02 -18.56
CA PHE A 583 -11.56 30.44 -18.27
C PHE A 583 -11.58 29.60 -17.01
N GLU A 584 -10.54 28.81 -16.76
CA GLU A 584 -10.59 27.86 -15.65
C GLU A 584 -10.47 28.54 -14.29
N ASP A 585 -9.59 29.53 -14.17
CA ASP A 585 -9.35 30.18 -12.88
C ASP A 585 -9.37 31.69 -13.02
N MET A 586 -10.36 32.21 -13.74
CA MET A 586 -10.54 33.65 -13.91
C MET A 586 -12.01 34.03 -13.80
N ARG A 587 -12.77 33.28 -13.00
CA ARG A 587 -14.21 33.51 -12.90
C ARG A 587 -14.55 34.87 -12.29
N TYR A 588 -13.59 35.51 -11.62
CA TYR A 588 -13.85 36.84 -11.07
C TYR A 588 -13.77 37.93 -12.12
N VAL A 589 -13.37 37.61 -13.34
CA VAL A 589 -13.25 38.57 -14.43
C VAL A 589 -14.36 38.38 -15.46
N TRP A 590 -14.44 37.21 -16.08
CA TRP A 590 -15.48 36.96 -17.08
C TRP A 590 -16.83 36.67 -16.45
N GLY A 591 -16.86 36.35 -15.16
CA GLY A 591 -18.13 36.09 -14.49
C GLY A 591 -18.92 37.33 -14.14
N GLY A 592 -18.26 38.49 -14.08
CA GLY A 592 -18.92 39.73 -13.76
C GLY A 592 -18.98 40.07 -12.28
N PHE A 593 -18.24 39.35 -11.44
CA PHE A 593 -18.25 39.63 -10.01
C PHE A 593 -17.57 40.96 -9.71
N ALA A 594 -16.36 41.15 -10.24
CA ALA A 594 -15.60 42.36 -9.94
C ALA A 594 -16.30 43.60 -10.49
N TYR A 595 -16.93 43.47 -11.65
CA TYR A 595 -17.61 44.62 -12.26
C TYR A 595 -18.75 45.12 -11.37
N LEU A 596 -19.66 44.21 -11.00
CA LEU A 596 -20.77 44.60 -10.14
C LEU A 596 -20.28 45.05 -8.77
N GLN A 597 -19.23 44.40 -8.26
CA GLN A 597 -18.66 44.81 -6.98
C GLN A 597 -18.19 46.27 -7.03
N ASP A 598 -17.39 46.60 -8.04
CA ASP A 598 -16.87 47.96 -8.17
C ASP A 598 -17.99 48.96 -8.39
N VAL A 599 -19.00 48.58 -9.18
CA VAL A 599 -20.12 49.48 -9.44
C VAL A 599 -20.87 49.78 -8.14
N VAL A 600 -21.12 48.75 -7.34
CA VAL A 600 -21.86 48.93 -6.10
C VAL A 600 -21.05 49.78 -5.12
N GLU A 601 -19.75 49.51 -5.02
CA GLU A 601 -18.93 50.31 -4.11
C GLU A 601 -18.85 51.77 -4.55
N GLN A 602 -18.77 52.01 -5.85
CA GLN A 602 -18.75 53.39 -6.34
C GLN A 602 -20.07 54.09 -6.09
N ALA A 603 -21.18 53.37 -6.25
CA ALA A 603 -22.48 53.96 -5.96
C ALA A 603 -22.61 54.30 -4.47
N ILE A 604 -22.12 53.42 -3.61
CA ILE A 604 -22.16 53.69 -2.17
C ILE A 604 -21.30 54.90 -1.83
N ILE A 605 -20.11 54.98 -2.42
CA ILE A 605 -19.23 56.12 -2.19
C ILE A 605 -19.91 57.41 -2.65
N ARG A 606 -20.58 57.37 -3.79
CA ARG A 606 -21.24 58.56 -4.32
C ARG A 606 -22.43 58.97 -3.45
N VAL A 607 -23.16 58.01 -2.89
CA VAL A 607 -24.33 58.36 -2.09
C VAL A 607 -23.95 58.74 -0.67
N LEU A 608 -22.77 58.33 -0.19
CA LEU A 608 -22.36 58.70 1.16
C LEU A 608 -21.85 60.13 1.24
N THR A 609 -21.09 60.59 0.24
CA THR A 609 -20.47 61.91 0.27
C THR A 609 -21.09 62.88 -0.72
N GLY A 610 -21.15 62.52 -2.00
CA GLY A 610 -21.68 63.41 -3.01
C GLY A 610 -20.79 63.51 -4.23
N THR A 611 -19.51 63.20 -4.05
CA THR A 611 -18.58 63.17 -5.18
C THR A 611 -19.02 62.13 -6.20
N GLU A 612 -19.00 62.51 -7.49
CA GLU A 612 -19.63 61.65 -8.49
C GLU A 612 -18.73 60.49 -8.89
N LYS A 613 -17.63 60.77 -9.58
CA LYS A 613 -16.65 59.70 -9.82
C LYS A 613 -15.26 60.05 -9.30
N LYS A 614 -14.66 61.10 -9.90
CA LYS A 614 -13.32 61.61 -9.59
C LYS A 614 -12.32 60.51 -9.25
N THR A 615 -12.42 59.36 -9.92
CA THR A 615 -11.57 58.21 -9.58
C THR A 615 -11.64 57.13 -10.65
N GLY A 616 -10.48 56.63 -11.07
CA GLY A 616 -10.42 55.47 -11.95
C GLY A 616 -9.74 54.30 -11.27
N VAL A 617 -10.11 53.08 -11.64
CA VAL A 617 -9.53 51.87 -11.05
C VAL A 617 -9.15 50.90 -12.16
N TYR A 618 -7.99 50.27 -12.00
CA TYR A 618 -7.51 49.26 -12.94
C TYR A 618 -6.97 48.07 -12.18
N MET A 619 -7.01 46.90 -12.81
CA MET A 619 -6.53 45.66 -12.21
C MET A 619 -5.32 45.16 -13.02
N GLN A 620 -4.19 44.99 -12.34
CA GLN A 620 -2.96 44.53 -12.98
C GLN A 620 -2.48 43.27 -12.31
N GLN A 621 -2.32 42.19 -13.07
CA GLN A 621 -1.83 40.93 -12.54
C GLN A 621 -0.30 40.95 -12.50
N MET A 622 0.27 40.53 -11.38
CA MET A 622 1.71 40.50 -11.23
C MET A 622 2.32 39.45 -12.17
N PRO A 623 3.47 39.74 -12.76
CA PRO A 623 4.11 38.80 -13.68
C PRO A 623 4.68 37.60 -12.94
N TYR A 624 5.29 36.70 -13.71
CA TYR A 624 5.86 35.47 -13.16
C TYR A 624 7.26 35.28 -13.73
N PRO A 625 8.24 34.88 -12.90
CA PRO A 625 9.65 34.85 -13.32
C PRO A 625 10.16 33.56 -13.96
N CYS A 626 9.70 33.29 -15.20
CA CYS A 626 10.31 32.31 -16.09
C CYS A 626 10.40 30.93 -15.42
N TYR A 627 9.23 30.36 -15.14
CA TYR A 627 9.11 29.07 -14.49
C TYR A 627 8.97 27.96 -15.52
N VAL A 628 9.18 26.73 -15.06
CA VAL A 628 8.91 25.54 -15.84
C VAL A 628 8.05 24.60 -14.99
N ASP A 629 7.24 23.77 -15.65
CA ASP A 629 6.33 22.87 -14.98
C ASP A 629 6.79 21.44 -15.20
N ASP A 630 7.27 20.81 -14.13
CA ASP A 630 7.72 19.42 -14.14
C ASP A 630 7.16 18.68 -12.93
N ILE A 631 5.85 18.82 -12.72
CA ILE A 631 5.18 18.25 -11.55
C ILE A 631 5.45 16.75 -11.43
N PHE A 632 5.62 16.06 -12.55
CA PHE A 632 5.90 14.63 -12.51
C PHE A 632 7.21 14.35 -11.79
N LEU A 633 8.24 15.15 -12.10
CA LEU A 633 9.53 14.97 -11.43
C LEU A 633 9.38 15.16 -9.93
N ARG A 634 8.62 16.17 -9.51
CA ARG A 634 8.43 16.43 -8.09
C ARG A 634 7.71 15.26 -7.42
N VAL A 635 6.62 14.78 -8.03
CA VAL A 635 5.81 13.75 -7.39
C VAL A 635 6.55 12.41 -7.41
N MET A 636 7.48 12.24 -8.35
CA MET A 636 8.22 10.98 -8.43
C MET A 636 9.45 10.98 -7.52
N SER A 637 10.05 12.15 -7.30
CA SER A 637 11.20 12.26 -6.42
C SER A 637 10.81 12.49 -4.97
N ARG A 638 9.57 12.87 -4.70
CA ARG A 638 9.05 12.96 -3.34
C ARG A 638 8.33 11.69 -2.91
N SER A 639 8.18 10.71 -3.80
CA SER A 639 7.57 9.42 -3.51
C SER A 639 8.44 8.29 -4.03
N MET A 640 9.75 8.52 -4.07
CA MET A 640 10.74 7.54 -4.49
C MET A 640 10.74 6.25 -3.66
N PRO A 641 10.61 6.31 -2.34
CA PRO A 641 10.74 5.08 -1.54
C PRO A 641 9.87 3.92 -1.99
N LEU A 642 8.66 4.17 -2.51
CA LEU A 642 7.76 3.06 -2.83
C LEU A 642 8.37 2.16 -3.93
N PHE A 643 8.72 2.75 -5.07
CA PHE A 643 9.27 1.95 -6.15
C PHE A 643 10.76 1.68 -5.99
N MET A 644 11.46 2.41 -5.13
CA MET A 644 12.81 2.05 -4.74
C MET A 644 12.82 0.90 -3.74
N THR A 645 11.68 0.62 -3.11
CA THR A 645 11.61 -0.39 -2.07
C THR A 645 10.90 -1.67 -2.48
N LEU A 646 10.02 -1.63 -3.50
CA LEU A 646 9.30 -2.86 -3.89
C LEU A 646 10.26 -3.99 -4.27
N ALA A 647 11.26 -3.69 -5.12
CA ALA A 647 12.21 -4.72 -5.54
C ALA A 647 12.98 -5.26 -4.34
N TRP A 648 13.35 -4.38 -3.42
CA TRP A 648 14.03 -4.85 -2.22
C TRP A 648 13.10 -5.56 -1.25
N ILE A 649 11.78 -5.35 -1.38
CA ILE A 649 10.82 -6.17 -0.62
C ILE A 649 10.85 -7.60 -1.15
N TYR A 650 10.88 -7.74 -2.47
CA TYR A 650 11.05 -9.09 -3.04
C TYR A 650 12.37 -9.70 -2.58
N SER A 651 13.45 -8.90 -2.62
CA SER A 651 14.76 -9.40 -2.21
C SER A 651 14.77 -9.82 -0.74
N VAL A 652 14.13 -9.02 0.12
CA VAL A 652 14.13 -9.33 1.55
C VAL A 652 13.23 -10.51 1.84
N ALA A 653 12.16 -10.70 1.06
CA ALA A 653 11.36 -11.91 1.20
C ALA A 653 12.19 -13.14 0.86
N VAL A 654 12.97 -13.07 -0.22
CA VAL A 654 13.83 -14.20 -0.58
C VAL A 654 14.86 -14.48 0.51
N ILE A 655 15.53 -13.43 1.00
CA ILE A 655 16.58 -13.64 1.98
C ILE A 655 16.00 -14.10 3.32
N ILE A 656 14.79 -13.67 3.66
CA ILE A 656 14.14 -14.12 4.89
C ILE A 656 13.73 -15.58 4.76
N LYS A 657 13.22 -15.97 3.60
CA LYS A 657 12.93 -17.37 3.33
C LYS A 657 14.19 -18.21 3.53
N GLY A 658 15.31 -17.75 2.96
CA GLY A 658 16.56 -18.49 3.10
C GLY A 658 17.01 -18.61 4.55
N ILE A 659 16.97 -17.48 5.27
CA ILE A 659 17.43 -17.47 6.66
C ILE A 659 16.57 -18.40 7.51
N VAL A 660 15.25 -18.30 7.38
CA VAL A 660 14.37 -19.10 8.22
C VAL A 660 14.42 -20.57 7.81
N TYR A 661 14.69 -20.86 6.54
CA TYR A 661 14.85 -22.25 6.12
C TYR A 661 16.12 -22.84 6.71
N GLU A 662 17.21 -22.06 6.73
CA GLU A 662 18.44 -22.52 7.36
C GLU A 662 18.31 -22.66 8.87
N LYS A 663 17.45 -21.86 9.50
CA LYS A 663 17.26 -21.91 10.95
C LYS A 663 16.31 -23.01 11.39
N GLU A 664 15.26 -23.28 10.61
CA GLU A 664 14.23 -24.23 11.02
C GLU A 664 14.74 -25.67 11.01
N ALA A 665 15.56 -26.03 10.04
CA ALA A 665 16.05 -27.40 9.89
C ALA A 665 17.12 -27.77 10.92
N ARG A 666 17.33 -26.97 11.96
CA ARG A 666 18.31 -27.22 13.00
C ARG A 666 19.74 -27.29 12.46
N LEU A 667 19.97 -26.73 11.28
CA LEU A 667 21.32 -26.73 10.71
C LEU A 667 22.23 -25.77 11.46
N LYS A 668 21.69 -24.63 11.92
CA LYS A 668 22.48 -23.70 12.71
C LYS A 668 22.91 -24.33 14.04
N GLU A 669 22.04 -25.14 14.62
CA GLU A 669 22.39 -25.84 15.85
C GLU A 669 23.59 -26.77 15.64
N THR A 670 23.59 -27.51 14.53
CA THR A 670 24.70 -28.41 14.24
C THR A 670 25.96 -27.62 13.91
N MET A 671 25.82 -26.49 13.20
CA MET A 671 26.95 -25.62 12.93
C MET A 671 27.58 -25.14 14.22
N ARG A 672 26.75 -24.77 15.20
CA ARG A 672 27.27 -24.37 16.51
C ARG A 672 27.95 -25.54 17.20
N ILE A 673 27.35 -26.74 17.10
CA ILE A 673 27.96 -27.92 17.69
C ILE A 673 29.27 -28.27 17.02
N MET A 674 29.37 -28.03 15.71
CA MET A 674 30.58 -28.33 14.96
C MET A 674 31.76 -27.45 15.34
N GLY A 675 31.59 -26.47 16.22
CA GLY A 675 32.67 -25.62 16.64
C GLY A 675 32.67 -24.26 15.98
N LEU A 676 31.48 -23.66 15.85
CA LEU A 676 31.33 -22.34 15.25
C LEU A 676 30.53 -21.43 16.17
N ASP A 677 30.72 -20.13 15.98
CA ASP A 677 30.00 -19.11 16.74
C ASP A 677 29.03 -18.39 15.80
N ASN A 678 27.97 -17.83 16.38
CA ASN A 678 26.95 -17.16 15.58
C ASN A 678 27.47 -15.91 14.88
N SER A 679 28.57 -15.33 15.37
CA SER A 679 29.09 -14.10 14.78
C SER A 679 29.54 -14.32 13.34
N ILE A 680 30.30 -15.39 13.10
CA ILE A 680 30.78 -15.65 11.75
C ILE A 680 29.63 -16.01 10.83
N LEU A 681 28.60 -16.69 11.35
CA LEU A 681 27.44 -17.02 10.55
C LEU A 681 26.69 -15.75 10.13
N TRP A 682 26.47 -14.84 11.08
CA TRP A 682 25.82 -13.58 10.76
C TRP A 682 26.64 -12.77 9.77
N PHE A 683 27.97 -12.79 9.91
CA PHE A 683 28.83 -12.05 8.98
C PHE A 683 28.75 -12.63 7.58
N SER A 684 28.78 -13.96 7.45
CA SER A 684 28.68 -14.60 6.15
C SER A 684 27.33 -14.30 5.49
N TRP A 685 26.25 -14.40 6.27
CA TRP A 685 24.93 -14.07 5.74
C TRP A 685 24.87 -12.61 5.30
N PHE A 686 25.45 -11.71 6.10
CA PHE A 686 25.48 -10.29 5.76
C PHE A 686 26.18 -10.06 4.43
N ILE A 687 27.36 -10.65 4.26
CA ILE A 687 28.12 -10.44 3.02
C ILE A 687 27.38 -11.03 1.82
N SER A 688 26.85 -12.26 1.99
CA SER A 688 26.19 -12.94 0.88
C SER A 688 24.87 -12.30 0.50
N SER A 689 24.22 -11.58 1.43
CA SER A 689 23.01 -10.84 1.07
C SER A 689 23.31 -9.41 0.65
N LEU A 690 24.52 -8.91 0.95
CA LEU A 690 24.87 -7.55 0.59
C LEU A 690 25.47 -7.47 -0.81
N ILE A 691 26.16 -8.53 -1.25
CA ILE A 691 26.74 -8.52 -2.60
C ILE A 691 25.68 -8.32 -3.68
N PRO A 692 24.63 -9.15 -3.79
CA PRO A 692 23.63 -8.90 -4.85
C PRO A 692 22.86 -7.62 -4.64
N LEU A 693 22.68 -7.19 -3.39
CA LEU A 693 22.04 -5.90 -3.14
C LEU A 693 22.90 -4.75 -3.67
N LEU A 694 24.22 -4.84 -3.50
CA LEU A 694 25.09 -3.83 -4.09
C LEU A 694 25.04 -3.88 -5.62
N VAL A 695 24.98 -5.08 -6.19
CA VAL A 695 24.86 -5.18 -7.65
C VAL A 695 23.59 -4.49 -8.13
N SER A 696 22.47 -4.76 -7.44
CA SER A 696 21.20 -4.16 -7.82
C SER A 696 21.23 -2.65 -7.62
N ALA A 697 21.87 -2.17 -6.55
CA ALA A 697 21.97 -0.74 -6.32
C ALA A 697 22.78 -0.05 -7.40
N GLY A 698 23.89 -0.66 -7.83
CA GLY A 698 24.65 -0.09 -8.92
C GLY A 698 23.87 -0.07 -10.22
N LEU A 699 23.16 -1.16 -10.52
CA LEU A 699 22.34 -1.18 -11.73
C LEU A 699 21.25 -0.12 -11.68
N LEU A 700 20.66 0.09 -10.50
CA LEU A 700 19.61 1.09 -10.38
C LEU A 700 20.18 2.50 -10.53
N VAL A 701 21.37 2.74 -9.98
CA VAL A 701 22.02 4.03 -10.19
C VAL A 701 22.28 4.25 -11.68
N VAL A 702 22.71 3.20 -12.38
CA VAL A 702 22.96 3.30 -13.81
C VAL A 702 21.68 3.66 -14.56
N ILE A 703 20.59 2.94 -14.25
CA ILE A 703 19.35 3.15 -14.98
C ILE A 703 18.68 4.48 -14.60
N LEU A 704 19.01 5.03 -13.43
CA LEU A 704 18.46 6.32 -13.03
C LEU A 704 19.22 7.46 -13.67
N LYS A 705 20.55 7.36 -13.71
CA LYS A 705 21.36 8.41 -14.32
C LYS A 705 21.12 8.50 -15.82
N LEU A 706 21.07 7.34 -16.49
CA LEU A 706 20.86 7.34 -17.94
C LEU A 706 19.41 7.64 -18.30
N GLY A 707 18.48 7.37 -17.39
CA GLY A 707 17.06 7.58 -17.65
C GLY A 707 16.64 9.03 -17.81
N ASN A 708 17.55 9.99 -17.62
CA ASN A 708 17.27 11.41 -17.77
C ASN A 708 16.22 11.89 -16.78
N LEU A 709 15.91 11.07 -15.77
CA LEU A 709 14.98 11.47 -14.74
C LEU A 709 15.66 12.11 -13.54
N LEU A 710 16.96 11.89 -13.36
CA LEU A 710 17.75 12.52 -12.31
C LEU A 710 19.06 13.02 -12.89
N PRO A 711 19.03 14.04 -13.73
CA PRO A 711 20.28 14.60 -14.26
C PRO A 711 21.00 15.44 -13.21
N TYR A 712 22.28 15.68 -13.47
CA TYR A 712 23.14 16.47 -12.59
C TYR A 712 23.22 15.89 -11.18
N SER A 713 23.00 14.58 -11.07
CA SER A 713 23.11 13.86 -9.80
C SER A 713 24.28 12.88 -9.91
N ASP A 714 25.30 13.07 -9.09
CA ASP A 714 26.49 12.23 -9.12
C ASP A 714 26.13 10.79 -8.85
N PRO A 715 26.57 9.85 -9.71
CA PRO A 715 26.28 8.43 -9.44
C PRO A 715 26.90 7.92 -8.15
N SER A 716 28.02 8.50 -7.71
CA SER A 716 28.71 7.99 -6.54
C SER A 716 27.91 8.23 -5.26
N VAL A 717 27.35 9.43 -5.10
CA VAL A 717 26.64 9.75 -3.88
C VAL A 717 25.34 8.95 -3.77
N VAL A 718 24.61 8.82 -4.88
CA VAL A 718 23.39 8.03 -4.85
C VAL A 718 23.70 6.55 -4.69
N PHE A 719 24.84 6.10 -5.23
CA PHE A 719 25.26 4.72 -5.02
C PHE A 719 25.57 4.45 -3.55
N VAL A 720 26.25 5.38 -2.90
CA VAL A 720 26.55 5.24 -1.47
C VAL A 720 25.25 5.27 -0.66
N PHE A 721 24.32 6.13 -1.04
CA PHE A 721 23.02 6.20 -0.36
C PHE A 721 22.28 4.87 -0.46
N LEU A 722 22.23 4.30 -1.68
CA LEU A 722 21.57 3.02 -1.87
C LEU A 722 22.32 1.90 -1.16
N SER A 723 23.64 2.00 -1.03
CA SER A 723 24.40 0.99 -0.30
C SER A 723 24.05 1.03 1.19
N VAL A 724 23.98 2.23 1.77
CA VAL A 724 23.58 2.35 3.17
C VAL A 724 22.15 1.89 3.36
N PHE A 725 21.28 2.15 2.39
CA PHE A 725 19.90 1.66 2.46
C PHE A 725 19.87 0.14 2.45
N ALA A 726 20.68 -0.48 1.58
CA ALA A 726 20.77 -1.93 1.55
C ALA A 726 21.27 -2.48 2.88
N VAL A 727 22.26 -1.81 3.48
CA VAL A 727 22.80 -2.27 4.76
C VAL A 727 21.74 -2.21 5.85
N VAL A 728 20.99 -1.11 5.90
CA VAL A 728 20.01 -0.97 6.98
C VAL A 728 18.84 -1.93 6.78
N THR A 729 18.44 -2.19 5.53
CA THR A 729 17.41 -3.20 5.31
C THR A 729 17.92 -4.60 5.60
N ILE A 730 19.21 -4.87 5.38
CA ILE A 730 19.77 -6.18 5.71
C ILE A 730 19.74 -6.38 7.22
N LEU A 731 20.11 -5.36 7.98
CA LEU A 731 20.04 -5.49 9.43
C LEU A 731 18.59 -5.55 9.91
N GLN A 732 17.67 -4.89 9.20
CA GLN A 732 16.26 -4.96 9.57
C GLN A 732 15.70 -6.36 9.34
N CYS A 733 16.13 -7.02 8.26
CA CYS A 733 15.65 -8.40 8.06
C CYS A 733 16.33 -9.36 9.01
N PHE A 734 17.59 -9.11 9.36
CA PHE A 734 18.21 -9.88 10.44
C PHE A 734 17.42 -9.73 11.73
N LEU A 735 16.85 -8.55 11.95
CA LEU A 735 15.97 -8.34 13.11
C LEU A 735 14.69 -9.14 12.98
N ILE A 736 14.01 -9.03 11.84
CA ILE A 736 12.68 -9.63 11.70
C ILE A 736 12.74 -11.15 11.62
N SER A 737 13.88 -11.72 11.21
CA SER A 737 13.96 -13.16 11.00
C SER A 737 13.94 -13.96 12.29
N THR A 738 14.33 -13.36 13.43
CA THR A 738 14.41 -14.10 14.68
C THR A 738 13.06 -14.25 15.37
N LEU A 739 11.97 -13.80 14.75
CA LEU A 739 10.64 -13.88 15.36
C LEU A 739 9.75 -14.95 14.75
N PHE A 740 10.17 -15.59 13.66
CA PHE A 740 9.36 -16.58 12.97
C PHE A 740 10.11 -17.90 12.90
N SER A 741 9.36 -19.00 12.98
CA SER A 741 9.92 -20.35 12.92
C SER A 741 9.34 -21.15 11.76
N ARG A 742 9.01 -20.48 10.65
CA ARG A 742 8.48 -21.15 9.48
C ARG A 742 8.92 -20.37 8.24
N ALA A 743 9.40 -21.10 7.23
CA ALA A 743 10.02 -20.47 6.08
C ALA A 743 9.00 -19.69 5.25
N ASN A 744 7.96 -20.38 4.76
CA ASN A 744 6.98 -19.72 3.90
C ASN A 744 6.21 -18.64 4.65
N LEU A 745 5.88 -18.88 5.92
CA LEU A 745 5.18 -17.88 6.71
C LEU A 745 5.96 -16.58 6.79
N ALA A 746 7.26 -16.68 7.12
CA ALA A 746 8.09 -15.49 7.22
C ALA A 746 8.28 -14.84 5.85
N ALA A 747 8.48 -15.66 4.81
CA ALA A 747 8.68 -15.11 3.47
C ALA A 747 7.46 -14.36 2.98
N ALA A 748 6.26 -14.78 3.41
CA ALA A 748 5.04 -14.10 3.01
C ALA A 748 4.72 -12.90 3.91
N CYS A 749 5.12 -12.96 5.18
CA CYS A 749 4.80 -11.88 6.10
C CYS A 749 5.80 -10.73 6.04
N GLY A 750 7.01 -10.98 5.55
CA GLY A 750 8.01 -9.91 5.49
C GLY A 750 7.55 -8.74 4.63
N GLY A 751 6.92 -9.04 3.51
CA GLY A 751 6.46 -7.96 2.62
C GLY A 751 5.43 -7.07 3.28
N ILE A 752 4.41 -7.67 3.89
CA ILE A 752 3.37 -6.87 4.52
C ILE A 752 3.90 -6.15 5.75
N ILE A 753 4.84 -6.76 6.47
CA ILE A 753 5.41 -6.07 7.64
C ILE A 753 6.24 -4.87 7.21
N TYR A 754 7.00 -5.00 6.12
CA TYR A 754 7.77 -3.86 5.65
C TYR A 754 6.86 -2.79 5.04
N PHE A 755 5.75 -3.19 4.44
CA PHE A 755 4.75 -2.22 4.01
C PHE A 755 4.21 -1.44 5.21
N THR A 756 3.91 -2.15 6.30
CA THR A 756 3.42 -1.50 7.51
C THR A 756 4.47 -0.55 8.08
N LEU A 757 5.75 -0.94 8.00
CA LEU A 757 6.84 -0.08 8.47
C LEU A 757 7.08 1.11 7.54
N TYR A 758 6.71 1.00 6.27
CA TYR A 758 6.88 2.12 5.35
C TYR A 758 5.72 3.10 5.45
N LEU A 759 4.54 2.62 5.84
CA LEU A 759 3.38 3.51 5.97
C LEU A 759 3.61 4.73 6.85
N PRO A 760 4.38 4.68 7.97
CA PRO A 760 4.61 5.90 8.76
C PRO A 760 5.16 7.06 7.96
N TYR A 761 5.89 6.79 6.88
CA TYR A 761 6.42 7.89 6.06
C TYR A 761 5.30 8.68 5.41
N VAL A 762 4.36 7.97 4.76
CA VAL A 762 3.23 8.66 4.13
C VAL A 762 2.29 9.21 5.19
N LEU A 763 2.29 8.62 6.38
CA LEU A 763 1.47 9.15 7.47
C LEU A 763 2.03 10.46 8.01
N CYS A 764 3.36 10.62 8.01
CA CYS A 764 4.00 11.81 8.53
C CYS A 764 4.17 12.91 7.49
N VAL A 765 4.28 12.55 6.21
CA VAL A 765 4.47 13.54 5.16
C VAL A 765 3.24 14.42 4.95
N ALA A 766 2.05 13.96 5.36
CA ALA A 766 0.86 14.78 5.21
C ALA A 766 0.72 15.80 6.34
N TRP A 767 1.29 15.51 7.51
CA TRP A 767 1.23 16.38 8.66
C TRP A 767 2.56 17.11 8.89
N ARG A 768 3.23 17.49 7.80
CA ARG A 768 4.54 18.12 7.92
C ARG A 768 4.47 19.55 8.43
N ASP A 769 3.27 20.11 8.57
CA ASP A 769 3.15 21.51 8.98
C ASP A 769 3.47 21.71 10.46
N TYR A 770 3.18 20.71 11.29
CA TYR A 770 3.42 20.82 12.73
C TYR A 770 4.21 19.61 13.24
N VAL A 771 5.25 19.22 12.52
CA VAL A 771 6.14 18.14 12.93
C VAL A 771 7.43 18.75 13.46
N GLY A 772 7.87 18.28 14.62
CA GLY A 772 9.08 18.81 15.22
C GLY A 772 10.32 18.03 14.79
N PHE A 773 11.47 18.71 14.87
CA PHE A 773 12.73 18.06 14.55
C PHE A 773 13.04 16.94 15.54
N THR A 774 12.74 17.15 16.82
CA THR A 774 12.88 16.08 17.80
C THR A 774 11.90 14.94 17.51
N LEU A 775 10.68 15.28 17.11
CA LEU A 775 9.73 14.25 16.69
C LEU A 775 10.19 13.56 15.42
N LYS A 776 10.83 14.30 14.50
CA LYS A 776 11.38 13.69 13.31
C LYS A 776 12.48 12.69 13.66
N ILE A 777 13.33 13.02 14.62
CA ILE A 777 14.40 12.13 15.03
C ILE A 777 13.83 10.90 15.72
N PHE A 778 12.92 11.10 16.68
CA PHE A 778 12.31 9.99 17.39
C PHE A 778 11.43 9.12 16.50
N ALA A 779 10.98 9.66 15.36
CA ALA A 779 10.25 8.87 14.36
C ALA A 779 11.16 8.32 13.28
N SER A 780 12.41 8.77 13.21
CA SER A 780 13.39 8.26 12.25
C SER A 780 14.05 6.97 12.72
N LEU A 781 13.53 6.34 13.78
CA LEU A 781 14.05 5.05 14.22
C LEU A 781 13.83 3.95 13.20
N LEU A 782 13.03 4.20 12.17
CA LEU A 782 12.84 3.26 11.08
C LEU A 782 13.69 3.66 9.88
N SER A 783 13.92 2.70 9.00
CA SER A 783 14.72 2.91 7.80
C SER A 783 13.95 3.63 6.69
N PRO A 784 12.70 3.23 6.38
CA PRO A 784 12.00 3.91 5.27
C PRO A 784 11.78 5.39 5.49
N VAL A 785 11.55 5.84 6.73
CA VAL A 785 11.32 7.26 6.96
C VAL A 785 12.58 8.07 6.72
N ALA A 786 13.73 7.56 7.17
CA ALA A 786 15.00 8.25 6.92
C ALA A 786 15.34 8.23 5.44
N PHE A 787 15.06 7.13 4.76
CA PHE A 787 15.30 7.07 3.32
C PHE A 787 14.40 8.06 2.59
N GLY A 788 13.15 8.22 3.03
CA GLY A 788 12.28 9.20 2.43
C GLY A 788 12.72 10.62 2.68
N PHE A 789 13.27 10.89 3.87
CA PHE A 789 13.83 12.21 4.14
C PHE A 789 15.02 12.49 3.23
N GLY A 790 15.90 11.50 3.06
CA GLY A 790 17.01 11.68 2.14
C GLY A 790 16.54 11.89 0.71
N CYS A 791 15.50 11.17 0.31
CA CYS A 791 14.96 11.35 -1.04
C CYS A 791 14.30 12.71 -1.21
N GLU A 792 13.70 13.24 -0.15
CA GLU A 792 13.15 14.60 -0.21
C GLU A 792 14.27 15.63 -0.34
N TYR A 793 15.37 15.42 0.37
CA TYR A 793 16.55 16.26 0.19
C TYR A 793 17.04 16.21 -1.26
N PHE A 794 17.15 15.01 -1.81
CA PHE A 794 17.57 14.84 -3.20
C PHE A 794 16.63 15.57 -4.15
N ALA A 795 15.32 15.45 -3.90
CA ALA A 795 14.33 16.10 -4.76
C ALA A 795 14.47 17.62 -4.69
N LEU A 796 14.62 18.16 -3.48
CA LEU A 796 14.72 19.61 -3.33
C LEU A 796 15.98 20.14 -4.00
N PHE A 797 17.08 19.39 -3.90
CA PHE A 797 18.31 19.83 -4.55
C PHE A 797 18.34 19.50 -6.05
N GLU A 798 17.42 18.69 -6.54
CA GLU A 798 17.39 18.29 -7.94
C GLU A 798 16.45 19.15 -8.77
N GLU A 799 15.30 19.53 -8.20
CA GLU A 799 14.28 20.24 -8.98
C GLU A 799 14.81 21.54 -9.56
N GLN A 800 15.65 22.25 -8.82
CA GLN A 800 16.18 23.53 -9.27
C GLN A 800 17.36 23.38 -10.23
N GLY A 801 17.62 22.18 -10.75
CA GLY A 801 18.65 21.97 -11.73
C GLY A 801 20.07 22.00 -11.21
N ILE A 802 20.29 22.51 -9.99
CA ILE A 802 21.65 22.58 -9.45
C ILE A 802 22.18 21.19 -9.12
N GLY A 803 21.28 20.22 -8.91
CA GLY A 803 21.69 18.88 -8.57
C GLY A 803 22.18 18.77 -7.14
N VAL A 804 22.64 17.57 -6.80
CA VAL A 804 23.18 17.27 -5.48
C VAL A 804 24.63 16.84 -5.64
N GLN A 805 25.52 17.47 -4.87
CA GLN A 805 26.95 17.17 -4.91
C GLN A 805 27.51 17.26 -3.50
N TRP A 806 28.82 17.07 -3.40
CA TRP A 806 29.50 17.15 -2.10
C TRP A 806 29.59 18.61 -1.67
N ASP A 807 28.71 19.02 -0.76
CA ASP A 807 28.69 20.38 -0.25
C ASP A 807 28.49 20.40 1.25
N ASN A 808 28.96 19.37 1.95
CA ASN A 808 28.83 19.24 3.39
C ASN A 808 27.38 19.34 3.84
N ASN A 820 18.85 17.01 7.38
CA ASN A 820 19.28 16.98 5.98
C ASN A 820 19.69 15.56 5.57
N LEU A 821 20.69 15.47 4.68
CA LEU A 821 21.13 14.18 4.19
C LEU A 821 22.09 13.52 5.18
N THR A 822 23.02 14.30 5.73
CA THR A 822 23.97 13.76 6.69
C THR A 822 23.27 13.28 7.95
N THR A 823 22.28 14.04 8.42
CA THR A 823 21.50 13.61 9.58
C THR A 823 20.74 12.33 9.28
N SER A 824 20.22 12.20 8.06
CA SER A 824 19.51 10.98 7.68
C SER A 824 20.45 9.79 7.65
N VAL A 825 21.66 9.98 7.14
CA VAL A 825 22.64 8.88 7.11
C VAL A 825 23.05 8.50 8.53
N SER A 826 23.25 9.49 9.40
CA SER A 826 23.60 9.19 10.79
C SER A 826 22.47 8.43 11.49
N MET A 827 21.22 8.84 11.23
CA MET A 827 20.09 8.12 11.82
C MET A 827 19.97 6.71 11.27
N MET A 828 20.30 6.51 9.99
CA MET A 828 20.27 5.16 9.43
C MET A 828 21.35 4.28 10.04
N LEU A 829 22.54 4.85 10.28
CA LEU A 829 23.60 4.09 10.94
C LEU A 829 23.22 3.75 12.38
N PHE A 830 22.58 4.70 13.08
CA PHE A 830 22.10 4.41 14.43
C PHE A 830 21.03 3.33 14.41
N ASP A 831 20.18 3.33 13.38
CA ASP A 831 19.17 2.29 13.23
C ASP A 831 19.83 0.93 12.99
N THR A 832 20.90 0.90 12.19
CA THR A 832 21.64 -0.34 11.98
C THR A 832 22.21 -0.86 13.30
N PHE A 833 22.82 0.02 14.08
CA PHE A 833 23.37 -0.40 15.37
C PHE A 833 22.28 -0.90 16.30
N LEU A 834 21.14 -0.20 16.34
CA LEU A 834 20.04 -0.62 17.20
C LEU A 834 19.49 -1.98 16.77
N TYR A 835 19.37 -2.20 15.46
CA TYR A 835 18.89 -3.49 14.97
C TYR A 835 19.87 -4.60 15.28
N GLY A 836 21.18 -4.31 15.19
CA GLY A 836 22.17 -5.30 15.57
C GLY A 836 22.08 -5.68 17.03
N VAL A 837 21.94 -4.68 17.91
CA VAL A 837 21.80 -4.95 19.33
C VAL A 837 20.52 -5.75 19.60
N MET A 838 19.43 -5.39 18.92
CA MET A 838 18.17 -6.11 19.09
C MET A 838 18.30 -7.56 18.65
N THR A 839 19.00 -7.81 17.54
CA THR A 839 19.26 -9.18 17.12
C THR A 839 20.05 -9.94 18.17
N TRP A 840 21.16 -9.35 18.61
CA TRP A 840 22.05 -9.98 19.58
C TRP A 840 21.32 -10.30 20.89
N TYR A 841 20.30 -9.49 21.22
CA TYR A 841 19.54 -9.75 22.44
C TYR A 841 18.44 -10.79 22.23
N ILE A 842 17.67 -10.67 21.16
CA ILE A 842 16.50 -11.51 20.97
C ILE A 842 16.91 -12.93 20.61
N GLU A 843 18.03 -13.09 19.89
CA GLU A 843 18.49 -14.43 19.56
C GLU A 843 18.84 -15.23 20.81
N ALA A 844 19.15 -14.53 21.90
CA ALA A 844 19.53 -15.19 23.15
C ALA A 844 18.37 -15.30 24.13
N VAL A 845 17.51 -14.28 24.21
CA VAL A 845 16.46 -14.30 25.22
C VAL A 845 15.27 -15.17 24.82
N PHE A 846 14.98 -15.28 23.53
CA PHE A 846 13.81 -16.04 23.06
C PHE A 846 14.22 -16.94 21.90
N PRO A 847 14.77 -18.11 22.19
CA PRO A 847 15.09 -19.07 21.13
C PRO A 847 13.87 -19.89 20.74
N GLY A 848 14.11 -20.86 19.85
CA GLY A 848 13.06 -21.73 19.40
C GLY A 848 12.75 -22.86 20.37
N GLN A 849 12.14 -23.93 19.87
CA GLN A 849 11.81 -25.08 20.71
C GLN A 849 13.01 -25.98 20.99
N TYR A 850 14.20 -25.62 20.52
CA TYR A 850 15.40 -26.43 20.72
C TYR A 850 16.54 -25.69 21.39
N GLY A 851 16.52 -24.37 21.44
CA GLY A 851 17.58 -23.62 22.10
C GLY A 851 17.40 -23.60 23.60
N ILE A 852 18.38 -23.01 24.27
CA ILE A 852 18.41 -22.89 25.72
C ILE A 852 18.35 -21.40 26.08
N PRO A 853 17.20 -20.90 26.51
CA PRO A 853 17.11 -19.48 26.89
C PRO A 853 17.90 -19.19 28.15
N ARG A 854 18.59 -18.05 28.15
CA ARG A 854 19.39 -17.63 29.29
C ARG A 854 18.53 -16.91 30.32
N CYS A 887 27.28 -54.78 40.39
CA CYS A 887 27.16 -55.52 39.13
C CYS A 887 28.07 -54.93 38.06
N MET A 888 29.15 -54.28 38.49
CA MET A 888 30.11 -53.66 37.58
C MET A 888 31.11 -54.72 37.12
N GLU A 889 31.13 -54.98 35.82
CA GLU A 889 32.06 -55.96 35.27
C GLU A 889 33.48 -55.42 35.31
N GLU A 890 34.44 -56.30 35.00
CA GLU A 890 35.84 -55.91 34.98
C GLU A 890 36.12 -54.93 33.86
N GLU A 891 36.82 -53.85 34.19
CA GLU A 891 37.17 -52.83 33.20
C GLU A 891 38.30 -53.33 32.31
N PRO A 892 38.02 -53.58 31.02
CA PRO A 892 39.07 -54.08 30.13
C PRO A 892 40.17 -53.06 29.87
N THR A 893 41.38 -53.34 30.35
CA THR A 893 42.51 -52.46 30.17
C THR A 893 43.35 -52.81 28.94
N HIS A 894 42.84 -53.68 28.08
CA HIS A 894 43.60 -54.07 26.89
C HIS A 894 43.68 -52.94 25.87
N LEU A 895 42.73 -52.01 25.91
CA LEU A 895 42.70 -50.88 25.02
C LEU A 895 42.91 -49.58 25.78
N LYS A 896 42.98 -48.47 25.05
CA LYS A 896 43.18 -47.17 25.64
C LYS A 896 41.85 -46.54 26.03
N LEU A 897 41.89 -45.69 27.05
CA LEU A 897 40.70 -45.00 27.55
C LEU A 897 40.58 -43.65 26.84
N GLY A 898 39.46 -43.44 26.15
CA GLY A 898 39.26 -42.21 25.42
C GLY A 898 38.50 -41.15 26.21
N VAL A 899 37.35 -41.53 26.77
CA VAL A 899 36.51 -40.63 27.54
C VAL A 899 36.36 -41.23 28.93
N SER A 900 36.87 -40.53 29.93
CA SER A 900 36.84 -40.99 31.32
C SER A 900 36.10 -39.96 32.17
N ILE A 901 34.78 -40.16 32.30
CA ILE A 901 33.98 -39.29 33.15
C ILE A 901 34.31 -39.57 34.61
N GLN A 902 34.35 -38.51 35.41
CA GLN A 902 34.73 -38.61 36.83
C GLN A 902 33.86 -37.69 37.65
N ASN A 903 32.90 -38.26 38.37
CA ASN A 903 32.05 -37.55 39.33
C ASN A 903 31.29 -36.40 38.64
N LEU A 904 30.43 -36.81 37.70
CA LEU A 904 29.57 -35.88 37.00
C LEU A 904 28.29 -35.65 37.79
N VAL A 905 27.85 -34.39 37.84
CA VAL A 905 26.66 -34.02 38.59
C VAL A 905 26.06 -32.78 37.93
N LYS A 906 24.79 -32.52 38.25
CA LYS A 906 24.07 -31.38 37.70
C LYS A 906 23.19 -30.80 38.81
N VAL A 907 22.27 -29.92 38.42
CA VAL A 907 21.36 -29.28 39.37
C VAL A 907 20.15 -30.18 39.59
N TYR A 908 20.26 -31.08 40.57
CA TYR A 908 19.19 -32.01 40.90
C TYR A 908 18.74 -32.84 39.70
N LEU A 919 28.05 -39.67 38.66
CA LEU A 919 28.42 -40.85 37.90
C LEU A 919 29.84 -40.74 37.35
N ALA A 920 30.45 -41.88 37.05
CA ALA A 920 31.81 -41.91 36.52
C ALA A 920 31.97 -43.16 35.67
N LEU A 921 32.16 -42.97 34.36
CA LEU A 921 32.35 -44.08 33.43
C LEU A 921 33.72 -43.96 32.78
N ASN A 922 34.10 -45.00 32.05
CA ASN A 922 35.40 -45.06 31.37
C ASN A 922 35.19 -45.72 30.01
N PHE A 923 35.05 -44.90 28.97
CA PHE A 923 34.88 -45.41 27.62
C PHE A 923 36.23 -45.70 26.98
N TYR A 924 36.29 -46.76 26.19
CA TYR A 924 37.53 -47.26 25.62
C TYR A 924 37.56 -47.00 24.12
N GLU A 925 38.67 -47.40 23.49
CA GLU A 925 38.95 -47.01 22.11
C GLU A 925 38.24 -47.90 21.10
N GLY A 926 38.55 -49.20 21.11
CA GLY A 926 38.11 -50.09 20.05
C GLY A 926 36.76 -50.74 20.23
N GLN A 927 36.06 -50.47 21.32
CA GLN A 927 34.77 -51.09 21.60
C GLN A 927 33.64 -50.10 21.33
N ILE A 928 32.57 -50.58 20.71
CA ILE A 928 31.38 -49.79 20.47
C ILE A 928 30.50 -49.86 21.71
N THR A 929 30.70 -48.92 22.64
CA THR A 929 29.98 -48.96 23.90
C THR A 929 28.56 -48.42 23.73
N SER A 930 27.61 -49.03 24.43
CA SER A 930 26.23 -48.58 24.41
C SER A 930 25.94 -47.69 25.61
N PHE A 931 24.81 -46.98 25.55
CA PHE A 931 24.41 -46.08 26.62
C PHE A 931 22.88 -46.02 26.62
N LEU A 932 22.27 -46.73 27.56
CA LEU A 932 20.82 -46.80 27.68
C LEU A 932 20.34 -45.97 28.87
N GLY A 933 19.06 -45.61 28.82
CA GLY A 933 18.47 -44.82 29.89
C GLY A 933 17.02 -44.54 29.60
N HIS A 934 16.35 -43.98 30.60
CA HIS A 934 14.94 -43.62 30.49
C HIS A 934 14.73 -42.26 29.86
N ASN A 935 15.79 -41.59 29.43
CA ASN A 935 15.75 -40.29 28.76
C ASN A 935 15.29 -39.18 29.69
N GLY A 936 14.94 -39.53 30.93
CA GLY A 936 14.58 -38.54 31.93
C GLY A 936 15.51 -38.54 33.11
N ALA A 937 16.07 -39.70 33.43
CA ALA A 937 17.01 -39.83 34.55
C ALA A 937 18.46 -39.77 34.10
N GLY A 938 18.72 -39.64 32.80
CA GLY A 938 20.08 -39.59 32.31
C GLY A 938 20.11 -39.87 30.81
N LYS A 939 21.33 -39.93 30.29
CA LYS A 939 21.60 -40.20 28.88
C LYS A 939 21.10 -39.08 27.98
N THR A 940 20.52 -38.03 28.57
CA THR A 940 20.08 -36.85 27.85
C THR A 940 20.85 -35.60 28.26
N THR A 941 20.94 -35.33 29.56
CA THR A 941 21.77 -34.22 30.03
C THR A 941 23.23 -34.65 30.20
N THR A 942 23.48 -35.94 30.45
CA THR A 942 24.85 -36.43 30.53
C THR A 942 25.52 -36.38 29.16
N MET A 943 24.81 -36.81 28.12
CA MET A 943 25.34 -36.71 26.77
C MET A 943 25.48 -35.26 26.32
N SER A 944 24.64 -34.36 26.82
CA SER A 944 24.78 -32.94 26.52
C SER A 944 25.96 -32.35 27.28
N ILE A 945 26.17 -32.78 28.53
CA ILE A 945 27.31 -32.31 29.30
C ILE A 945 28.61 -32.82 28.69
N LEU A 946 28.58 -33.99 28.07
CA LEU A 946 29.77 -34.50 27.38
C LEU A 946 30.11 -33.63 26.17
N THR A 947 29.11 -33.01 25.55
CA THR A 947 29.34 -32.09 24.45
C THR A 947 29.52 -30.67 25.00
N GLY A 948 29.52 -29.68 24.13
CA GLY A 948 29.67 -28.30 24.51
C GLY A 948 28.38 -27.53 24.72
N LEU A 949 27.24 -28.20 24.76
CA LEU A 949 25.96 -27.54 24.95
C LEU A 949 25.88 -26.88 26.33
N PHE A 950 25.97 -27.68 27.39
CA PHE A 950 25.87 -27.18 28.75
C PHE A 950 27.17 -27.40 29.49
N PRO A 951 27.61 -26.45 30.30
CA PRO A 951 28.86 -26.63 31.05
C PRO A 951 28.66 -27.61 32.20
N PRO A 952 29.75 -28.16 32.74
CA PRO A 952 29.62 -29.12 33.84
C PRO A 952 29.33 -28.42 35.15
N THR A 953 29.00 -29.24 36.15
CA THR A 953 28.69 -28.75 37.51
C THR A 953 29.40 -29.66 38.50
N SER A 954 30.59 -29.24 38.94
CA SER A 954 31.42 -30.00 39.88
C SER A 954 31.74 -31.39 39.31
N GLY A 955 32.37 -31.37 38.15
CA GLY A 955 32.74 -32.60 37.47
C GLY A 955 33.86 -32.36 36.48
N THR A 956 34.34 -33.45 35.90
CA THR A 956 35.43 -33.38 34.93
C THR A 956 35.40 -34.63 34.07
N ALA A 957 35.85 -34.48 32.81
CA ALA A 957 35.88 -35.61 31.88
C ALA A 957 37.00 -35.34 30.88
N TYR A 958 38.13 -36.02 31.08
CA TYR A 958 39.30 -35.86 30.21
C TYR A 958 39.04 -36.60 28.90
N ILE A 959 38.49 -35.88 27.93
CA ILE A 959 38.19 -36.44 26.62
C ILE A 959 39.49 -36.55 25.82
N LEU A 960 40.04 -37.77 25.75
CA LEU A 960 41.27 -38.04 25.02
C LEU A 960 42.44 -37.22 25.54
N GLY A 961 42.42 -36.89 26.83
CA GLY A 961 43.49 -36.12 27.43
C GLY A 961 43.26 -34.62 27.41
N LYS A 962 42.03 -34.21 27.67
CA LYS A 962 41.68 -32.78 27.66
C LYS A 962 40.42 -32.59 28.49
N ASP A 963 40.50 -31.77 29.53
CA ASP A 963 39.34 -31.49 30.36
C ASP A 963 38.31 -30.69 29.57
N ILE A 964 37.02 -30.95 29.87
CA ILE A 964 35.95 -30.28 29.16
C ILE A 964 35.95 -28.78 29.49
N ARG A 965 36.10 -28.44 30.77
CA ARG A 965 36.08 -27.04 31.19
C ARG A 965 37.38 -26.32 30.86
N SER A 966 38.44 -27.06 30.53
CA SER A 966 39.72 -26.43 30.25
C SER A 966 39.79 -25.90 28.83
N GLU A 967 39.65 -26.79 27.85
CA GLU A 967 39.76 -26.42 26.43
C GLU A 967 38.56 -27.01 25.68
N MET A 968 37.75 -26.16 25.08
CA MET A 968 36.61 -26.59 24.29
C MET A 968 36.86 -26.47 22.79
N SER A 969 37.89 -25.76 22.37
CA SER A 969 38.19 -25.62 20.94
C SER A 969 38.93 -26.84 20.41
N THR A 970 39.98 -27.27 21.10
CA THR A 970 40.72 -28.45 20.68
C THR A 970 39.90 -29.72 20.83
N ILE A 971 38.93 -29.73 21.75
CA ILE A 971 38.09 -30.91 21.94
C ILE A 971 37.19 -31.10 20.72
N ARG A 972 36.55 -30.03 20.27
CA ARG A 972 35.66 -30.11 19.11
C ARG A 972 36.40 -30.28 17.79
N GLN A 973 37.74 -30.23 17.80
CA GLN A 973 38.50 -30.41 16.57
C GLN A 973 38.63 -31.87 16.17
N ASN A 974 38.50 -32.80 17.12
CA ASN A 974 38.59 -34.23 16.84
C ASN A 974 37.48 -34.98 17.56
N LEU A 975 36.27 -34.44 17.54
CA LEU A 975 35.11 -35.06 18.18
C LEU A 975 33.89 -34.81 17.31
N GLY A 976 33.49 -35.82 16.55
CA GLY A 976 32.31 -35.71 15.72
C GLY A 976 31.02 -35.88 16.50
N VAL A 977 29.91 -35.71 15.80
CA VAL A 977 28.59 -35.82 16.40
C VAL A 977 27.55 -36.12 15.34
N CYS A 978 26.49 -36.81 15.72
CA CYS A 978 25.39 -37.15 14.80
C CYS A 978 24.10 -37.18 15.59
N PRO A 979 23.36 -36.08 15.63
CA PRO A 979 22.12 -36.05 16.41
C PRO A 979 21.00 -36.79 15.69
N GLN A 980 19.83 -36.80 16.33
CA GLN A 980 18.67 -37.46 15.74
C GLN A 980 18.22 -36.77 14.46
N HIS A 981 18.18 -35.43 14.48
CA HIS A 981 17.83 -34.67 13.28
C HIS A 981 18.98 -34.67 12.29
N ASN A 982 18.81 -35.38 11.17
CA ASN A 982 19.85 -35.46 10.17
C ASN A 982 20.14 -34.08 9.56
N VAL A 983 21.38 -33.90 9.12
CA VAL A 983 21.82 -32.63 8.55
C VAL A 983 22.18 -32.89 7.08
N LEU A 984 21.29 -32.50 6.18
CA LEU A 984 21.52 -32.67 4.75
C LEU A 984 20.91 -31.48 4.03
N PHE A 985 21.77 -30.62 3.48
CA PHE A 985 21.30 -29.44 2.76
C PHE A 985 20.69 -29.85 1.42
N ASP A 986 19.63 -29.16 1.02
CA ASP A 986 18.98 -29.43 -0.25
C ASP A 986 19.70 -28.66 -1.36
N MET A 987 19.33 -28.98 -2.60
CA MET A 987 19.93 -28.40 -3.81
C MET A 987 21.44 -28.60 -3.86
N LEU A 988 21.95 -29.63 -3.19
CA LEU A 988 23.38 -29.92 -3.16
C LEU A 988 23.60 -31.41 -3.42
N THR A 989 24.82 -31.74 -3.83
CA THR A 989 25.20 -33.12 -4.09
C THR A 989 25.89 -33.71 -2.87
N VAL A 990 25.91 -35.05 -2.81
CA VAL A 990 26.54 -35.72 -1.68
C VAL A 990 28.06 -35.52 -1.72
N GLU A 991 28.62 -35.39 -2.92
CA GLU A 991 30.05 -35.10 -3.03
C GLU A 991 30.36 -33.72 -2.49
N GLU A 992 29.53 -32.73 -2.82
CA GLU A 992 29.72 -31.40 -2.26
C GLU A 992 29.48 -31.38 -0.76
N HIS A 993 28.55 -32.21 -0.27
CA HIS A 993 28.35 -32.33 1.17
C HIS A 993 29.62 -32.83 1.86
N ILE A 994 30.19 -33.93 1.35
CA ILE A 994 31.40 -34.48 1.93
C ILE A 994 32.54 -33.48 1.85
N TRP A 995 32.65 -32.78 0.71
CA TRP A 995 33.71 -31.79 0.55
C TRP A 995 33.58 -30.66 1.58
N PHE A 996 32.36 -30.13 1.74
CA PHE A 996 32.14 -29.04 2.68
C PHE A 996 32.43 -29.49 4.11
N TYR A 997 31.96 -30.68 4.48
CA TYR A 997 32.18 -31.15 5.84
C TYR A 997 33.66 -31.43 6.11
N ALA A 998 34.37 -31.95 5.10
CA ALA A 998 35.80 -32.21 5.27
C ALA A 998 36.58 -30.90 5.38
N ARG A 999 36.21 -29.90 4.59
CA ARG A 999 36.87 -28.60 4.68
C ARG A 999 36.56 -27.92 6.00
N LEU A 1000 35.35 -28.13 6.54
CA LEU A 1000 35.03 -27.58 7.86
C LEU A 1000 35.75 -28.34 8.96
N LYS A 1001 36.10 -29.60 8.72
CA LYS A 1001 36.87 -30.36 9.71
C LYS A 1001 38.29 -29.83 9.84
N GLY A 1002 38.90 -29.42 8.73
CA GLY A 1002 40.25 -28.86 8.76
C GLY A 1002 41.26 -29.65 7.97
N LEU A 1003 40.79 -30.51 7.07
CA LEU A 1003 41.69 -31.33 6.28
C LEU A 1003 42.23 -30.56 5.08
N SER A 1004 43.40 -30.97 4.62
CA SER A 1004 44.02 -30.34 3.45
C SER A 1004 43.29 -30.77 2.18
N GLU A 1005 43.77 -30.25 1.04
CA GLU A 1005 43.12 -30.55 -0.23
C GLU A 1005 43.27 -32.02 -0.61
N LYS A 1006 44.50 -32.51 -0.64
CA LYS A 1006 44.73 -33.91 -0.97
C LYS A 1006 44.13 -34.82 0.10
N HIS A 1007 44.21 -34.42 1.36
CA HIS A 1007 43.59 -35.20 2.43
C HIS A 1007 42.08 -35.26 2.27
N VAL A 1008 41.46 -34.14 1.91
CA VAL A 1008 40.02 -34.12 1.70
C VAL A 1008 39.65 -34.99 0.50
N LYS A 1009 40.47 -34.97 -0.56
CA LYS A 1009 40.18 -35.81 -1.72
C LYS A 1009 40.28 -37.29 -1.37
N ALA A 1010 41.31 -37.67 -0.61
CA ALA A 1010 41.46 -39.05 -0.19
C ALA A 1010 40.31 -39.49 0.71
N GLU A 1011 39.91 -38.62 1.64
CA GLU A 1011 38.80 -38.95 2.52
C GLU A 1011 37.49 -39.07 1.75
N MET A 1012 37.28 -38.21 0.75
CA MET A 1012 36.07 -38.31 -0.07
C MET A 1012 36.06 -39.59 -0.89
N GLU A 1013 37.21 -39.97 -1.45
CA GLU A 1013 37.31 -41.24 -2.18
C GLU A 1013 37.01 -42.41 -1.27
N GLN A 1014 37.58 -42.41 -0.05
CA GLN A 1014 37.34 -43.50 0.89
C GLN A 1014 35.87 -43.57 1.29
N MET A 1015 35.26 -42.40 1.53
CA MET A 1015 33.85 -42.38 1.92
C MET A 1015 32.95 -42.84 0.78
N ALA A 1016 33.28 -42.49 -0.46
CA ALA A 1016 32.49 -42.96 -1.60
C ALA A 1016 32.66 -44.45 -1.82
N LEU A 1017 33.85 -44.98 -1.52
CA LEU A 1017 34.06 -46.42 -1.66
C LEU A 1017 33.39 -47.20 -0.54
N ASP A 1018 33.29 -46.62 0.65
CA ASP A 1018 32.72 -47.32 1.80
C ASP A 1018 31.21 -47.13 1.92
N VAL A 1019 30.66 -46.10 1.26
CA VAL A 1019 29.23 -45.83 1.38
C VAL A 1019 28.43 -46.91 0.65
N GLY A 1020 28.65 -47.04 -0.65
CA GLY A 1020 27.95 -48.03 -1.45
C GLY A 1020 27.23 -47.41 -2.64
N LEU A 1021 27.47 -46.12 -2.88
CA LEU A 1021 26.86 -45.40 -4.00
C LEU A 1021 27.96 -44.76 -4.85
N PRO A 1022 28.95 -45.54 -5.28
CA PRO A 1022 30.05 -44.99 -6.09
C PRO A 1022 29.69 -44.90 -7.57
N SER A 1023 28.78 -43.98 -7.89
CA SER A 1023 28.32 -43.77 -9.26
C SER A 1023 27.91 -42.31 -9.43
N SER A 1024 28.14 -41.78 -10.63
CA SER A 1024 27.78 -40.39 -10.91
C SER A 1024 26.27 -40.16 -10.84
N LYS A 1025 25.46 -41.21 -11.03
CA LYS A 1025 24.02 -41.05 -10.93
C LYS A 1025 23.59 -40.71 -9.50
N LEU A 1026 24.39 -41.09 -8.51
CA LEU A 1026 24.11 -40.79 -7.11
C LEU A 1026 25.08 -39.81 -6.49
N LYS A 1027 26.34 -39.79 -6.94
CA LYS A 1027 27.32 -38.87 -6.36
C LYS A 1027 27.07 -37.43 -6.83
N SER A 1028 26.61 -37.25 -8.06
CA SER A 1028 26.35 -35.92 -8.61
C SER A 1028 24.89 -35.52 -8.53
N LYS A 1029 24.03 -36.36 -7.98
CA LYS A 1029 22.62 -36.02 -7.86
C LYS A 1029 22.35 -35.27 -6.57
N THR A 1030 21.16 -34.68 -6.50
CA THR A 1030 20.75 -33.91 -5.32
C THR A 1030 20.26 -34.85 -4.23
N SER A 1031 19.67 -34.27 -3.18
CA SER A 1031 19.13 -35.04 -2.06
C SER A 1031 17.81 -35.67 -2.48
N GLN A 1032 17.91 -36.67 -3.36
CA GLN A 1032 16.75 -37.36 -3.88
C GLN A 1032 16.70 -38.85 -3.53
N LEU A 1033 17.71 -39.37 -2.84
CA LEU A 1033 17.73 -40.78 -2.48
C LEU A 1033 16.65 -41.08 -1.44
N SER A 1034 16.38 -42.37 -1.27
CA SER A 1034 15.39 -42.82 -0.30
C SER A 1034 15.88 -42.54 1.12
N GLY A 1035 14.97 -42.75 2.08
CA GLY A 1035 15.30 -42.49 3.47
C GLY A 1035 16.45 -43.33 3.99
N GLY A 1036 16.60 -44.55 3.48
CA GLY A 1036 17.69 -45.42 3.89
C GLY A 1036 19.05 -44.86 3.59
N MET A 1037 19.32 -44.59 2.31
CA MET A 1037 20.59 -44.00 1.91
C MET A 1037 20.78 -42.61 2.51
N GLN A 1038 19.70 -41.86 2.70
CA GLN A 1038 19.81 -40.54 3.33
C GLN A 1038 20.33 -40.67 4.76
N ARG A 1039 19.71 -41.55 5.55
CA ARG A 1039 20.17 -41.77 6.91
C ARG A 1039 21.59 -42.32 6.94
N LYS A 1040 21.92 -43.22 6.00
CA LYS A 1040 23.27 -43.77 5.92
C LYS A 1040 24.29 -42.68 5.68
N LEU A 1041 24.00 -41.78 4.72
CA LEU A 1041 24.92 -40.69 4.43
C LEU A 1041 25.03 -39.74 5.62
N SER A 1042 23.92 -39.46 6.30
CA SER A 1042 23.95 -38.54 7.42
C SER A 1042 24.77 -39.10 8.58
N VAL A 1043 24.69 -40.42 8.81
CA VAL A 1043 25.45 -41.01 9.91
C VAL A 1043 26.90 -41.22 9.50
N ALA A 1044 27.17 -41.35 8.20
CA ALA A 1044 28.54 -41.50 7.74
C ALA A 1044 29.27 -40.15 7.72
N LEU A 1045 28.52 -39.05 7.55
CA LEU A 1045 29.12 -37.72 7.54
C LEU A 1045 29.83 -37.43 8.86
N ALA A 1046 29.30 -37.95 9.98
CA ALA A 1046 29.90 -37.70 11.28
C ALA A 1046 31.29 -38.32 11.41
N PHE A 1047 31.68 -39.20 10.47
CA PHE A 1047 32.98 -39.85 10.53
C PHE A 1047 34.02 -39.22 9.62
N VAL A 1048 33.65 -38.20 8.85
CA VAL A 1048 34.62 -37.57 7.96
C VAL A 1048 35.64 -36.78 8.78
N GLY A 1049 36.84 -36.64 8.22
CA GLY A 1049 37.91 -35.91 8.88
C GLY A 1049 38.76 -36.75 9.82
N GLY A 1050 38.46 -38.03 9.98
CA GLY A 1050 39.22 -38.87 10.89
C GLY A 1050 39.00 -38.53 12.36
N SER A 1051 37.75 -38.36 12.76
CA SER A 1051 37.44 -38.03 14.15
C SER A 1051 37.74 -39.23 15.05
N LYS A 1052 38.52 -38.98 16.10
CA LYS A 1052 38.88 -40.06 17.02
C LYS A 1052 37.78 -40.38 18.02
N VAL A 1053 36.78 -39.50 18.16
CA VAL A 1053 35.69 -39.70 19.08
C VAL A 1053 34.39 -39.28 18.40
N VAL A 1054 33.39 -40.17 18.41
CA VAL A 1054 32.09 -39.89 17.83
C VAL A 1054 31.02 -40.19 18.86
N ILE A 1055 29.92 -39.43 18.80
CA ILE A 1055 28.79 -39.58 19.72
C ILE A 1055 27.53 -39.65 18.87
N LEU A 1056 27.05 -40.86 18.61
CA LEU A 1056 25.84 -41.04 17.83
C LEU A 1056 24.61 -40.80 18.70
N ASP A 1057 23.46 -40.67 18.05
CA ASP A 1057 22.20 -40.45 18.76
C ASP A 1057 21.07 -40.97 17.91
N GLU A 1058 20.48 -42.10 18.31
CA GLU A 1058 19.34 -42.70 17.63
C GLU A 1058 19.63 -43.00 16.15
N PRO A 1059 20.50 -43.97 15.86
CA PRO A 1059 20.70 -44.38 14.48
C PRO A 1059 19.66 -45.39 14.05
N THR A 1060 19.31 -45.34 12.76
CA THR A 1060 18.28 -46.21 12.17
C THR A 1060 16.99 -46.13 12.97
N ALA A 1061 16.48 -44.92 13.15
CA ALA A 1061 15.29 -44.72 13.98
C ALA A 1061 14.05 -45.34 13.32
N GLY A 1062 13.73 -44.93 12.10
CA GLY A 1062 12.54 -45.40 11.43
C GLY A 1062 12.79 -45.92 10.04
N VAL A 1063 13.91 -46.59 9.83
CA VAL A 1063 14.28 -47.10 8.52
C VAL A 1063 14.02 -48.61 8.49
N ASP A 1064 13.94 -49.16 7.28
CA ASP A 1064 13.70 -50.59 7.09
C ASP A 1064 14.87 -51.42 7.62
N PRO A 1065 14.66 -52.70 7.93
CA PRO A 1065 15.76 -53.49 8.50
C PRO A 1065 16.93 -53.70 7.55
N TYR A 1066 16.72 -53.62 6.24
CA TYR A 1066 17.83 -53.81 5.31
C TYR A 1066 18.82 -52.66 5.39
N SER A 1067 18.33 -51.43 5.30
CA SER A 1067 19.21 -50.28 5.49
C SER A 1067 19.75 -50.22 6.91
N ARG A 1068 19.01 -50.77 7.88
CA ARG A 1068 19.52 -50.86 9.24
C ARG A 1068 20.75 -51.76 9.30
N ARG A 1069 20.69 -52.93 8.65
CA ARG A 1069 21.85 -53.81 8.60
C ARG A 1069 22.99 -53.17 7.81
N GLY A 1070 22.66 -52.42 6.75
CA GLY A 1070 23.71 -51.72 6.02
C GLY A 1070 24.43 -50.69 6.86
N ILE A 1071 23.66 -49.92 7.64
CA ILE A 1071 24.26 -48.92 8.53
C ILE A 1071 25.05 -49.61 9.64
N TRP A 1072 24.58 -50.77 10.10
CA TRP A 1072 25.32 -51.54 11.10
C TRP A 1072 26.67 -51.97 10.54
N GLU A 1073 26.69 -52.44 9.29
CA GLU A 1073 27.94 -52.84 8.65
C GLU A 1073 28.86 -51.64 8.46
N LEU A 1074 28.31 -50.50 8.04
CA LEU A 1074 29.11 -49.30 7.88
C LEU A 1074 29.70 -48.85 9.21
N LEU A 1075 28.95 -49.01 10.29
CA LEU A 1075 29.45 -48.65 11.62
C LEU A 1075 30.54 -49.60 12.07
N LEU A 1076 30.33 -50.90 11.89
CA LEU A 1076 31.35 -51.87 12.27
C LEU A 1076 32.61 -51.75 11.42
N LYS A 1077 32.51 -51.20 10.22
CA LYS A 1077 33.70 -50.93 9.42
C LYS A 1077 34.54 -49.81 10.01
N TYR A 1078 33.99 -49.02 10.93
CA TYR A 1078 34.70 -47.92 11.55
C TYR A 1078 34.92 -48.16 13.05
N ARG A 1079 35.18 -49.40 13.44
CA ARG A 1079 35.40 -49.74 14.83
C ARG A 1079 36.87 -49.83 15.20
N GLN A 1080 37.78 -49.59 14.25
CA GLN A 1080 39.22 -49.70 14.50
C GLN A 1080 39.69 -48.45 15.25
N GLY A 1081 39.32 -48.37 16.52
CA GLY A 1081 39.76 -47.28 17.36
C GLY A 1081 39.09 -45.94 17.07
N ARG A 1082 37.78 -45.86 17.30
CA ARG A 1082 37.06 -44.62 17.09
C ARG A 1082 36.18 -44.21 18.27
N THR A 1083 36.02 -45.04 19.29
CA THR A 1083 35.25 -44.73 20.49
C THR A 1083 33.81 -44.33 20.13
N ILE A 1084 33.08 -45.30 19.59
CA ILE A 1084 31.68 -45.08 19.24
C ILE A 1084 30.82 -45.21 20.50
N ILE A 1085 30.04 -44.18 20.78
CA ILE A 1085 29.19 -44.13 21.97
C ILE A 1085 27.74 -44.12 21.48
N LEU A 1086 27.13 -45.30 21.45
CA LEU A 1086 25.76 -45.41 20.98
C LEU A 1086 24.77 -44.98 22.07
N SER A 1087 23.65 -44.41 21.64
CA SER A 1087 22.60 -43.99 22.57
C SER A 1087 21.27 -44.13 21.84
N THR A 1088 20.58 -45.25 22.07
CA THR A 1088 19.33 -45.54 21.40
C THR A 1088 18.37 -46.20 22.38
N HIS A 1089 17.10 -46.26 22.00
CA HIS A 1089 16.08 -46.92 22.80
C HIS A 1089 15.77 -48.33 22.31
N HIS A 1090 16.23 -48.69 21.12
CA HIS A 1090 16.05 -50.05 20.62
C HIS A 1090 16.97 -51.02 21.34
N MET A 1091 16.48 -52.22 21.59
CA MET A 1091 17.19 -53.22 22.37
C MET A 1091 18.07 -54.11 21.51
N ASP A 1092 17.53 -54.62 20.39
CA ASP A 1092 18.31 -55.51 19.53
C ASP A 1092 19.50 -54.79 18.92
N GLU A 1093 19.33 -53.50 18.56
CA GLU A 1093 20.43 -52.74 17.99
C GLU A 1093 21.56 -52.56 19.00
N ALA A 1094 21.22 -52.08 20.20
CA ALA A 1094 22.23 -51.91 21.25
C ALA A 1094 22.79 -53.25 21.73
N ASP A 1095 22.10 -54.35 21.46
CA ASP A 1095 22.60 -55.67 21.86
C ASP A 1095 23.63 -56.19 20.85
N VAL A 1096 23.28 -56.17 19.56
CA VAL A 1096 24.18 -56.70 18.55
C VAL A 1096 25.26 -55.69 18.15
N LEU A 1097 25.15 -54.44 18.59
CA LEU A 1097 26.20 -53.45 18.35
C LEU A 1097 27.00 -53.10 19.60
N GLY A 1098 26.35 -53.10 20.77
CA GLY A 1098 27.04 -52.67 21.98
C GLY A 1098 28.02 -53.71 22.47
N ASP A 1099 29.25 -53.29 22.73
CA ASP A 1099 30.26 -54.16 23.31
C ASP A 1099 30.34 -54.06 24.83
N ARG A 1100 30.04 -52.88 25.39
CA ARG A 1100 30.01 -52.68 26.84
C ARG A 1100 28.73 -51.89 27.15
N ILE A 1101 27.64 -52.62 27.39
CA ILE A 1101 26.37 -51.98 27.70
C ILE A 1101 26.42 -51.38 29.09
N ALA A 1102 25.99 -50.12 29.21
CA ALA A 1102 25.97 -49.41 30.49
C ALA A 1102 24.61 -48.75 30.64
N ILE A 1103 23.93 -49.05 31.75
CA ILE A 1103 22.61 -48.50 32.03
C ILE A 1103 22.70 -47.62 33.27
N ILE A 1104 22.00 -46.48 33.22
CA ILE A 1104 21.96 -45.53 34.33
C ILE A 1104 20.52 -45.21 34.68
N SER A 1105 20.31 -44.83 35.94
CA SER A 1105 18.98 -44.45 36.41
C SER A 1105 19.14 -43.62 37.67
N HIS A 1106 18.21 -42.69 37.87
CA HIS A 1106 18.25 -41.74 38.99
C HIS A 1106 19.57 -40.96 39.00
N GLY A 1107 20.10 -40.71 37.80
CA GLY A 1107 21.34 -39.97 37.66
C GLY A 1107 22.57 -40.71 38.14
N LYS A 1108 22.42 -42.00 38.44
CA LYS A 1108 23.51 -42.82 38.94
C LYS A 1108 23.68 -44.05 38.06
N LEU A 1109 24.91 -44.57 38.03
CA LEU A 1109 25.20 -45.77 37.26
C LEU A 1109 24.67 -47.00 37.99
N CYS A 1110 23.95 -47.86 37.27
CA CYS A 1110 23.36 -49.06 37.84
C CYS A 1110 24.09 -50.33 37.43
N CYS A 1111 24.24 -50.56 36.13
CA CYS A 1111 24.89 -51.75 35.62
C CYS A 1111 25.80 -51.39 34.45
N VAL A 1112 26.86 -52.16 34.30
CA VAL A 1112 27.83 -51.95 33.22
C VAL A 1112 28.55 -53.26 32.93
N GLY A 1113 28.72 -53.58 31.65
CA GLY A 1113 29.38 -54.81 31.25
C GLY A 1113 28.92 -55.36 29.93
N SER A 1114 29.50 -56.49 29.51
CA SER A 1114 29.17 -57.09 28.23
C SER A 1114 27.75 -57.65 28.23
N SER A 1115 27.32 -58.16 27.07
CA SER A 1115 25.97 -58.69 26.95
C SER A 1115 25.81 -60.00 27.71
N LEU A 1116 26.78 -60.91 27.58
CA LEU A 1116 26.68 -62.20 28.26
C LEU A 1116 26.73 -62.02 29.77
N PHE A 1117 27.59 -61.11 30.25
CA PHE A 1117 27.69 -60.86 31.69
C PHE A 1117 26.37 -60.34 32.24
N LEU A 1118 25.76 -59.38 31.57
CA LEU A 1118 24.49 -58.83 32.05
C LEU A 1118 23.36 -59.85 31.93
N LYS A 1119 23.42 -60.72 30.90
CA LYS A 1119 22.36 -61.70 30.70
C LYS A 1119 22.44 -62.88 31.66
N ASN A 1120 23.65 -63.22 32.14
CA ASN A 1120 23.80 -64.35 33.04
C ASN A 1120 23.99 -63.96 34.50
N GLN A 1121 24.25 -62.68 34.79
CA GLN A 1121 24.42 -62.27 36.18
C GLN A 1121 23.08 -62.07 36.87
N LEU A 1122 22.18 -61.30 36.25
CA LEU A 1122 20.87 -61.04 36.85
C LEU A 1122 19.72 -61.32 35.90
N GLY A 1123 19.99 -61.81 34.69
CA GLY A 1123 18.93 -62.13 33.76
C GLY A 1123 18.25 -63.45 34.09
N THR A 1124 17.05 -63.63 33.54
CA THR A 1124 16.30 -64.84 33.76
C THR A 1124 16.87 -65.99 32.92
N GLY A 1125 16.27 -67.16 33.05
CA GLY A 1125 16.73 -68.33 32.34
C GLY A 1125 16.36 -68.29 30.86
N TYR A 1126 16.58 -69.43 30.21
CA TYR A 1126 16.31 -69.53 28.78
C TYR A 1126 14.80 -69.56 28.52
N TYR A 1127 14.43 -69.15 27.31
CA TYR A 1127 13.05 -69.21 26.86
C TYR A 1127 12.93 -70.31 25.81
N LEU A 1128 12.14 -71.33 26.12
CA LEU A 1128 11.94 -72.48 25.24
C LEU A 1128 10.52 -72.45 24.70
N THR A 1129 10.39 -72.34 23.39
CA THR A 1129 9.10 -72.21 22.72
C THR A 1129 8.80 -73.46 21.89
N LEU A 1130 7.51 -73.75 21.78
CA LEU A 1130 7.01 -74.90 21.06
C LEU A 1130 5.90 -74.41 20.12
N VAL A 1131 5.92 -74.85 18.88
CA VAL A 1131 4.88 -74.49 17.91
C VAL A 1131 3.97 -75.68 17.69
N LYS A 1132 2.69 -75.41 17.47
CA LYS A 1132 1.70 -76.45 17.26
C LYS A 1132 1.75 -76.97 15.83
N VAL A 1180 -2.39 -79.36 26.63
CA VAL A 1180 -1.19 -78.60 26.99
C VAL A 1180 -0.68 -79.04 28.37
N SER A 1181 -1.51 -79.82 29.07
CA SER A 1181 -1.12 -80.29 30.40
C SER A 1181 -0.07 -81.38 30.31
N ALA A 1182 -0.09 -82.17 29.25
CA ALA A 1182 0.88 -83.27 29.11
C ALA A 1182 2.29 -82.74 28.96
N ILE A 1183 2.50 -81.81 28.03
CA ILE A 1183 3.81 -81.22 27.82
C ILE A 1183 4.25 -80.44 29.06
N SER A 1184 3.30 -79.78 29.73
CA SER A 1184 3.62 -79.03 30.94
C SER A 1184 4.12 -79.97 32.03
N ASN A 1185 3.44 -81.10 32.22
CA ASN A 1185 3.88 -82.07 33.22
C ASN A 1185 5.20 -82.70 32.84
N LEU A 1186 5.43 -82.95 31.54
CA LEU A 1186 6.71 -83.49 31.11
C LEU A 1186 7.84 -82.51 31.39
N ILE A 1187 7.62 -81.22 31.15
CA ILE A 1187 8.65 -80.22 31.41
C ILE A 1187 8.87 -80.07 32.91
N ARG A 1188 7.79 -80.18 33.71
CA ARG A 1188 7.95 -80.09 35.16
C ARG A 1188 8.70 -81.29 35.71
N LYS A 1189 8.53 -82.46 35.10
CA LYS A 1189 9.30 -83.63 35.52
C LYS A 1189 10.74 -83.54 35.06
N HIS A 1190 10.98 -82.92 33.90
CA HIS A 1190 12.36 -82.76 33.43
C HIS A 1190 13.08 -81.66 34.18
N VAL A 1191 12.39 -80.56 34.48
CA VAL A 1191 12.96 -79.43 35.20
C VAL A 1191 11.98 -79.00 36.28
N SER A 1192 12.47 -78.91 37.51
CA SER A 1192 11.61 -78.57 38.64
C SER A 1192 11.23 -77.09 38.64
N GLU A 1193 12.20 -76.22 38.45
CA GLU A 1193 11.98 -74.77 38.50
C GLU A 1193 11.35 -74.22 37.23
N ALA A 1194 10.91 -75.09 36.31
CA ALA A 1194 10.29 -74.62 35.08
C ALA A 1194 8.88 -74.09 35.36
N ARG A 1195 8.37 -73.32 34.42
CA ARG A 1195 7.04 -72.75 34.53
C ARG A 1195 6.49 -72.44 33.15
N LEU A 1196 5.18 -72.24 33.07
CA LEU A 1196 4.50 -71.91 31.82
C LEU A 1196 4.41 -70.39 31.73
N VAL A 1197 5.22 -69.82 30.83
CA VAL A 1197 5.27 -68.36 30.71
C VAL A 1197 4.01 -67.84 30.04
N GLU A 1198 3.75 -68.26 28.81
CA GLU A 1198 2.59 -67.77 28.08
C GLU A 1198 2.27 -68.72 26.94
N ASP A 1199 0.97 -68.93 26.72
CA ASP A 1199 0.49 -69.79 25.64
C ASP A 1199 -0.41 -68.98 24.72
N ILE A 1200 -0.05 -68.93 23.44
CA ILE A 1200 -0.81 -68.16 22.46
C ILE A 1200 -1.29 -69.08 21.35
N GLY A 1201 -1.96 -68.51 20.35
CA GLY A 1201 -2.46 -69.29 19.24
C GLY A 1201 -1.38 -70.05 18.49
N HIS A 1202 -1.42 -71.38 18.58
CA HIS A 1202 -0.46 -72.26 17.90
C HIS A 1202 0.97 -71.95 18.34
N GLU A 1203 1.15 -71.78 19.65
CA GLU A 1203 2.47 -71.50 20.22
C GLU A 1203 2.38 -71.66 21.72
N LEU A 1204 3.54 -71.87 22.34
CA LEU A 1204 3.63 -71.97 23.79
C LEU A 1204 5.07 -71.67 24.21
N THR A 1205 5.25 -71.02 25.35
CA THR A 1205 6.57 -70.68 25.84
C THR A 1205 6.73 -71.13 27.29
N TYR A 1206 7.97 -71.48 27.64
CA TYR A 1206 8.31 -71.87 28.99
C TYR A 1206 9.65 -71.27 29.36
N VAL A 1207 9.90 -71.14 30.66
CA VAL A 1207 11.11 -70.52 31.17
C VAL A 1207 11.95 -71.58 31.87
N LEU A 1208 13.26 -71.53 31.65
CA LEU A 1208 14.23 -72.39 32.33
C LEU A 1208 15.15 -71.47 33.13
N PRO A 1209 14.78 -71.14 34.36
CA PRO A 1209 15.63 -70.24 35.15
C PRO A 1209 16.79 -70.98 35.80
N TYR A 1210 18.00 -70.70 35.32
CA TYR A 1210 19.21 -71.30 35.86
C TYR A 1210 20.20 -70.22 36.31
N GLU A 1215 24.56 -79.23 35.39
CA GLU A 1215 23.49 -78.76 34.54
C GLU A 1215 23.14 -79.77 33.45
N GLY A 1216 23.22 -81.05 33.80
CA GLY A 1216 22.91 -82.11 32.86
C GLY A 1216 21.44 -82.26 32.53
N ALA A 1217 20.58 -81.45 33.14
CA ALA A 1217 19.15 -81.55 32.86
C ALA A 1217 18.82 -81.15 31.43
N PHE A 1218 19.64 -80.28 30.83
CA PHE A 1218 19.40 -79.86 29.45
C PHE A 1218 19.42 -81.05 28.50
N VAL A 1219 20.44 -81.90 28.60
CA VAL A 1219 20.58 -83.02 27.67
C VAL A 1219 19.41 -83.98 27.80
N GLU A 1220 19.07 -84.36 29.03
CA GLU A 1220 17.97 -85.30 29.24
C GLU A 1220 16.64 -84.72 28.78
N LEU A 1221 16.40 -83.44 29.10
CA LEU A 1221 15.14 -82.81 28.69
C LEU A 1221 15.03 -82.74 27.16
N PHE A 1222 16.11 -82.32 26.49
CA PHE A 1222 16.06 -82.21 25.03
C PHE A 1222 15.93 -83.59 24.38
N HIS A 1223 16.57 -84.61 24.97
CA HIS A 1223 16.45 -85.96 24.42
C HIS A 1223 15.03 -86.47 24.57
N GLU A 1224 14.42 -86.24 25.73
CA GLU A 1224 13.04 -86.68 25.95
C GLU A 1224 12.08 -85.90 25.04
N ILE A 1225 12.39 -84.64 24.75
CA ILE A 1225 11.54 -83.85 23.87
C ILE A 1225 11.65 -84.35 22.43
N ASP A 1226 12.88 -84.62 21.97
CA ASP A 1226 13.07 -85.06 20.60
C ASP A 1226 12.59 -86.49 20.39
N ASP A 1227 12.57 -87.30 21.46
CA ASP A 1227 12.12 -88.68 21.34
C ASP A 1227 10.60 -88.76 21.24
N ARG A 1228 9.90 -88.07 22.14
CA ARG A 1228 8.44 -88.05 22.16
C ARG A 1228 7.86 -86.81 21.49
N LEU A 1229 8.49 -86.32 20.42
CA LEU A 1229 8.00 -85.12 19.75
C LEU A 1229 6.64 -85.36 19.11
N SER A 1230 6.47 -86.52 18.46
CA SER A 1230 5.22 -86.83 17.76
C SER A 1230 4.06 -87.14 18.69
N ASP A 1231 4.30 -87.17 20.01
CA ASP A 1231 3.22 -87.46 20.96
C ASP A 1231 2.18 -86.34 20.95
N LEU A 1232 2.61 -85.12 21.27
CA LEU A 1232 1.70 -83.99 21.28
C LEU A 1232 1.64 -83.35 19.89
N GLY A 1233 0.97 -82.19 19.81
CA GLY A 1233 0.83 -81.49 18.56
C GLY A 1233 2.01 -80.59 18.25
N ILE A 1234 3.10 -80.74 19.01
CA ILE A 1234 4.29 -79.92 18.79
C ILE A 1234 4.94 -80.30 17.47
N SER A 1235 5.09 -79.31 16.59
CA SER A 1235 5.71 -79.53 15.28
C SER A 1235 7.14 -79.06 15.18
N SER A 1236 7.55 -78.08 15.99
CA SER A 1236 8.91 -77.58 15.97
C SER A 1236 9.20 -76.90 17.31
N TYR A 1237 10.48 -76.90 17.69
CA TYR A 1237 10.94 -76.36 18.95
C TYR A 1237 11.79 -75.13 18.69
N GLY A 1238 12.12 -74.42 19.77
CA GLY A 1238 13.03 -73.28 19.68
C GLY A 1238 13.55 -72.85 21.03
N ILE A 1239 14.78 -72.36 21.08
CA ILE A 1239 15.41 -71.91 22.32
C ILE A 1239 15.99 -70.53 22.09
N SER A 1240 15.90 -69.68 23.12
CA SER A 1240 16.41 -68.32 23.01
C SER A 1240 16.91 -67.86 24.38
N GLU A 1241 17.84 -66.90 24.36
CA GLU A 1241 18.32 -66.31 25.59
C GLU A 1241 17.41 -65.16 26.01
N THR A 1242 17.74 -64.53 27.14
CA THR A 1242 16.97 -63.40 27.63
C THR A 1242 17.36 -62.13 26.89
N THR A 1243 16.37 -61.45 26.32
CA THR A 1243 16.62 -60.20 25.62
C THR A 1243 16.96 -59.08 26.60
N LEU A 1244 17.58 -58.02 26.07
CA LEU A 1244 18.04 -56.94 26.93
C LEU A 1244 16.88 -56.11 27.48
N GLU A 1245 15.72 -56.20 26.84
CA GLU A 1245 14.58 -55.40 27.29
C GLU A 1245 14.04 -55.89 28.63
N GLU A 1246 14.08 -57.20 28.88
CA GLU A 1246 13.71 -57.70 30.19
C GLU A 1246 14.65 -57.17 31.27
N ILE A 1247 15.96 -57.16 30.99
CA ILE A 1247 16.93 -56.65 31.95
C ILE A 1247 16.72 -55.16 32.19
N PHE A 1248 16.40 -54.41 31.12
CA PHE A 1248 16.16 -52.98 31.26
C PHE A 1248 14.92 -52.71 32.11
N LEU A 1249 13.86 -53.51 31.91
CA LEU A 1249 12.65 -53.32 32.71
C LEU A 1249 12.87 -53.77 34.15
N LYS A 1250 13.75 -54.74 34.38
CA LYS A 1250 13.99 -55.23 35.73
C LYS A 1250 14.87 -54.28 36.52
N VAL A 1251 15.90 -53.72 35.89
CA VAL A 1251 16.81 -52.81 36.59
C VAL A 1251 16.10 -51.52 36.94
N ALA A 1252 15.60 -50.82 35.93
CA ALA A 1252 14.90 -49.56 36.15
C ALA A 1252 13.42 -49.69 35.83
N TRP A 1322 -31.72 -42.51 10.70
CA TRP A 1322 -31.68 -42.86 12.11
C TRP A 1322 -31.21 -41.69 12.97
N LYS A 1323 -31.22 -41.89 14.29
CA LYS A 1323 -30.74 -40.86 15.20
C LYS A 1323 -29.22 -40.74 15.21
N LEU A 1324 -28.51 -41.66 14.56
CA LEU A 1324 -27.05 -41.57 14.49
C LEU A 1324 -26.61 -40.33 13.72
N THR A 1325 -27.40 -39.90 12.72
CA THR A 1325 -27.07 -38.68 12.00
C THR A 1325 -27.14 -37.47 12.91
N GLN A 1326 -28.21 -37.33 13.67
CA GLN A 1326 -28.32 -36.22 14.63
C GLN A 1326 -27.23 -36.31 15.69
N GLN A 1327 -26.88 -37.53 16.11
CA GLN A 1327 -25.82 -37.70 17.10
C GLN A 1327 -24.48 -37.20 16.57
N GLN A 1328 -24.14 -37.60 15.34
CA GLN A 1328 -22.89 -37.14 14.74
C GLN A 1328 -22.92 -35.62 14.52
N PHE A 1329 -24.08 -35.08 14.14
CA PHE A 1329 -24.21 -33.64 13.95
C PHE A 1329 -23.93 -32.89 15.25
N VAL A 1330 -24.60 -33.29 16.33
CA VAL A 1330 -24.42 -32.58 17.59
C VAL A 1330 -23.02 -32.81 18.16
N ALA A 1331 -22.42 -33.97 17.89
CA ALA A 1331 -21.07 -34.23 18.36
C ALA A 1331 -20.06 -33.34 17.64
N LEU A 1332 -20.19 -33.23 16.32
CA LEU A 1332 -19.32 -32.33 15.56
C LEU A 1332 -19.52 -30.89 16.00
N LEU A 1333 -20.77 -30.48 16.22
CA LEU A 1333 -21.02 -29.12 16.67
C LEU A 1333 -20.41 -28.86 18.04
N TRP A 1334 -20.50 -29.83 18.95
CA TRP A 1334 -19.92 -29.67 20.28
C TRP A 1334 -18.40 -29.59 20.21
N LYS A 1335 -17.77 -30.46 19.41
CA LYS A 1335 -16.32 -30.43 19.29
C LYS A 1335 -15.85 -29.11 18.69
N ARG A 1336 -16.55 -28.63 17.67
CA ARG A 1336 -16.14 -27.38 17.03
C ARG A 1336 -16.39 -26.19 17.95
N LEU A 1337 -17.46 -26.24 18.74
CA LEU A 1337 -17.72 -25.17 19.71
C LEU A 1337 -16.64 -25.13 20.78
N LEU A 1338 -16.20 -26.31 21.25
CA LEU A 1338 -15.13 -26.34 22.24
C LEU A 1338 -13.81 -25.86 21.64
N ILE A 1339 -13.52 -26.25 20.40
CA ILE A 1339 -12.26 -25.83 19.77
C ILE A 1339 -12.29 -24.34 19.44
N ALA A 1340 -13.48 -23.75 19.33
CA ALA A 1340 -13.57 -22.30 19.13
C ALA A 1340 -13.51 -21.56 20.46
N ARG A 1341 -14.05 -22.15 21.53
CA ARG A 1341 -14.07 -21.50 22.83
C ARG A 1341 -12.69 -21.52 23.47
N ARG A 1342 -11.96 -22.63 23.34
CA ARG A 1342 -10.64 -22.74 23.94
C ARG A 1342 -9.56 -22.05 23.15
N SER A 1343 -9.91 -21.18 22.20
CA SER A 1343 -8.95 -20.49 21.36
C SER A 1343 -8.89 -18.99 21.66
N ARG A 1344 -8.98 -18.63 22.95
CA ARG A 1344 -8.88 -17.22 23.33
C ARG A 1344 -7.48 -16.69 23.03
N LYS A 1345 -6.45 -17.41 23.46
CA LYS A 1345 -5.08 -17.06 23.07
C LYS A 1345 -4.84 -17.36 21.59
N GLY A 1346 -5.60 -18.28 21.02
CA GLY A 1346 -5.46 -18.65 19.63
C GLY A 1346 -6.03 -17.62 18.68
N PHE A 1347 -6.59 -18.08 17.56
CA PHE A 1347 -7.11 -17.18 16.52
C PHE A 1347 -8.43 -16.56 16.98
N PHE A 1348 -8.34 -15.74 18.02
CA PHE A 1348 -9.45 -14.92 18.46
C PHE A 1348 -9.45 -13.55 17.79
N ALA A 1349 -8.35 -13.17 17.14
CA ALA A 1349 -8.27 -11.87 16.49
C ALA A 1349 -9.24 -11.73 15.33
N GLN A 1350 -9.82 -12.83 14.86
CA GLN A 1350 -10.77 -12.79 13.75
C GLN A 1350 -12.10 -12.17 14.14
N ILE A 1351 -12.21 -11.65 15.37
CA ILE A 1351 -13.40 -10.93 15.82
C ILE A 1351 -13.11 -9.47 16.08
N VAL A 1352 -11.98 -9.16 16.70
CA VAL A 1352 -11.66 -7.77 17.04
C VAL A 1352 -10.95 -7.07 15.89
N LEU A 1353 -10.30 -7.84 15.02
CA LEU A 1353 -9.58 -7.24 13.90
C LEU A 1353 -10.52 -6.68 12.83
N PRO A 1354 -11.53 -7.41 12.35
CA PRO A 1354 -12.53 -6.74 11.49
C PRO A 1354 -13.22 -5.59 12.18
N ALA A 1355 -13.45 -5.71 13.49
CA ALA A 1355 -14.06 -4.62 14.25
C ALA A 1355 -13.19 -3.37 14.23
N VAL A 1356 -11.90 -3.53 14.53
CA VAL A 1356 -11.02 -2.35 14.58
C VAL A 1356 -10.81 -1.79 13.18
N PHE A 1357 -10.82 -2.64 12.15
CA PHE A 1357 -10.65 -2.14 10.79
C PHE A 1357 -11.87 -1.35 10.33
N VAL A 1358 -13.07 -1.86 10.61
CA VAL A 1358 -14.27 -1.12 10.23
C VAL A 1358 -14.40 0.14 11.08
N CYS A 1359 -13.89 0.12 12.31
CA CYS A 1359 -13.89 1.34 13.12
C CYS A 1359 -12.97 2.39 12.51
N ILE A 1360 -11.77 1.97 12.09
CA ILE A 1360 -10.85 2.90 11.41
C ILE A 1360 -11.50 3.45 10.14
N ALA A 1361 -12.19 2.59 9.39
CA ALA A 1361 -12.84 3.02 8.16
C ALA A 1361 -13.92 4.06 8.44
N LEU A 1362 -14.81 3.78 9.39
CA LEU A 1362 -15.91 4.70 9.67
C LEU A 1362 -15.42 5.97 10.36
N VAL A 1363 -14.26 5.93 11.02
CA VAL A 1363 -13.71 7.15 11.60
C VAL A 1363 -13.07 8.00 10.51
N PHE A 1364 -12.34 7.38 9.58
CA PHE A 1364 -11.80 8.12 8.45
C PHE A 1364 -12.91 8.70 7.58
N SER A 1365 -14.07 8.04 7.54
CA SER A 1365 -15.21 8.55 6.78
C SER A 1365 -15.81 9.81 7.41
N LEU A 1366 -15.40 10.20 8.60
CA LEU A 1366 -15.88 11.42 9.25
C LEU A 1366 -14.86 12.56 9.19
N ILE A 1367 -13.88 12.47 8.29
CA ILE A 1367 -12.87 13.50 8.11
C ILE A 1367 -13.03 14.22 6.78
N VAL A 1368 -13.36 13.49 5.73
CA VAL A 1368 -13.55 14.10 4.40
C VAL A 1368 -14.73 15.07 4.46
N PRO A 1369 -14.58 16.29 3.97
CA PRO A 1369 -15.69 17.26 4.00
C PRO A 1369 -16.82 16.81 3.10
N PRO A 1370 -18.03 17.36 3.28
CA PRO A 1370 -19.15 16.97 2.42
C PRO A 1370 -18.97 17.34 0.95
N PHE A 1371 -18.00 18.19 0.62
CA PHE A 1371 -17.64 18.58 -0.74
C PHE A 1371 -18.76 19.29 -1.48
N GLY A 1372 -19.82 19.72 -0.77
CA GLY A 1372 -20.91 20.40 -1.41
C GLY A 1372 -21.41 21.61 -0.64
N LYS A 1373 -20.50 22.26 0.09
CA LYS A 1373 -20.85 23.41 0.90
C LYS A 1373 -20.08 24.65 0.43
N TYR A 1374 -20.73 25.80 0.54
CA TYR A 1374 -20.10 27.08 0.18
C TYR A 1374 -20.54 28.11 1.20
N PRO A 1375 -19.80 28.26 2.29
CA PRO A 1375 -20.21 29.17 3.36
C PRO A 1375 -20.03 30.63 2.96
N SER A 1376 -20.58 31.51 3.79
CA SER A 1376 -20.50 32.95 3.56
C SER A 1376 -19.09 33.44 3.87
N LEU A 1377 -18.33 33.74 2.82
CA LEU A 1377 -16.97 34.24 2.97
C LEU A 1377 -16.95 35.76 2.91
N GLU A 1378 -16.16 36.38 3.78
CA GLU A 1378 -16.00 37.82 3.83
C GLU A 1378 -14.71 38.21 3.15
N LEU A 1379 -14.81 39.14 2.19
CA LEU A 1379 -13.67 39.51 1.34
C LEU A 1379 -12.78 40.48 2.13
N GLN A 1380 -11.74 39.94 2.74
CA GLN A 1380 -10.73 40.73 3.44
C GLN A 1380 -9.35 40.14 3.17
N PRO A 1381 -8.36 40.98 2.88
CA PRO A 1381 -7.07 40.45 2.40
C PRO A 1381 -6.29 39.68 3.46
N TRP A 1382 -6.62 39.83 4.74
CA TRP A 1382 -5.87 39.17 5.80
C TRP A 1382 -6.32 37.73 6.05
N MET A 1383 -7.08 37.12 5.13
CA MET A 1383 -7.40 35.71 5.25
C MET A 1383 -6.14 34.85 5.17
N TYR A 1384 -5.13 35.33 4.46
CA TYR A 1384 -3.81 34.71 4.46
C TYR A 1384 -3.01 35.26 5.64
N ASN A 1385 -2.18 34.41 6.23
CA ASN A 1385 -1.53 34.75 7.49
C ASN A 1385 -0.59 35.95 7.34
N GLU A 1386 0.42 35.83 6.48
CA GLU A 1386 1.40 36.89 6.30
C GLU A 1386 1.53 37.22 4.82
N GLN A 1387 1.76 38.50 4.53
CA GLN A 1387 1.89 38.98 3.16
C GLN A 1387 2.62 40.32 3.18
N TYR A 1388 3.17 40.68 2.03
CA TYR A 1388 3.88 41.95 1.86
C TYR A 1388 3.09 42.83 0.90
N THR A 1389 2.61 43.96 1.40
CA THR A 1389 1.90 44.92 0.57
C THR A 1389 2.85 46.05 0.17
N PHE A 1390 2.39 46.92 -0.72
CA PHE A 1390 3.22 48.04 -1.17
C PHE A 1390 2.32 49.11 -1.77
N VAL A 1391 2.76 50.36 -1.67
CA VAL A 1391 2.05 51.50 -2.23
C VAL A 1391 3.04 52.35 -3.00
N SER A 1392 2.74 52.60 -4.28
CA SER A 1392 3.61 53.39 -5.16
C SER A 1392 2.87 54.64 -5.58
N ASN A 1393 3.38 55.79 -5.13
CA ASN A 1393 2.77 57.10 -5.41
C ASN A 1393 3.47 57.71 -6.62
N ASP A 1394 2.84 57.60 -7.78
CA ASP A 1394 3.36 58.25 -8.97
C ASP A 1394 2.83 59.69 -9.06
N ALA A 1395 3.66 60.56 -9.63
CA ALA A 1395 3.37 61.99 -9.80
C ALA A 1395 2.99 62.62 -8.47
N PRO A 1396 3.93 62.77 -7.53
CA PRO A 1396 3.60 63.37 -6.22
C PRO A 1396 3.52 64.90 -6.30
N GLU A 1397 2.40 65.39 -6.81
CA GLU A 1397 2.19 66.83 -6.98
C GLU A 1397 1.01 67.35 -6.17
N ASP A 1398 0.51 66.58 -5.20
CA ASP A 1398 -0.55 67.00 -4.28
C ASP A 1398 -1.86 67.33 -5.01
N THR A 1399 -1.98 66.93 -6.27
CA THR A 1399 -3.18 67.23 -7.04
C THR A 1399 -4.42 66.55 -6.46
N GLY A 1400 -4.44 65.22 -6.49
CA GLY A 1400 -5.54 64.47 -5.93
C GLY A 1400 -5.11 63.15 -5.32
N THR A 1401 -3.81 62.90 -5.33
CA THR A 1401 -3.27 61.60 -4.93
C THR A 1401 -2.80 61.58 -3.48
N LEU A 1402 -2.30 62.72 -2.97
CA LEU A 1402 -1.70 62.72 -1.65
C LEU A 1402 -2.73 62.42 -0.56
N GLU A 1403 -3.92 63.01 -0.66
CA GLU A 1403 -4.94 62.76 0.35
C GLU A 1403 -5.42 61.31 0.29
N LEU A 1404 -5.51 60.75 -0.91
CA LEU A 1404 -5.92 59.35 -1.05
C LEU A 1404 -4.90 58.41 -0.41
N LEU A 1405 -3.62 58.58 -0.77
CA LEU A 1405 -2.59 57.72 -0.20
C LEU A 1405 -2.45 57.95 1.31
N ASN A 1406 -2.75 59.15 1.78
CA ASN A 1406 -2.77 59.40 3.22
C ASN A 1406 -3.88 58.60 3.89
N ALA A 1407 -5.13 58.84 3.49
CA ALA A 1407 -6.26 58.13 4.06
C ALA A 1407 -6.14 56.62 3.89
N LEU A 1408 -5.26 56.17 3.00
CA LEU A 1408 -4.96 54.75 2.90
C LEU A 1408 -4.06 54.25 4.03
N THR A 1409 -3.28 55.13 4.65
CA THR A 1409 -2.33 54.75 5.72
C THR A 1409 -2.51 55.64 6.94
N LYS A 1410 -3.76 55.80 7.39
CA LYS A 1410 -4.07 56.56 8.60
C LYS A 1410 -4.67 55.61 9.65
N ASP A 1411 -5.19 56.21 10.73
CA ASP A 1411 -5.79 55.47 11.85
C ASP A 1411 -6.69 54.31 11.41
N PRO A 1412 -7.61 54.45 10.44
CA PRO A 1412 -8.41 53.28 10.04
C PRO A 1412 -7.61 52.18 9.36
N GLY A 1413 -6.42 52.48 8.83
CA GLY A 1413 -5.61 51.45 8.21
C GLY A 1413 -6.03 51.19 6.77
N PHE A 1414 -5.71 49.97 6.31
CA PHE A 1414 -6.04 49.55 4.96
C PHE A 1414 -7.55 49.50 4.73
N GLY A 1415 -8.25 48.66 5.46
CA GLY A 1415 -9.68 48.49 5.27
C GLY A 1415 -10.49 48.43 6.54
N THR A 1416 -11.28 47.36 6.68
CA THR A 1416 -12.22 47.20 7.78
C THR A 1416 -11.71 46.26 8.87
N ARG A 1417 -10.39 46.21 9.07
CA ARG A 1417 -9.84 45.28 10.06
C ARG A 1417 -10.22 45.69 11.48
N CYS A 1418 -9.81 46.89 11.90
CA CYS A 1418 -10.13 47.40 13.22
C CYS A 1418 -10.47 48.88 13.12
N MET A 1419 -11.70 49.23 13.50
CA MET A 1419 -12.13 50.63 13.51
C MET A 1419 -13.27 50.76 14.52
N GLU A 1420 -12.96 51.32 15.69
CA GLU A 1420 -13.89 51.38 16.82
C GLU A 1420 -14.43 49.98 17.12
N GLY A 1421 -13.50 49.04 17.25
CA GLY A 1421 -13.82 47.64 17.39
C GLY A 1421 -13.25 46.82 16.23
N ASN A 1422 -13.41 45.50 16.34
CA ASN A 1422 -12.91 44.59 15.33
C ASN A 1422 -14.07 43.87 14.65
N PRO A 1423 -14.67 44.45 13.60
CA PRO A 1423 -15.80 43.78 12.94
C PRO A 1423 -15.36 42.71 11.94
N ILE A 1424 -14.37 41.91 12.33
CA ILE A 1424 -13.95 40.74 11.57
C ILE A 1424 -13.59 39.66 12.58
N PRO A 1425 -14.17 38.47 12.50
CA PRO A 1425 -13.93 37.46 13.54
C PRO A 1425 -12.52 36.89 13.46
N ASP A 1426 -11.98 36.56 14.64
CA ASP A 1426 -10.72 35.81 14.77
C ASP A 1426 -9.53 36.58 14.22
N THR A 1427 -9.55 37.91 14.33
CA THR A 1427 -8.42 38.71 13.87
C THR A 1427 -8.41 40.11 14.49
N PRO A 1428 -8.09 40.24 15.77
CA PRO A 1428 -7.89 41.58 16.34
C PRO A 1428 -6.55 42.15 15.90
N CYS A 1429 -6.57 43.38 15.41
CA CYS A 1429 -5.39 43.97 14.79
C CYS A 1429 -4.38 44.39 15.86
N GLN A 1430 -3.10 44.21 15.55
CA GLN A 1430 -2.02 44.66 16.42
C GLN A 1430 -1.95 46.18 16.37
N ALA A 1431 -2.06 46.84 17.53
CA ALA A 1431 -2.26 48.29 17.53
C ALA A 1431 -0.95 49.06 17.45
N GLY A 1432 0.08 48.61 18.17
CA GLY A 1432 1.27 49.44 18.33
C GLY A 1432 2.45 49.15 17.42
N GLU A 1433 2.62 49.98 16.38
CA GLU A 1433 3.84 50.00 15.57
C GLU A 1433 3.82 51.23 14.71
N GLU A 1434 4.93 51.99 14.72
CA GLU A 1434 5.11 53.09 13.78
C GLU A 1434 6.60 53.33 13.61
N GLU A 1435 7.17 52.84 12.50
CA GLU A 1435 8.58 52.98 12.23
C GLU A 1435 8.82 52.95 10.73
N TRP A 1436 9.19 54.10 10.17
CA TRP A 1436 9.58 54.21 8.77
C TRP A 1436 11.09 54.06 8.67
N THR A 1437 11.55 52.82 8.46
CA THR A 1437 12.97 52.52 8.44
C THR A 1437 13.30 51.65 7.23
N THR A 1438 14.60 51.56 6.95
CA THR A 1438 15.12 50.72 5.88
C THR A 1438 15.90 49.56 6.48
N ALA A 1439 15.68 48.36 5.95
CA ALA A 1439 16.34 47.17 6.47
C ALA A 1439 17.86 47.30 6.30
N PRO A 1440 18.63 46.73 7.23
CA PRO A 1440 20.10 46.77 7.09
C PRO A 1440 20.56 46.04 5.85
N VAL A 1441 21.33 46.73 5.02
CA VAL A 1441 21.75 46.19 3.72
C VAL A 1441 23.19 45.71 3.80
N PRO A 1442 23.51 44.55 3.22
CA PRO A 1442 24.92 44.11 3.17
C PRO A 1442 25.71 44.90 2.16
N GLN A 1443 26.96 44.49 1.90
CA GLN A 1443 27.83 45.25 1.01
C GLN A 1443 27.48 45.01 -0.46
N THR A 1444 26.22 45.24 -0.81
CA THR A 1444 25.79 45.26 -2.21
C THR A 1444 25.50 46.66 -2.72
N ILE A 1445 25.19 47.60 -1.83
CA ILE A 1445 25.09 49.00 -2.22
C ILE A 1445 26.42 49.48 -2.78
N MET A 1446 27.53 48.91 -2.31
CA MET A 1446 28.86 49.20 -2.86
C MET A 1446 28.89 48.93 -4.36
N ASP A 1447 28.62 47.68 -4.76
CA ASP A 1447 28.66 47.33 -6.18
C ASP A 1447 27.59 48.08 -6.96
N LEU A 1448 26.44 48.34 -6.33
CA LEU A 1448 25.41 49.14 -6.99
C LEU A 1448 25.93 50.55 -7.29
N PHE A 1449 26.80 51.07 -6.43
CA PHE A 1449 27.38 52.39 -6.67
C PHE A 1449 28.48 52.32 -7.72
N GLN A 1450 29.33 51.30 -7.67
CA GLN A 1450 30.40 51.19 -8.66
C GLN A 1450 29.92 50.72 -10.02
N ASN A 1451 28.68 50.23 -10.11
CA ASN A 1451 28.06 49.87 -11.38
C ASN A 1451 27.01 50.89 -11.81
N GLY A 1452 27.32 52.18 -11.63
CA GLY A 1452 26.38 53.27 -11.88
C GLY A 1452 25.80 53.34 -13.28
N ASN A 1453 24.99 54.39 -13.51
CA ASN A 1453 24.15 54.52 -14.70
C ASN A 1453 23.08 53.43 -14.72
N TRP A 1454 22.38 53.27 -13.60
CA TRP A 1454 21.27 52.33 -13.48
C TRP A 1454 19.98 53.10 -13.79
N THR A 1455 19.70 53.27 -15.08
CA THR A 1455 18.54 54.03 -15.49
C THR A 1455 17.25 53.27 -15.16
N MET A 1456 16.12 53.90 -15.47
CA MET A 1456 14.83 53.26 -15.27
C MET A 1456 14.74 51.95 -16.05
N GLN A 1457 15.21 51.95 -17.29
CA GLN A 1457 15.37 50.72 -18.05
C GLN A 1457 16.63 50.01 -17.60
N ASN A 1458 16.50 48.72 -17.31
CA ASN A 1458 17.57 47.92 -16.73
C ASN A 1458 18.09 48.55 -15.43
N PRO A 1459 17.28 48.55 -14.36
CA PRO A 1459 17.74 49.12 -13.09
C PRO A 1459 18.46 48.12 -12.20
N SER A 1460 18.53 46.85 -12.60
CA SER A 1460 19.12 45.80 -11.80
C SER A 1460 19.78 44.79 -12.73
N PRO A 1461 20.83 44.11 -12.26
CA PRO A 1461 21.48 43.08 -13.11
C PRO A 1461 20.47 42.03 -13.55
N ALA A 1462 20.66 41.54 -14.78
CA ALA A 1462 19.72 40.61 -15.39
C ALA A 1462 19.78 39.25 -14.68
N CYS A 1463 18.89 38.35 -15.10
CA CYS A 1463 18.79 37.03 -14.53
C CYS A 1463 18.52 36.03 -15.65
N GLN A 1464 19.25 34.91 -15.63
CA GLN A 1464 19.11 33.88 -16.64
C GLN A 1464 18.15 32.79 -16.17
N CYS A 1465 17.53 32.11 -17.13
CA CYS A 1465 16.56 31.08 -16.80
C CYS A 1465 16.44 30.09 -17.97
N SER A 1466 16.44 28.80 -17.62
CA SER A 1466 16.11 27.72 -18.55
C SER A 1466 17.02 27.74 -19.79
N SER A 1467 18.32 27.58 -19.54
CA SER A 1467 19.26 27.41 -20.63
C SER A 1467 19.16 26.00 -21.19
N ASP A 1468 19.74 25.81 -22.38
CA ASP A 1468 19.66 24.50 -23.03
C ASP A 1468 20.39 23.44 -22.21
N LYS A 1469 19.77 22.27 -22.11
CA LYS A 1469 20.25 21.12 -21.35
C LYS A 1469 20.36 21.40 -19.86
N ILE A 1470 19.86 22.53 -19.38
CA ILE A 1470 19.85 22.86 -17.96
C ILE A 1470 18.42 23.26 -17.62
N LYS A 1471 17.63 22.30 -17.15
CA LYS A 1471 16.23 22.56 -16.80
C LYS A 1471 16.15 23.07 -15.37
N LYS A 1472 15.79 24.33 -15.20
CA LYS A 1472 15.71 24.98 -13.90
C LYS A 1472 14.25 25.28 -13.58
N MET A 1473 13.78 24.81 -12.42
CA MET A 1473 12.42 25.08 -12.01
C MET A 1473 12.20 26.56 -11.76
N LEU A 1474 13.10 27.19 -11.00
CA LEU A 1474 13.04 28.62 -10.73
C LEU A 1474 14.42 29.21 -10.94
N PRO A 1475 14.53 30.32 -11.67
CA PRO A 1475 15.84 30.90 -11.97
C PRO A 1475 16.54 31.41 -10.72
N VAL A 1476 17.86 31.44 -10.79
CA VAL A 1476 18.71 31.97 -9.72
C VAL A 1476 19.34 33.27 -10.22
N CYS A 1477 19.28 34.31 -9.39
CA CYS A 1477 19.78 35.61 -9.77
C CYS A 1477 20.91 36.05 -8.84
N PRO A 1478 21.88 36.81 -9.35
CA PRO A 1478 22.98 37.27 -8.50
C PRO A 1478 22.48 38.27 -7.46
N PRO A 1479 23.31 38.59 -6.45
CA PRO A 1479 22.90 39.60 -5.46
C PRO A 1479 22.53 40.93 -6.08
N GLY A 1480 21.75 41.73 -5.37
CA GLY A 1480 21.22 42.96 -5.94
C GLY A 1480 20.12 42.73 -6.94
N ALA A 1481 19.26 41.73 -6.70
CA ALA A 1481 18.19 41.43 -7.65
C ALA A 1481 17.19 42.57 -7.75
N GLY A 1482 16.75 43.10 -6.61
CA GLY A 1482 15.87 44.25 -6.61
C GLY A 1482 16.63 45.55 -6.78
N GLY A 1483 17.85 45.59 -6.24
CA GLY A 1483 18.71 46.74 -6.37
C GLY A 1483 18.87 47.51 -5.07
N LEU A 1484 17.76 47.73 -4.37
CA LEU A 1484 17.75 48.46 -3.11
C LEU A 1484 16.60 47.99 -2.23
N PRO A 1485 16.86 47.71 -0.95
CA PRO A 1485 15.76 47.40 -0.03
C PRO A 1485 14.91 48.63 0.22
N PRO A 1486 13.62 48.59 -0.14
CA PRO A 1486 12.77 49.76 0.04
C PRO A 1486 12.45 49.97 1.52
N PRO A 1487 12.05 51.17 1.90
CA PRO A 1487 11.70 51.42 3.31
C PRO A 1487 10.51 50.59 3.74
N GLN A 1488 10.69 49.81 4.81
CA GLN A 1488 9.69 48.89 5.31
C GLN A 1488 9.02 49.47 6.55
N ARG A 1489 7.71 49.26 6.67
CA ARG A 1489 6.98 49.75 7.83
C ARG A 1489 5.70 48.94 8.01
N LYS A 1490 5.40 48.59 9.26
CA LYS A 1490 4.17 47.90 9.57
C LYS A 1490 3.02 48.89 9.69
N GLN A 1491 1.84 48.47 9.24
CA GLN A 1491 0.67 49.33 9.16
C GLN A 1491 -0.42 48.85 10.11
N ASN A 1492 0.01 48.29 11.25
CA ASN A 1492 -0.86 47.87 12.35
C ASN A 1492 -1.92 46.87 11.93
N THR A 1493 -1.73 46.17 10.81
CA THR A 1493 -2.72 45.20 10.34
C THR A 1493 -2.07 43.85 10.08
N ALA A 1494 -1.11 43.46 10.92
CA ALA A 1494 -0.42 42.17 10.82
C ALA A 1494 0.28 41.99 9.48
N ASP A 1495 0.64 43.10 8.83
CA ASP A 1495 1.37 43.06 7.58
C ASP A 1495 2.26 44.29 7.49
N ILE A 1496 3.21 44.24 6.57
CA ILE A 1496 4.23 45.30 6.42
C ILE A 1496 4.23 45.76 4.97
N LEU A 1497 4.21 47.08 4.78
CA LEU A 1497 4.24 47.69 3.47
C LEU A 1497 5.59 48.35 3.21
N GLN A 1498 5.97 48.40 1.93
CA GLN A 1498 7.23 49.00 1.51
C GLN A 1498 6.93 49.98 0.39
N ASP A 1499 7.50 51.18 0.48
CA ASP A 1499 7.27 52.19 -0.53
C ASP A 1499 8.11 51.91 -1.77
N LEU A 1500 7.46 51.96 -2.94
CA LEU A 1500 8.12 51.71 -4.22
C LEU A 1500 8.02 52.94 -5.12
N THR A 1501 8.21 54.12 -4.56
CA THR A 1501 8.10 55.34 -5.34
C THR A 1501 9.32 55.51 -6.26
N GLY A 1502 9.05 55.69 -7.56
CA GLY A 1502 10.09 55.94 -8.53
C GLY A 1502 10.89 54.71 -8.91
N ARG A 1503 10.43 53.54 -8.50
CA ARG A 1503 11.11 52.28 -8.80
C ARG A 1503 10.36 51.53 -9.88
N ASN A 1504 11.10 50.79 -10.71
CA ASN A 1504 10.50 49.93 -11.74
C ASN A 1504 9.75 48.80 -11.03
N ILE A 1505 8.43 48.83 -11.13
CA ILE A 1505 7.61 47.90 -10.36
C ILE A 1505 7.78 46.47 -10.87
N SER A 1506 7.78 46.28 -12.18
CA SER A 1506 7.81 44.94 -12.74
C SER A 1506 9.10 44.20 -12.39
N ASP A 1507 10.24 44.83 -12.66
CA ASP A 1507 11.53 44.19 -12.40
C ASP A 1507 11.71 43.91 -10.90
N TYR A 1508 11.39 44.89 -10.06
CA TYR A 1508 11.50 44.71 -8.62
C TYR A 1508 10.64 43.56 -8.14
N LEU A 1509 9.37 43.53 -8.57
CA LEU A 1509 8.47 42.46 -8.17
C LEU A 1509 9.02 41.10 -8.60
N VAL A 1510 9.41 40.97 -9.87
CA VAL A 1510 9.92 39.71 -10.37
C VAL A 1510 11.12 39.24 -9.56
N LYS A 1511 12.12 40.09 -9.42
CA LYS A 1511 13.36 39.68 -8.77
C LYS A 1511 13.15 39.39 -7.29
N THR A 1512 12.44 40.27 -6.59
CA THR A 1512 12.17 40.04 -5.18
C THR A 1512 11.39 38.75 -4.96
N TYR A 1513 10.36 38.52 -5.78
CA TYR A 1513 9.56 37.30 -5.63
C TYR A 1513 10.41 36.05 -5.84
N VAL A 1514 11.19 36.02 -6.93
CA VAL A 1514 11.94 34.81 -7.22
C VAL A 1514 12.99 34.56 -6.15
N GLN A 1515 13.70 35.61 -5.71
CA GLN A 1515 14.75 35.41 -4.72
C GLN A 1515 14.18 35.03 -3.36
N ILE A 1516 13.03 35.62 -2.97
CA ILE A 1516 12.43 35.30 -1.69
C ILE A 1516 11.89 33.88 -1.70
N ILE A 1517 11.28 33.46 -2.82
CA ILE A 1517 10.79 32.09 -2.92
C ILE A 1517 11.95 31.09 -2.85
N ALA A 1518 13.06 31.41 -3.53
CA ALA A 1518 14.23 30.53 -3.46
C ALA A 1518 14.76 30.43 -2.03
N LYS A 1519 14.90 31.58 -1.36
CA LYS A 1519 15.41 31.58 0.00
C LYS A 1519 14.48 30.82 0.95
N SER A 1520 13.17 30.93 0.72
CA SER A 1520 12.22 30.24 1.59
C SER A 1520 12.23 28.74 1.33
N LEU A 1521 12.34 28.31 0.09
CA LEU A 1521 12.38 26.89 -0.23
C LEU A 1521 13.73 26.26 0.07
N LYS A 1522 14.77 27.06 0.29
CA LYS A 1522 16.07 26.51 0.64
C LYS A 1522 16.09 25.83 2.00
N ASN A 1523 15.19 26.23 2.91
CA ASN A 1523 15.21 25.77 4.29
C ASN A 1523 14.24 24.64 4.58
N LYS A 1524 13.66 24.02 3.54
CA LYS A 1524 12.73 22.90 3.70
C LYS A 1524 11.54 23.28 4.57
N ILE A 1525 10.77 24.26 4.10
CA ILE A 1525 9.62 24.77 4.82
C ILE A 1525 8.33 24.52 4.05
N TRP A 1526 8.40 23.85 2.90
CA TRP A 1526 7.26 23.69 1.99
C TRP A 1526 6.71 25.07 1.62
N VAL A 1527 7.55 25.82 0.90
CA VAL A 1527 7.36 27.25 0.67
C VAL A 1527 5.94 27.54 0.21
N ASN A 1528 5.33 28.56 0.82
CA ASN A 1528 4.03 29.08 0.45
C ASN A 1528 4.19 30.44 -0.22
N GLU A 1529 3.08 31.10 -0.48
CA GLU A 1529 3.11 32.39 -1.15
C GLU A 1529 3.75 33.45 -0.25
N PHE A 1530 4.18 34.54 -0.89
CA PHE A 1530 4.91 35.60 -0.20
C PHE A 1530 4.14 36.91 -0.16
N ARG A 1531 3.68 37.40 -1.31
CA ARG A 1531 2.91 38.64 -1.38
C ARG A 1531 1.69 38.40 -2.26
N TYR A 1532 0.66 39.23 -2.06
CA TYR A 1532 -0.61 39.02 -2.74
C TYR A 1532 -1.08 40.24 -3.52
N GLY A 1533 -0.86 41.43 -2.99
CA GLY A 1533 -1.40 42.62 -3.63
C GLY A 1533 -0.71 43.89 -3.19
N GLY A 1534 -0.93 44.94 -3.99
CA GLY A 1534 -0.40 46.27 -3.73
C GLY A 1534 -1.13 47.28 -4.57
N PHE A 1535 -0.79 48.55 -4.36
CA PHE A 1535 -1.47 49.66 -5.01
C PHE A 1535 -0.47 50.59 -5.68
N SER A 1536 -0.85 51.14 -6.83
CA SER A 1536 -0.07 52.16 -7.54
C SER A 1536 -1.02 53.30 -7.86
N LEU A 1537 -0.89 54.40 -7.11
CA LEU A 1537 -1.80 55.53 -7.26
C LEU A 1537 -1.16 56.62 -8.12
N GLY A 1538 -1.84 57.01 -9.20
CA GLY A 1538 -1.32 58.03 -10.08
C GLY A 1538 -2.37 58.92 -10.70
N VAL A 1539 -1.96 59.74 -11.66
CA VAL A 1539 -2.84 60.69 -12.33
C VAL A 1539 -2.85 60.36 -13.82
N SER A 1540 -3.99 60.60 -14.46
CA SER A 1540 -4.13 60.32 -15.89
C SER A 1540 -3.44 61.41 -16.72
N SER A 1548 -14.47 67.90 -20.09
CA SER A 1548 -15.30 67.82 -18.89
C SER A 1548 -16.56 68.66 -19.05
N GLN A 1549 -16.67 69.72 -18.25
CA GLN A 1549 -17.83 70.59 -18.32
C GLN A 1549 -17.87 71.41 -19.61
N GLU A 1550 -16.72 71.57 -20.27
CA GLU A 1550 -16.68 72.34 -21.52
C GLU A 1550 -17.56 71.69 -22.59
N VAL A 1551 -17.39 70.39 -22.79
CA VAL A 1551 -18.18 69.69 -23.81
C VAL A 1551 -19.66 69.70 -23.46
N ASN A 1552 -19.99 69.56 -22.17
CA ASN A 1552 -21.40 69.58 -21.76
C ASN A 1552 -22.03 70.94 -22.02
N ASP A 1553 -21.34 72.02 -21.62
CA ASP A 1553 -21.86 73.36 -21.87
C ASP A 1553 -21.96 73.65 -23.37
N ALA A 1554 -21.01 73.15 -24.15
CA ALA A 1554 -21.06 73.37 -25.60
C ALA A 1554 -22.24 72.62 -26.21
N ILE A 1555 -22.48 71.39 -25.78
CA ILE A 1555 -23.63 70.64 -26.28
C ILE A 1555 -24.93 71.32 -25.88
N LYS A 1556 -24.98 71.87 -24.66
CA LYS A 1556 -26.17 72.59 -24.23
C LYS A 1556 -26.41 73.84 -25.08
N GLN A 1557 -25.34 74.59 -25.34
CA GLN A 1557 -25.47 75.79 -26.17
C GLN A 1557 -25.88 75.45 -27.60
N MET A 1558 -25.39 74.31 -28.11
CA MET A 1558 -25.77 73.89 -29.46
C MET A 1558 -27.22 73.45 -29.51
N LYS A 1559 -27.68 72.76 -28.47
CA LYS A 1559 -29.08 72.34 -28.42
C LYS A 1559 -30.00 73.53 -28.20
N LYS A 1560 -29.50 74.61 -27.59
CA LYS A 1560 -30.31 75.80 -27.41
C LYS A 1560 -30.70 76.41 -28.75
N HIS A 1561 -29.77 76.46 -29.69
CA HIS A 1561 -30.04 76.97 -31.03
C HIS A 1561 -30.31 75.81 -31.98
N LEU A 1562 -30.41 76.10 -33.27
CA LEU A 1562 -30.60 75.10 -34.32
C LEU A 1562 -31.89 74.30 -34.08
N LYS A 1563 -33.03 74.99 -34.10
CA LYS A 1563 -34.34 74.38 -33.99
C LYS A 1563 -34.47 73.58 -32.69
N LEU A 1564 -34.39 74.30 -31.57
CA LEU A 1564 -34.54 73.68 -30.27
C LEU A 1564 -35.95 73.14 -30.08
N ALA A 1565 -36.05 72.04 -29.33
CA ALA A 1565 -37.33 71.39 -29.07
C ALA A 1565 -37.21 70.62 -27.76
N LYS A 1566 -38.26 69.87 -27.43
CA LYS A 1566 -38.30 69.08 -26.20
C LYS A 1566 -38.89 67.69 -26.44
N ASP A 1567 -38.84 67.20 -27.67
CA ASP A 1567 -39.38 65.88 -27.97
C ASP A 1567 -38.50 64.79 -27.35
N SER A 1568 -39.06 63.58 -27.29
CA SER A 1568 -38.36 62.44 -26.72
C SER A 1568 -37.32 61.83 -27.67
N SER A 1569 -37.09 62.47 -28.82
CA SER A 1569 -36.11 61.99 -29.79
C SER A 1569 -34.91 62.90 -29.97
N ALA A 1570 -35.06 64.20 -29.69
CA ALA A 1570 -33.96 65.15 -29.86
C ALA A 1570 -33.29 65.47 -28.53
N ASP A 1571 -34.07 65.86 -27.52
CA ASP A 1571 -33.49 66.23 -26.23
C ASP A 1571 -32.92 65.00 -25.53
N ARG A 1572 -33.61 63.87 -25.61
CA ARG A 1572 -33.14 62.65 -24.96
C ARG A 1572 -31.78 62.23 -25.49
N PHE A 1573 -31.64 62.20 -26.83
CA PHE A 1573 -30.39 61.76 -27.43
C PHE A 1573 -29.23 62.71 -27.10
N LEU A 1574 -29.48 64.02 -27.16
CA LEU A 1574 -28.43 64.98 -26.85
C LEU A 1574 -28.02 64.88 -25.38
N ASN A 1575 -28.99 64.74 -24.47
CA ASN A 1575 -28.66 64.62 -23.06
C ASN A 1575 -27.89 63.34 -22.78
N SER A 1576 -28.28 62.23 -23.41
CA SER A 1576 -27.58 60.98 -23.19
C SER A 1576 -26.17 61.02 -23.76
N LEU A 1577 -26.00 61.67 -24.92
CA LEU A 1577 -24.66 61.80 -25.49
C LEU A 1577 -23.78 62.69 -24.63
N GLY A 1578 -24.34 63.78 -24.09
CA GLY A 1578 -23.57 64.62 -23.18
C GLY A 1578 -23.17 63.88 -21.92
N ARG A 1579 -24.09 63.07 -21.38
CA ARG A 1579 -23.77 62.28 -20.19
C ARG A 1579 -22.67 61.27 -20.49
N PHE A 1580 -22.73 60.61 -21.65
CA PHE A 1580 -21.69 59.66 -22.03
C PHE A 1580 -20.35 60.36 -22.20
N MET A 1581 -20.37 61.58 -22.76
CA MET A 1581 -19.13 62.31 -22.96
C MET A 1581 -18.52 62.74 -21.62
N THR A 1582 -19.36 63.19 -20.68
CA THR A 1582 -18.82 63.59 -19.38
C THR A 1582 -18.59 62.39 -18.45
N GLY A 1583 -18.97 61.18 -18.85
CA GLY A 1583 -18.73 60.01 -18.02
C GLY A 1583 -17.54 59.19 -18.47
N LEU A 1584 -16.60 59.82 -19.18
CA LEU A 1584 -15.41 59.14 -19.68
C LEU A 1584 -14.10 59.72 -19.17
N ASP A 1585 -14.14 60.89 -18.52
CA ASP A 1585 -12.92 61.53 -18.04
C ASP A 1585 -12.63 61.12 -16.61
N THR A 1586 -11.37 60.77 -16.33
CA THR A 1586 -10.92 60.39 -15.01
C THR A 1586 -9.76 61.29 -14.61
N LYS A 1587 -9.89 61.93 -13.44
CA LYS A 1587 -8.84 62.83 -12.97
C LYS A 1587 -7.62 62.05 -12.46
N ASN A 1588 -7.81 61.25 -11.42
CA ASN A 1588 -6.77 60.41 -10.86
C ASN A 1588 -7.26 58.96 -10.78
N ASN A 1589 -6.31 58.03 -10.75
CA ASN A 1589 -6.65 56.61 -10.79
C ASN A 1589 -5.69 55.81 -9.93
N VAL A 1590 -6.08 54.55 -9.71
CA VAL A 1590 -5.27 53.58 -8.97
C VAL A 1590 -5.19 52.30 -9.79
N LYS A 1591 -4.05 51.63 -9.72
CA LYS A 1591 -3.84 50.33 -10.32
C LYS A 1591 -3.58 49.34 -9.19
N VAL A 1592 -4.48 48.40 -9.00
CA VAL A 1592 -4.36 47.37 -7.97
C VAL A 1592 -3.59 46.21 -8.58
N TRP A 1593 -2.36 46.02 -8.12
CA TRP A 1593 -1.57 44.85 -8.49
C TRP A 1593 -2.01 43.67 -7.63
N PHE A 1594 -2.43 42.59 -8.28
CA PHE A 1594 -3.00 41.45 -7.56
C PHE A 1594 -2.37 40.16 -8.06
N ASN A 1595 -2.07 39.28 -7.12
CA ASN A 1595 -1.62 37.93 -7.45
C ASN A 1595 -2.83 37.00 -7.57
N ASN A 1596 -2.82 36.17 -8.60
CA ASN A 1596 -3.95 35.30 -8.89
C ASN A 1596 -3.84 33.95 -8.18
N LYS A 1597 -2.69 33.65 -7.56
CA LYS A 1597 -2.59 32.44 -6.75
C LYS A 1597 -3.54 32.50 -5.57
N GLY A 1598 -3.66 33.67 -4.95
CA GLY A 1598 -4.68 33.89 -3.94
C GLY A 1598 -6.05 33.96 -4.58
N TRP A 1599 -6.94 33.05 -4.19
CA TRP A 1599 -8.24 32.95 -4.86
C TRP A 1599 -9.09 34.19 -4.60
N HIS A 1600 -9.00 34.76 -3.40
CA HIS A 1600 -9.81 35.90 -3.00
C HIS A 1600 -8.94 37.13 -2.74
N ALA A 1601 -7.97 37.38 -3.62
CA ALA A 1601 -7.08 38.52 -3.43
C ALA A 1601 -7.58 39.76 -4.16
N ILE A 1602 -7.98 39.61 -5.43
CA ILE A 1602 -8.36 40.76 -6.24
C ILE A 1602 -9.59 41.45 -5.66
N SER A 1603 -10.60 40.66 -5.27
CA SER A 1603 -11.82 41.25 -4.72
C SER A 1603 -11.56 41.93 -3.38
N SER A 1604 -10.75 41.29 -2.53
CA SER A 1604 -10.44 41.88 -1.23
C SER A 1604 -9.68 43.19 -1.38
N PHE A 1605 -8.71 43.23 -2.30
CA PHE A 1605 -7.96 44.46 -2.50
C PHE A 1605 -8.79 45.54 -3.18
N LEU A 1606 -9.73 45.15 -4.04
CA LEU A 1606 -10.67 46.13 -4.59
C LEU A 1606 -11.55 46.72 -3.49
N ASN A 1607 -12.02 45.88 -2.58
CA ASN A 1607 -12.79 46.39 -1.45
C ASN A 1607 -11.94 47.31 -0.58
N VAL A 1608 -10.66 46.97 -0.40
CA VAL A 1608 -9.78 47.80 0.42
C VAL A 1608 -9.58 49.16 -0.23
N ILE A 1609 -9.30 49.19 -1.53
CA ILE A 1609 -9.06 50.47 -2.19
C ILE A 1609 -10.35 51.28 -2.27
N ASN A 1610 -11.51 50.62 -2.39
CA ASN A 1610 -12.77 51.36 -2.39
C ASN A 1610 -13.05 51.95 -1.02
N ASN A 1611 -12.75 51.21 0.05
CA ASN A 1611 -12.88 51.78 1.39
C ASN A 1611 -11.93 52.94 1.60
N ALA A 1612 -10.71 52.85 1.06
CA ALA A 1612 -9.77 53.96 1.16
C ALA A 1612 -10.29 55.19 0.44
N ILE A 1613 -10.85 55.00 -0.77
CA ILE A 1613 -11.43 56.10 -1.51
C ILE A 1613 -12.60 56.72 -0.74
N LEU A 1614 -13.45 55.88 -0.15
CA LEU A 1614 -14.57 56.38 0.64
C LEU A 1614 -14.09 57.20 1.82
N ARG A 1615 -13.10 56.70 2.55
CA ARG A 1615 -12.57 57.43 3.71
C ARG A 1615 -11.86 58.71 3.30
N ALA A 1616 -11.28 58.76 2.10
CA ALA A 1616 -10.60 59.96 1.64
C ALA A 1616 -11.61 61.03 1.21
N ASN A 1617 -12.66 60.61 0.50
CA ASN A 1617 -13.67 61.56 0.03
C ASN A 1617 -14.52 62.10 1.17
N LEU A 1618 -14.47 61.49 2.35
CA LEU A 1618 -15.21 62.00 3.50
C LEU A 1618 -14.64 63.34 3.93
N GLN A 1619 -15.52 64.34 4.04
CA GLN A 1619 -15.12 65.71 4.36
C GLN A 1619 -15.71 66.14 5.69
N LYS A 1620 -14.91 66.85 6.49
CA LYS A 1620 -15.34 67.46 7.75
C LYS A 1620 -15.97 66.44 8.70
N GLY A 1621 -15.63 65.17 8.56
CA GLY A 1621 -16.19 64.17 9.44
C GLY A 1621 -15.56 64.20 10.82
N GLU A 1622 -16.28 63.63 11.79
CA GLU A 1622 -15.76 63.55 13.15
C GLU A 1622 -14.50 62.69 13.20
N ASN A 1623 -14.47 61.59 12.44
CA ASN A 1623 -13.31 60.73 12.29
C ASN A 1623 -13.60 59.70 11.19
N PRO A 1624 -12.59 59.32 10.40
CA PRO A 1624 -12.81 58.30 9.36
C PRO A 1624 -12.84 56.88 9.90
N SER A 1625 -12.97 56.70 11.22
CA SER A 1625 -12.86 55.35 11.79
C SER A 1625 -14.03 54.48 11.38
N HIS A 1626 -15.26 54.86 11.78
CA HIS A 1626 -16.42 53.99 11.61
C HIS A 1626 -17.12 54.19 10.27
N TYR A 1627 -16.40 54.63 9.25
CA TYR A 1627 -16.93 54.72 7.89
C TYR A 1627 -16.20 53.70 7.02
N GLY A 1628 -16.91 52.66 6.61
CA GLY A 1628 -16.29 51.60 5.82
C GLY A 1628 -17.35 50.66 5.29
N ILE A 1629 -16.95 49.91 4.26
CA ILE A 1629 -17.83 48.97 3.57
C ILE A 1629 -17.18 47.59 3.61
N THR A 1630 -18.01 46.56 3.79
CA THR A 1630 -17.56 45.18 3.78
C THR A 1630 -18.31 44.42 2.70
N ALA A 1631 -17.58 43.61 1.93
CA ALA A 1631 -18.15 42.83 0.84
C ALA A 1631 -18.10 41.35 1.20
N PHE A 1632 -19.19 40.64 0.92
CA PHE A 1632 -19.30 39.22 1.20
C PHE A 1632 -19.49 38.44 -0.10
N ASN A 1633 -19.12 37.17 -0.06
CA ASN A 1633 -19.27 36.26 -1.20
C ASN A 1633 -19.99 35.00 -0.73
N HIS A 1634 -21.24 34.83 -1.18
CA HIS A 1634 -22.06 33.69 -0.79
C HIS A 1634 -22.89 33.25 -1.99
N PRO A 1635 -22.53 32.13 -2.63
CA PRO A 1635 -23.30 31.66 -3.79
C PRO A 1635 -24.71 31.21 -3.43
N LEU A 1636 -25.54 30.98 -4.44
CA LEU A 1636 -26.91 30.54 -4.23
C LEU A 1636 -26.96 29.03 -3.99
N ASN A 1637 -28.16 28.51 -3.77
CA ASN A 1637 -28.32 27.08 -3.57
C ASN A 1637 -28.17 26.33 -4.88
N LEU A 1638 -27.69 25.09 -4.78
CA LEU A 1638 -27.48 24.26 -5.97
C LEU A 1638 -28.81 23.69 -6.46
N THR A 1639 -28.88 23.46 -7.78
CA THR A 1639 -30.07 22.95 -8.41
C THR A 1639 -29.89 21.47 -8.77
N LYS A 1640 -30.86 20.91 -9.50
CA LYS A 1640 -30.87 19.48 -9.78
C LYS A 1640 -29.60 19.03 -10.50
N GLN A 1641 -29.10 19.85 -11.42
CA GLN A 1641 -27.92 19.46 -12.19
C GLN A 1641 -26.69 19.31 -11.29
N GLN A 1642 -26.39 20.34 -10.50
CA GLN A 1642 -25.23 20.26 -9.62
C GLN A 1642 -25.44 19.21 -8.52
N LEU A 1643 -26.69 18.97 -8.12
CA LEU A 1643 -26.96 17.89 -7.18
C LEU A 1643 -26.60 16.54 -7.80
N SER A 1644 -26.96 16.32 -9.06
CA SER A 1644 -26.54 15.11 -9.75
C SER A 1644 -25.02 15.03 -9.87
N GLU A 1645 -24.37 16.16 -10.11
CA GLU A 1645 -22.92 16.16 -10.22
C GLU A 1645 -22.25 15.76 -8.91
N VAL A 1646 -22.74 16.29 -7.78
CA VAL A 1646 -22.14 15.94 -6.50
C VAL A 1646 -22.47 14.50 -6.12
N ALA A 1647 -23.67 14.03 -6.47
CA ALA A 1647 -24.00 12.63 -6.24
C ALA A 1647 -23.15 11.71 -7.11
N LEU A 1648 -22.67 12.19 -8.25
CA LEU A 1648 -21.78 11.42 -9.10
C LEU A 1648 -20.33 11.44 -8.59
N MET A 1649 -19.88 12.57 -8.03
CA MET A 1649 -18.49 12.66 -7.62
C MET A 1649 -18.27 12.08 -6.23
N THR A 1650 -19.33 11.96 -5.42
CA THR A 1650 -19.17 11.36 -4.10
C THR A 1650 -18.94 9.86 -4.18
N THR A 1651 -19.16 9.25 -5.34
CA THR A 1651 -18.98 7.81 -5.48
C THR A 1651 -17.53 7.41 -5.24
N SER A 1652 -16.59 8.33 -5.45
CA SER A 1652 -15.19 8.03 -5.15
C SER A 1652 -15.00 7.73 -3.67
N VAL A 1653 -15.47 8.62 -2.79
CA VAL A 1653 -15.36 8.39 -1.35
C VAL A 1653 -16.21 7.19 -0.94
N ASP A 1654 -17.37 7.01 -1.61
CA ASP A 1654 -18.21 5.87 -1.28
C ASP A 1654 -17.49 4.54 -1.55
N VAL A 1655 -16.87 4.40 -2.73
CA VAL A 1655 -16.16 3.16 -3.04
C VAL A 1655 -14.90 3.05 -2.18
N LEU A 1656 -14.31 4.18 -1.80
CA LEU A 1656 -13.13 4.15 -0.94
C LEU A 1656 -13.48 3.57 0.43
N VAL A 1657 -14.62 3.98 0.98
CA VAL A 1657 -15.01 3.47 2.30
C VAL A 1657 -15.60 2.07 2.18
N SER A 1658 -16.10 1.71 1.00
CA SER A 1658 -16.66 0.38 0.80
C SER A 1658 -15.56 -0.67 0.65
N ILE A 1659 -14.44 -0.31 0.02
CA ILE A 1659 -13.36 -1.25 -0.21
C ILE A 1659 -12.78 -1.77 1.10
N CYS A 1660 -12.53 -0.89 2.08
CA CYS A 1660 -11.99 -1.32 3.36
C CYS A 1660 -12.97 -2.20 4.13
N VAL A 1661 -14.27 -1.95 4.03
CA VAL A 1661 -15.25 -2.83 4.64
C VAL A 1661 -15.23 -4.19 3.98
N ILE A 1662 -15.12 -4.22 2.65
CA ILE A 1662 -15.01 -5.50 1.94
C ILE A 1662 -13.79 -6.27 2.40
N PHE A 1663 -12.67 -5.57 2.64
CA PHE A 1663 -11.45 -6.22 3.08
C PHE A 1663 -11.58 -6.74 4.52
N ALA A 1664 -12.20 -5.94 5.39
CA ALA A 1664 -12.35 -6.34 6.78
C ALA A 1664 -13.34 -7.48 6.95
N MET A 1665 -14.37 -7.57 6.10
CA MET A 1665 -15.35 -8.63 6.23
C MET A 1665 -14.85 -9.96 5.67
N SER A 1666 -13.74 -9.95 4.94
CA SER A 1666 -13.22 -11.16 4.32
C SER A 1666 -12.25 -11.93 5.21
N PHE A 1667 -12.17 -11.61 6.49
CA PHE A 1667 -11.22 -12.27 7.39
C PHE A 1667 -11.86 -13.36 8.24
N VAL A 1668 -13.19 -13.47 8.24
CA VAL A 1668 -13.87 -14.48 9.04
C VAL A 1668 -13.75 -15.87 8.40
N PRO A 1669 -14.02 -16.04 7.09
CA PRO A 1669 -13.87 -17.38 6.50
C PRO A 1669 -12.42 -17.86 6.43
N ALA A 1670 -11.45 -16.96 6.64
CA ALA A 1670 -10.05 -17.39 6.65
C ALA A 1670 -9.78 -18.36 7.80
N SER A 1671 -10.34 -18.08 8.99
CA SER A 1671 -10.19 -19.01 10.10
C SER A 1671 -10.85 -20.35 9.79
N PHE A 1672 -12.01 -20.32 9.15
CA PHE A 1672 -12.69 -21.57 8.80
C PHE A 1672 -11.85 -22.39 7.84
N VAL A 1673 -11.31 -21.76 6.80
CA VAL A 1673 -10.58 -22.52 5.80
C VAL A 1673 -9.24 -23.01 6.36
N VAL A 1674 -8.59 -22.22 7.24
CA VAL A 1674 -7.34 -22.69 7.80
C VAL A 1674 -7.57 -23.82 8.79
N PHE A 1675 -8.73 -23.81 9.49
CA PHE A 1675 -9.06 -24.93 10.35
C PHE A 1675 -9.36 -26.18 9.53
N LEU A 1676 -10.06 -26.02 8.40
CA LEU A 1676 -10.31 -27.15 7.52
C LEU A 1676 -9.00 -27.72 6.96
N ILE A 1677 -8.05 -26.85 6.66
CA ILE A 1677 -6.75 -27.31 6.18
C ILE A 1677 -6.00 -28.04 7.28
N GLN A 1678 -6.05 -27.52 8.51
CA GLN A 1678 -5.40 -28.18 9.64
C GLN A 1678 -5.99 -29.57 9.88
N GLU A 1679 -7.31 -29.70 9.75
CA GLU A 1679 -7.98 -30.98 9.94
C GLU A 1679 -7.96 -31.86 8.70
N ARG A 1680 -7.48 -31.36 7.57
CA ARG A 1680 -7.53 -32.08 6.31
C ARG A 1680 -6.32 -32.97 6.06
N VAL A 1681 -5.16 -32.66 6.65
CA VAL A 1681 -3.94 -33.40 6.32
C VAL A 1681 -3.82 -34.63 7.21
N SER A 1682 -4.53 -35.70 6.84
CA SER A 1682 -4.46 -37.00 7.49
C SER A 1682 -4.74 -36.94 8.99
N LYS A 1683 -5.26 -35.81 9.48
CA LYS A 1683 -5.50 -35.67 10.91
C LYS A 1683 -6.86 -36.25 11.32
N ALA A 1684 -7.94 -35.66 10.79
CA ALA A 1684 -9.27 -36.06 11.20
C ALA A 1684 -10.26 -36.29 10.06
N LYS A 1685 -10.03 -35.73 8.87
CA LYS A 1685 -11.00 -35.89 7.79
C LYS A 1685 -11.08 -37.35 7.35
N HIS A 1686 -9.94 -37.93 6.95
CA HIS A 1686 -9.92 -39.33 6.54
C HIS A 1686 -10.24 -40.25 7.72
N LEU A 1687 -9.81 -39.89 8.92
CA LEU A 1687 -10.09 -40.71 10.09
C LEU A 1687 -11.57 -40.76 10.39
N GLN A 1688 -12.25 -39.62 10.31
CA GLN A 1688 -13.70 -39.60 10.49
C GLN A 1688 -14.42 -40.26 9.32
N PHE A 1689 -13.81 -40.22 8.13
CA PHE A 1689 -14.42 -40.89 6.98
C PHE A 1689 -14.29 -42.40 7.09
N ILE A 1690 -13.29 -42.89 7.82
CA ILE A 1690 -13.17 -44.33 8.05
C ILE A 1690 -14.41 -44.85 8.77
N SER A 1691 -14.79 -44.19 9.86
CA SER A 1691 -16.04 -44.54 10.53
C SER A 1691 -17.23 -44.00 9.75
N GLY A 1692 -18.40 -44.56 10.03
CA GLY A 1692 -19.62 -44.10 9.37
C GLY A 1692 -19.97 -42.67 9.76
N VAL A 1693 -19.76 -41.73 8.83
CA VAL A 1693 -19.98 -40.33 9.14
C VAL A 1693 -20.87 -39.70 8.07
N LYS A 1694 -21.01 -40.37 6.92
CA LYS A 1694 -21.77 -39.85 5.79
C LYS A 1694 -21.20 -38.49 5.39
N PRO A 1695 -20.01 -38.47 4.74
CA PRO A 1695 -19.24 -37.22 4.56
C PRO A 1695 -20.03 -35.98 4.19
N VAL A 1696 -21.19 -36.14 3.55
CA VAL A 1696 -22.03 -34.97 3.27
C VAL A 1696 -22.49 -34.33 4.57
N ILE A 1697 -22.68 -35.12 5.63
CA ILE A 1697 -23.07 -34.56 6.92
C ILE A 1697 -21.92 -33.75 7.51
N TYR A 1698 -20.67 -34.16 7.26
CA TYR A 1698 -19.52 -33.41 7.74
C TYR A 1698 -19.53 -31.98 7.17
N TRP A 1699 -19.63 -31.86 5.86
CA TRP A 1699 -19.67 -30.54 5.23
C TRP A 1699 -20.93 -29.78 5.61
N LEU A 1700 -22.05 -30.49 5.81
CA LEU A 1700 -23.27 -29.84 6.24
C LEU A 1700 -23.10 -29.17 7.59
N SER A 1701 -22.56 -29.92 8.56
CA SER A 1701 -22.34 -29.36 9.90
C SER A 1701 -21.29 -28.25 9.86
N ASN A 1702 -20.27 -28.40 9.01
CA ASN A 1702 -19.28 -27.34 8.86
C ASN A 1702 -19.92 -26.05 8.37
N PHE A 1703 -20.76 -26.15 7.32
CA PHE A 1703 -21.46 -24.98 6.80
C PHE A 1703 -22.38 -24.38 7.85
N VAL A 1704 -23.08 -25.23 8.61
CA VAL A 1704 -24.01 -24.74 9.63
C VAL A 1704 -23.25 -23.94 10.68
N TRP A 1705 -22.16 -24.51 11.22
CA TRP A 1705 -21.39 -23.80 12.23
C TRP A 1705 -20.74 -22.55 11.66
N ASP A 1706 -20.31 -22.59 10.40
CA ASP A 1706 -19.70 -21.41 9.80
C ASP A 1706 -20.69 -20.27 9.69
N MET A 1707 -21.93 -20.57 9.31
CA MET A 1707 -22.97 -19.54 9.30
C MET A 1707 -23.25 -19.03 10.71
N CYS A 1708 -23.43 -19.94 11.67
CA CYS A 1708 -23.73 -19.55 13.03
C CYS A 1708 -22.61 -18.73 13.67
N ASN A 1709 -21.36 -18.97 13.28
CA ASN A 1709 -20.21 -18.25 13.82
C ASN A 1709 -19.90 -16.98 13.05
N TYR A 1710 -20.37 -16.87 11.80
CA TYR A 1710 -20.30 -15.59 11.10
C TYR A 1710 -21.41 -14.65 11.53
N VAL A 1711 -22.49 -15.21 12.10
CA VAL A 1711 -23.56 -14.37 12.64
C VAL A 1711 -23.01 -13.40 13.69
N VAL A 1712 -22.10 -13.87 14.54
CA VAL A 1712 -21.61 -13.09 15.67
C VAL A 1712 -20.88 -11.83 15.20
N PRO A 1713 -19.82 -11.92 14.36
CA PRO A 1713 -19.16 -10.69 13.92
C PRO A 1713 -20.04 -9.84 13.03
N ALA A 1714 -21.01 -10.42 12.34
CA ALA A 1714 -21.95 -9.62 11.55
C ALA A 1714 -22.73 -8.66 12.44
N THR A 1715 -23.39 -9.19 13.47
CA THR A 1715 -24.10 -8.34 14.41
C THR A 1715 -23.15 -7.42 15.16
N LEU A 1716 -21.92 -7.88 15.43
CA LEU A 1716 -20.94 -7.04 16.12
C LEU A 1716 -20.63 -5.79 15.31
N VAL A 1717 -20.24 -5.97 14.04
CA VAL A 1717 -19.92 -4.83 13.19
C VAL A 1717 -21.16 -3.99 12.94
N ILE A 1718 -22.34 -4.63 12.83
CA ILE A 1718 -23.57 -3.88 12.65
C ILE A 1718 -23.78 -2.91 13.80
N ILE A 1719 -23.64 -3.40 15.04
CA ILE A 1719 -23.76 -2.53 16.20
C ILE A 1719 -22.67 -1.45 16.18
N ILE A 1720 -21.44 -1.85 15.83
CA ILE A 1720 -20.31 -0.92 15.88
C ILE A 1720 -20.56 0.28 14.99
N PHE A 1721 -20.86 0.05 13.70
CA PHE A 1721 -21.04 1.14 12.76
C PHE A 1721 -22.50 1.55 12.60
N ILE A 1722 -23.38 1.06 13.48
CA ILE A 1722 -24.67 1.70 13.66
C ILE A 1722 -24.62 2.67 14.84
N CYS A 1723 -23.65 2.50 15.75
CA CYS A 1723 -23.44 3.48 16.81
C CYS A 1723 -23.12 4.85 16.22
N PHE A 1724 -22.34 4.88 15.15
CA PHE A 1724 -22.05 6.13 14.46
C PHE A 1724 -23.28 6.63 13.71
N GLN A 1725 -23.48 7.94 13.73
CA GLN A 1725 -24.67 8.56 13.13
C GLN A 1725 -24.44 8.78 11.63
N GLN A 1726 -24.34 7.67 10.90
CA GLN A 1726 -24.21 7.68 9.45
C GLN A 1726 -25.59 7.43 8.86
N LYS A 1727 -26.28 8.53 8.52
CA LYS A 1727 -27.67 8.44 8.10
C LYS A 1727 -27.86 7.57 6.86
N SER A 1728 -26.79 7.39 6.07
CA SER A 1728 -26.89 6.51 4.91
C SER A 1728 -27.08 5.05 5.28
N TYR A 1729 -26.74 4.67 6.52
CA TYR A 1729 -26.85 3.30 6.98
C TYR A 1729 -27.79 3.12 8.16
N VAL A 1730 -27.83 4.09 9.09
CA VAL A 1730 -28.61 3.92 10.31
C VAL A 1730 -30.09 4.19 10.12
N SER A 1731 -30.50 4.61 8.92
CA SER A 1731 -31.90 4.94 8.69
C SER A 1731 -32.79 3.71 8.87
N SER A 1732 -34.08 3.95 9.13
CA SER A 1732 -35.02 2.86 9.40
C SER A 1732 -35.31 2.05 8.14
N THR A 1733 -34.93 2.57 6.98
CA THR A 1733 -35.15 1.88 5.71
C THR A 1733 -33.86 1.33 5.10
N ASN A 1734 -32.69 1.71 5.63
CA ASN A 1734 -31.43 1.21 5.11
C ASN A 1734 -30.74 0.22 6.03
N LEU A 1735 -31.27 0.00 7.23
CA LEU A 1735 -30.66 -0.94 8.17
C LEU A 1735 -30.96 -2.41 7.84
N PRO A 1736 -32.21 -2.84 7.63
CA PRO A 1736 -32.43 -4.27 7.36
C PRO A 1736 -31.81 -4.73 6.04
N VAL A 1737 -31.87 -3.88 5.01
CA VAL A 1737 -31.27 -4.23 3.73
C VAL A 1737 -29.77 -4.44 3.86
N LEU A 1738 -29.07 -3.55 4.56
CA LEU A 1738 -27.63 -3.72 4.77
C LEU A 1738 -27.35 -4.93 5.66
N ALA A 1739 -28.23 -5.19 6.62
CA ALA A 1739 -28.06 -6.35 7.50
C ALA A 1739 -28.07 -7.65 6.69
N LEU A 1740 -29.15 -7.89 5.94
CA LEU A 1740 -29.18 -9.13 5.19
C LEU A 1740 -28.22 -9.10 4.01
N LEU A 1741 -27.77 -7.92 3.59
CA LEU A 1741 -26.70 -7.85 2.59
C LEU A 1741 -25.41 -8.44 3.16
N LEU A 1742 -25.03 -8.01 4.37
CA LEU A 1742 -23.86 -8.60 5.02
C LEU A 1742 -24.07 -10.10 5.26
N LEU A 1743 -25.28 -10.49 5.67
CA LEU A 1743 -25.56 -11.89 5.94
C LEU A 1743 -25.40 -12.74 4.68
N LEU A 1744 -25.97 -12.28 3.56
CA LEU A 1744 -25.88 -13.03 2.31
C LEU A 1744 -24.46 -13.00 1.74
N TYR A 1745 -23.73 -11.91 1.97
CA TYR A 1745 -22.34 -11.88 1.55
C TYR A 1745 -21.52 -12.95 2.28
N GLY A 1746 -21.73 -13.07 3.59
CA GLY A 1746 -21.07 -14.14 4.33
C GLY A 1746 -21.52 -15.52 3.86
N TRP A 1747 -22.83 -15.67 3.64
CA TRP A 1747 -23.39 -16.94 3.18
C TRP A 1747 -22.81 -17.35 1.83
N SER A 1748 -22.46 -16.38 0.99
CA SER A 1748 -21.91 -16.68 -0.32
C SER A 1748 -20.40 -16.83 -0.29
N ILE A 1749 -19.74 -16.18 0.68
CA ILE A 1749 -18.28 -16.23 0.71
C ILE A 1749 -17.77 -17.45 1.47
N THR A 1750 -18.55 -18.00 2.40
CA THR A 1750 -18.05 -19.16 3.15
C THR A 1750 -17.91 -20.42 2.29
N PRO A 1751 -18.77 -20.70 1.30
CA PRO A 1751 -18.54 -21.88 0.46
C PRO A 1751 -17.53 -21.65 -0.66
N LEU A 1752 -17.26 -20.38 -1.00
CA LEU A 1752 -16.33 -20.07 -2.08
C LEU A 1752 -14.91 -20.48 -1.75
N MET A 1753 -14.49 -20.39 -0.49
CA MET A 1753 -13.14 -20.75 -0.08
C MET A 1753 -13.03 -22.20 0.41
N TYR A 1754 -14.13 -22.95 0.38
CA TYR A 1754 -14.08 -24.36 0.75
C TYR A 1754 -13.20 -25.19 -0.19
N PRO A 1755 -13.38 -25.13 -1.52
CA PRO A 1755 -12.53 -25.95 -2.40
C PRO A 1755 -11.07 -25.52 -2.41
N ALA A 1756 -10.75 -24.30 -1.97
CA ALA A 1756 -9.36 -23.89 -1.88
C ALA A 1756 -8.59 -24.66 -0.83
N SER A 1757 -9.29 -25.31 0.11
CA SER A 1757 -8.62 -26.11 1.13
C SER A 1757 -8.27 -27.50 0.62
N PHE A 1758 -8.89 -27.94 -0.48
CA PHE A 1758 -8.68 -29.30 -0.97
C PHE A 1758 -7.22 -29.51 -1.38
N VAL A 1759 -6.78 -28.82 -2.42
CA VAL A 1759 -5.39 -28.94 -2.89
C VAL A 1759 -4.60 -27.86 -2.17
N PHE A 1760 -4.24 -28.16 -0.92
CA PHE A 1760 -3.33 -27.30 -0.16
C PHE A 1760 -2.71 -28.16 0.95
N LYS A 1761 -1.51 -28.64 0.72
CA LYS A 1761 -0.81 -29.50 1.68
C LYS A 1761 0.14 -28.71 2.57
N ILE A 1762 -0.35 -27.64 3.18
CA ILE A 1762 0.46 -26.84 4.10
C ILE A 1762 -0.47 -25.90 4.88
N PRO A 1763 -0.37 -25.87 6.21
CA PRO A 1763 -1.24 -24.98 6.99
C PRO A 1763 -0.62 -23.62 7.29
N SER A 1764 -1.41 -22.71 7.84
CA SER A 1764 -0.96 -21.40 8.33
C SER A 1764 -0.38 -20.53 7.22
N THR A 1765 -0.67 -20.85 5.96
CA THR A 1765 -0.23 -20.01 4.86
C THR A 1765 -1.30 -19.74 3.81
N ALA A 1766 -2.44 -20.44 3.83
CA ALA A 1766 -3.54 -20.07 2.94
C ALA A 1766 -4.15 -18.74 3.35
N TYR A 1767 -3.94 -18.33 4.60
CA TYR A 1767 -4.46 -17.06 5.09
C TYR A 1767 -4.00 -15.90 4.20
N VAL A 1768 -2.69 -15.79 3.97
CA VAL A 1768 -2.14 -14.63 3.29
C VAL A 1768 -2.53 -14.63 1.81
N VAL A 1769 -2.51 -15.80 1.17
CA VAL A 1769 -2.84 -15.85 -0.26
C VAL A 1769 -4.33 -15.61 -0.47
N LEU A 1770 -5.17 -16.10 0.45
CA LEU A 1770 -6.60 -15.84 0.34
C LEU A 1770 -6.91 -14.36 0.58
N THR A 1771 -6.22 -13.75 1.56
CA THR A 1771 -6.37 -12.31 1.77
C THR A 1771 -5.93 -11.54 0.53
N SER A 1772 -4.85 -11.98 -0.12
CA SER A 1772 -4.37 -11.29 -1.31
C SER A 1772 -5.34 -11.41 -2.47
N VAL A 1773 -5.90 -12.60 -2.69
CA VAL A 1773 -6.84 -12.74 -3.80
C VAL A 1773 -8.15 -12.03 -3.49
N ASN A 1774 -8.52 -11.92 -2.21
CA ASN A 1774 -9.70 -11.14 -1.85
C ASN A 1774 -9.45 -9.65 -2.09
N LEU A 1775 -8.25 -9.15 -1.75
CA LEU A 1775 -7.90 -7.78 -2.07
C LEU A 1775 -7.93 -7.54 -3.58
N PHE A 1776 -7.47 -8.53 -4.36
CA PHE A 1776 -7.51 -8.41 -5.80
C PHE A 1776 -8.93 -8.34 -6.33
N ILE A 1777 -9.83 -9.16 -5.78
CA ILE A 1777 -11.23 -9.13 -6.17
C ILE A 1777 -11.86 -7.79 -5.79
N GLY A 1778 -11.48 -7.25 -4.63
CA GLY A 1778 -11.97 -5.94 -4.24
C GLY A 1778 -11.51 -4.84 -5.17
N ILE A 1779 -10.23 -4.88 -5.56
CA ILE A 1779 -9.71 -3.89 -6.52
C ILE A 1779 -10.41 -4.04 -7.86
N ASN A 1780 -10.70 -5.27 -8.28
CA ASN A 1780 -11.43 -5.49 -9.52
C ASN A 1780 -12.83 -4.91 -9.43
N GLY A 1781 -13.51 -5.10 -8.30
CA GLY A 1781 -14.83 -4.52 -8.14
C GLY A 1781 -14.81 -3.01 -8.10
N SER A 1782 -13.75 -2.43 -7.52
CA SER A 1782 -13.62 -0.98 -7.50
C SER A 1782 -13.38 -0.44 -8.90
N VAL A 1783 -12.59 -1.15 -9.70
CA VAL A 1783 -12.32 -0.72 -11.07
C VAL A 1783 -13.59 -0.84 -11.92
N ALA A 1784 -14.35 -1.92 -11.73
CA ALA A 1784 -15.57 -2.10 -12.50
C ALA A 1784 -16.60 -1.03 -12.15
N THR A 1785 -16.60 -0.56 -10.90
CA THR A 1785 -17.51 0.50 -10.51
C THR A 1785 -17.12 1.83 -11.16
N PHE A 1786 -15.82 2.03 -11.40
CA PHE A 1786 -15.37 3.26 -12.04
C PHE A 1786 -15.87 3.36 -13.48
N VAL A 1787 -15.73 2.28 -14.24
CA VAL A 1787 -16.12 2.17 -15.65
C VAL A 1787 -15.91 3.46 -16.44
N ILE A 1799 -21.66 -1.53 -22.90
CA ILE A 1799 -20.67 -2.47 -22.37
C ILE A 1799 -20.78 -2.58 -20.86
N ASN A 1800 -21.41 -1.56 -20.25
CA ASN A 1800 -21.56 -1.56 -18.79
C ASN A 1800 -22.71 -2.46 -18.35
N ASP A 1801 -23.73 -2.62 -19.19
CA ASP A 1801 -24.86 -3.49 -18.84
C ASP A 1801 -24.42 -4.93 -18.70
N ILE A 1802 -23.77 -5.47 -19.73
CA ILE A 1802 -23.28 -6.85 -19.65
C ILE A 1802 -22.21 -6.97 -18.56
N LEU A 1803 -21.44 -5.91 -18.32
CA LEU A 1803 -20.44 -5.94 -17.27
C LEU A 1803 -21.08 -6.14 -15.89
N LYS A 1804 -22.08 -5.32 -15.56
CA LYS A 1804 -22.77 -5.45 -14.30
C LYS A 1804 -23.65 -6.69 -14.25
N SER A 1805 -23.97 -7.28 -15.40
CA SER A 1805 -24.75 -8.51 -15.41
C SER A 1805 -23.89 -9.74 -15.15
N VAL A 1806 -22.65 -9.75 -15.64
CA VAL A 1806 -21.78 -10.91 -15.50
C VAL A 1806 -20.89 -10.80 -14.27
N PHE A 1807 -20.67 -9.59 -13.73
CA PHE A 1807 -19.80 -9.47 -12.57
C PHE A 1807 -20.50 -9.78 -11.25
N LEU A 1808 -21.77 -10.17 -11.28
CA LEU A 1808 -22.48 -10.50 -10.05
C LEU A 1808 -22.05 -11.83 -9.45
N ILE A 1809 -21.08 -12.52 -10.06
CA ILE A 1809 -20.65 -13.81 -9.52
C ILE A 1809 -19.76 -13.62 -8.30
N PHE A 1810 -19.02 -12.51 -8.24
CA PHE A 1810 -18.12 -12.24 -7.12
C PHE A 1810 -18.88 -11.57 -5.98
N PRO A 1811 -18.95 -12.19 -4.81
CA PRO A 1811 -19.72 -11.58 -3.70
C PRO A 1811 -19.14 -10.28 -3.21
N HIS A 1812 -17.82 -10.09 -3.30
CA HIS A 1812 -17.21 -8.82 -2.93
C HIS A 1812 -17.75 -7.69 -3.79
N PHE A 1813 -17.79 -7.92 -5.12
CA PHE A 1813 -18.36 -6.94 -6.02
C PHE A 1813 -19.84 -6.71 -5.73
N CYS A 1814 -20.56 -7.76 -5.34
CA CYS A 1814 -21.98 -7.61 -4.99
C CYS A 1814 -22.15 -6.69 -3.80
N LEU A 1815 -21.40 -6.93 -2.72
CA LEU A 1815 -21.51 -6.07 -1.54
C LEU A 1815 -21.08 -4.65 -1.86
N GLY A 1816 -20.02 -4.49 -2.66
CA GLY A 1816 -19.57 -3.16 -3.02
C GLY A 1816 -20.63 -2.39 -3.79
N ARG A 1817 -21.18 -3.00 -4.83
CA ARG A 1817 -22.22 -2.34 -5.61
C ARG A 1817 -23.47 -2.09 -4.77
N GLY A 1818 -23.78 -2.98 -3.85
CA GLY A 1818 -24.91 -2.75 -2.97
C GLY A 1818 -24.72 -1.52 -2.11
N LEU A 1819 -23.56 -1.40 -1.48
CA LEU A 1819 -23.27 -0.21 -0.67
C LEU A 1819 -23.26 1.05 -1.52
N ILE A 1820 -22.70 0.97 -2.72
CA ILE A 1820 -22.63 2.15 -3.59
C ILE A 1820 -24.03 2.60 -3.99
N ASP A 1821 -24.88 1.67 -4.42
CA ASP A 1821 -26.23 2.03 -4.80
C ASP A 1821 -27.04 2.52 -3.60
N MET A 1822 -26.79 1.95 -2.42
CA MET A 1822 -27.50 2.39 -1.22
C MET A 1822 -27.16 3.84 -0.89
N VAL A 1823 -25.86 4.17 -0.85
CA VAL A 1823 -25.48 5.55 -0.54
C VAL A 1823 -25.89 6.49 -1.68
N LYS A 1824 -25.88 6.00 -2.92
CA LYS A 1824 -26.35 6.81 -4.04
C LYS A 1824 -27.81 7.20 -3.88
N ASN A 1825 -28.66 6.21 -3.57
CA ASN A 1825 -30.08 6.49 -3.42
C ASN A 1825 -30.34 7.33 -2.18
N GLN A 1826 -29.56 7.14 -1.11
CA GLN A 1826 -29.70 7.99 0.06
C GLN A 1826 -29.40 9.44 -0.28
N ALA A 1827 -28.29 9.69 -0.99
CA ALA A 1827 -27.94 11.05 -1.37
C ALA A 1827 -28.96 11.64 -2.32
N MET A 1828 -29.47 10.83 -3.25
CA MET A 1828 -30.47 11.32 -4.20
C MET A 1828 -31.76 11.71 -3.50
N ALA A 1829 -32.22 10.87 -2.56
CA ALA A 1829 -33.42 11.19 -1.81
C ALA A 1829 -33.22 12.43 -0.94
N ASP A 1830 -32.03 12.57 -0.34
CA ASP A 1830 -31.75 13.76 0.46
C ASP A 1830 -31.76 15.01 -0.40
N ALA A 1831 -31.18 14.94 -1.60
CA ALA A 1831 -31.17 16.10 -2.49
C ALA A 1831 -32.58 16.44 -2.96
N LEU A 1832 -33.39 15.42 -3.27
CA LEU A 1832 -34.75 15.68 -3.70
C LEU A 1832 -35.59 16.29 -2.57
N GLU A 1833 -35.35 15.83 -1.34
CA GLU A 1833 -36.03 16.44 -0.19
C GLU A 1833 -35.57 17.88 0.01
N ARG A 1834 -34.28 18.14 -0.21
CA ARG A 1834 -33.77 19.51 -0.13
C ARG A 1834 -34.42 20.41 -1.17
N PHE A 1835 -34.65 19.89 -2.36
CA PHE A 1835 -35.31 20.68 -3.41
C PHE A 1835 -36.82 20.80 -3.21
N GLY A 1836 -37.40 20.00 -2.31
CA GLY A 1836 -38.81 20.10 -2.01
C GLY A 1836 -39.70 19.04 -2.63
N GLU A 1837 -39.19 17.84 -2.88
CA GLU A 1837 -39.98 16.74 -3.42
C GLU A 1837 -39.73 15.49 -2.57
N ASN A 1838 -40.43 14.42 -2.92
CA ASN A 1838 -40.36 13.17 -2.15
C ASN A 1838 -40.31 11.99 -3.10
N ARG A 1839 -39.26 11.18 -3.00
CA ARG A 1839 -39.15 9.92 -3.71
C ARG A 1839 -38.84 8.81 -2.72
N PHE A 1840 -39.54 7.68 -2.85
CA PHE A 1840 -39.43 6.60 -1.89
C PHE A 1840 -39.07 5.29 -2.62
N VAL A 1841 -38.08 5.36 -3.49
CA VAL A 1841 -37.57 4.15 -4.15
C VAL A 1841 -36.86 3.33 -3.09
N SER A 1842 -37.48 2.21 -2.69
CA SER A 1842 -36.90 1.37 -1.66
C SER A 1842 -35.62 0.73 -2.15
N PRO A 1843 -34.58 0.60 -1.31
CA PRO A 1843 -33.36 -0.06 -1.76
C PRO A 1843 -33.56 -1.53 -2.12
N LEU A 1844 -34.57 -2.19 -1.55
CA LEU A 1844 -34.85 -3.59 -1.82
C LEU A 1844 -35.46 -3.84 -3.20
N SER A 1845 -35.52 -2.85 -4.08
CA SER A 1845 -36.05 -3.06 -5.42
C SER A 1845 -35.16 -4.04 -6.20
N TRP A 1846 -35.79 -4.87 -7.02
CA TRP A 1846 -35.08 -5.93 -7.72
C TRP A 1846 -33.96 -5.37 -8.59
N ASP A 1847 -34.21 -4.25 -9.27
CA ASP A 1847 -33.22 -3.70 -10.19
C ASP A 1847 -32.05 -3.09 -9.44
N LEU A 1848 -32.31 -2.37 -8.35
CA LEU A 1848 -31.25 -1.62 -7.67
C LEU A 1848 -30.43 -2.52 -6.74
N VAL A 1849 -31.06 -3.05 -5.70
CA VAL A 1849 -30.40 -3.90 -4.72
C VAL A 1849 -31.37 -5.00 -4.30
N GLY A 1850 -30.95 -6.24 -4.44
CA GLY A 1850 -31.82 -7.39 -4.26
C GLY A 1850 -31.53 -8.40 -5.33
N ARG A 1851 -31.17 -7.90 -6.51
CA ARG A 1851 -30.52 -8.75 -7.51
C ARG A 1851 -29.20 -9.28 -6.98
N ASN A 1852 -28.45 -8.43 -6.28
CA ASN A 1852 -27.21 -8.88 -5.65
C ASN A 1852 -27.50 -9.90 -4.55
N LEU A 1853 -28.57 -9.71 -3.80
CA LEU A 1853 -28.92 -10.65 -2.74
C LEU A 1853 -29.26 -12.03 -3.30
N PHE A 1854 -30.14 -12.06 -4.30
CA PHE A 1854 -30.51 -13.32 -4.94
C PHE A 1854 -29.31 -13.97 -5.60
N ALA A 1855 -28.47 -13.17 -6.26
CA ALA A 1855 -27.27 -13.69 -6.90
C ALA A 1855 -26.34 -14.34 -5.87
N MET A 1856 -26.10 -13.66 -4.74
CA MET A 1856 -25.22 -14.20 -3.71
C MET A 1856 -25.83 -15.45 -3.08
N ALA A 1857 -27.15 -15.48 -2.91
CA ALA A 1857 -27.80 -16.66 -2.35
C ALA A 1857 -27.61 -17.86 -3.26
N VAL A 1858 -27.99 -17.73 -4.53
CA VAL A 1858 -27.87 -18.85 -5.46
C VAL A 1858 -26.41 -19.22 -5.67
N GLU A 1859 -25.50 -18.25 -5.54
CA GLU A 1859 -24.08 -18.54 -5.68
C GLU A 1859 -23.57 -19.36 -4.50
N GLY A 1860 -24.00 -19.01 -3.28
CA GLY A 1860 -23.66 -19.83 -2.13
C GLY A 1860 -24.19 -21.24 -2.25
N VAL A 1861 -25.43 -21.38 -2.73
CA VAL A 1861 -26.01 -22.70 -2.91
C VAL A 1861 -25.19 -23.52 -3.91
N VAL A 1862 -24.93 -22.95 -5.09
CA VAL A 1862 -24.22 -23.70 -6.12
C VAL A 1862 -22.79 -23.96 -5.71
N PHE A 1863 -22.20 -23.08 -4.89
CA PHE A 1863 -20.83 -23.31 -4.41
C PHE A 1863 -20.79 -24.45 -3.40
N PHE A 1864 -21.78 -24.51 -2.51
CA PHE A 1864 -21.87 -25.67 -1.62
C PHE A 1864 -22.06 -26.95 -2.41
N LEU A 1865 -22.90 -26.91 -3.45
CA LEU A 1865 -23.13 -28.10 -4.26
C LEU A 1865 -21.86 -28.54 -4.98
N ILE A 1866 -21.13 -27.61 -5.58
CA ILE A 1866 -19.93 -28.00 -6.33
C ILE A 1866 -18.82 -28.44 -5.36
N THR A 1867 -18.80 -27.87 -4.16
CA THR A 1867 -17.85 -28.33 -3.15
C THR A 1867 -18.14 -29.76 -2.73
N VAL A 1868 -19.43 -30.09 -2.55
CA VAL A 1868 -19.80 -31.48 -2.30
C VAL A 1868 -19.42 -32.36 -3.48
N LEU A 1869 -19.51 -31.81 -4.70
CA LEU A 1869 -19.23 -32.59 -5.91
C LEU A 1869 -17.75 -32.94 -6.04
N ILE A 1870 -16.88 -31.98 -5.77
CA ILE A 1870 -15.44 -32.17 -5.95
C ILE A 1870 -14.94 -33.36 -5.12
N GLN A 1871 -15.49 -33.52 -3.91
CA GLN A 1871 -15.05 -34.61 -3.04
C GLN A 1871 -15.38 -35.98 -3.64
N TYR A 1872 -16.59 -36.11 -4.19
CA TYR A 1872 -17.00 -37.38 -4.78
C TYR A 1872 -16.51 -37.57 -6.21
N ARG A 1873 -16.06 -36.49 -6.86
CA ARG A 1873 -15.60 -36.54 -8.26
C ARG A 1873 -16.68 -37.10 -9.18
N PHE A 1874 -17.94 -36.85 -8.84
CA PHE A 1874 -19.09 -37.34 -9.60
C PHE A 1874 -19.05 -38.85 -9.79
N VAL A 1929 -0.30 -55.71 -5.55
CA VAL A 1929 -0.90 -56.84 -4.86
C VAL A 1929 -1.04 -58.02 -5.81
N ASP A 1930 -0.83 -59.23 -5.29
CA ASP A 1930 -0.92 -60.46 -6.08
C ASP A 1930 -1.56 -61.54 -5.21
N ARG A 1931 -2.88 -61.65 -5.30
CA ARG A 1931 -3.64 -62.69 -4.60
C ARG A 1931 -3.38 -62.68 -3.10
N ILE A 1932 -3.75 -61.57 -2.47
CA ILE A 1932 -3.61 -61.43 -1.02
C ILE A 1932 -4.73 -62.24 -0.38
N CYS A 1933 -4.37 -63.38 0.21
CA CYS A 1933 -5.35 -64.29 0.82
C CYS A 1933 -4.87 -64.63 2.23
N VAL A 1934 -5.69 -64.29 3.23
CA VAL A 1934 -5.37 -64.56 4.63
C VAL A 1934 -6.67 -64.68 5.41
N GLY A 1935 -6.67 -65.54 6.42
CA GLY A 1935 -7.83 -65.73 7.27
C GLY A 1935 -7.59 -65.31 8.70
N ILE A 1936 -8.38 -64.35 9.18
CA ILE A 1936 -8.19 -63.82 10.53
C ILE A 1936 -9.32 -64.32 11.43
N PRO A 1937 -9.07 -65.36 12.23
CA PRO A 1937 -10.11 -65.83 13.16
C PRO A 1937 -10.13 -64.99 14.42
N PRO A 1938 -10.95 -65.36 15.40
CA PRO A 1938 -11.01 -64.56 16.64
C PRO A 1938 -9.75 -64.72 17.49
N GLY A 1939 -8.95 -63.67 17.57
CA GLY A 1939 -7.73 -63.71 18.35
C GLY A 1939 -6.52 -64.15 17.55
N GLU A 1940 -6.28 -63.49 16.42
CA GLU A 1940 -5.14 -63.82 15.56
C GLU A 1940 -4.45 -62.52 15.16
N CYS A 1941 -3.31 -62.24 15.79
CA CYS A 1941 -2.52 -61.05 15.49
C CYS A 1941 -1.77 -61.26 14.17
N PHE A 1942 -2.52 -61.15 13.07
CA PHE A 1942 -1.98 -61.40 11.74
C PHE A 1942 -1.18 -60.18 11.26
N GLY A 1943 0.04 -60.08 11.78
CA GLY A 1943 0.94 -59.03 11.35
C GLY A 1943 1.40 -59.22 9.92
N LEU A 1944 1.13 -58.24 9.07
CA LEU A 1944 1.42 -58.33 7.63
C LEU A 1944 2.57 -57.38 7.32
N LEU A 1945 3.79 -57.87 7.42
CA LEU A 1945 4.96 -57.10 7.03
C LEU A 1945 5.14 -57.12 5.52
N GLY A 1946 6.15 -56.40 5.05
CA GLY A 1946 6.40 -56.34 3.62
C GLY A 1946 7.74 -55.69 3.34
N VAL A 1947 8.20 -55.87 2.09
CA VAL A 1947 9.46 -55.27 1.68
C VAL A 1947 9.31 -53.76 1.55
N ASN A 1948 10.44 -53.07 1.42
CA ASN A 1948 10.44 -51.63 1.26
C ASN A 1948 9.73 -51.23 -0.02
N GLY A 1949 8.61 -50.52 0.13
CA GLY A 1949 7.83 -50.10 -1.02
C GLY A 1949 6.84 -51.12 -1.51
N ALA A 1950 6.38 -52.02 -0.64
CA ALA A 1950 5.42 -53.05 -1.03
C ALA A 1950 3.98 -52.54 -1.07
N GLY A 1951 3.75 -51.26 -0.76
CA GLY A 1951 2.41 -50.73 -0.78
C GLY A 1951 1.55 -51.13 0.40
N LYS A 1952 2.11 -51.16 1.61
CA LYS A 1952 1.33 -51.52 2.78
C LYS A 1952 0.25 -50.49 3.07
N SER A 1953 0.58 -49.21 2.91
CA SER A 1953 -0.41 -48.16 3.16
C SER A 1953 -1.53 -48.20 2.11
N SER A 1954 -1.17 -48.46 0.85
CA SER A 1954 -2.19 -48.56 -0.19
C SER A 1954 -3.11 -49.74 0.06
N THR A 1955 -2.55 -50.89 0.46
CA THR A 1955 -3.37 -52.06 0.76
C THR A 1955 -4.25 -51.81 1.98
N PHE A 1956 -3.73 -51.08 2.97
CA PHE A 1956 -4.53 -50.74 4.14
C PHE A 1956 -5.70 -49.82 3.77
N LYS A 1957 -5.43 -48.82 2.92
CA LYS A 1957 -6.50 -47.93 2.49
C LYS A 1957 -7.53 -48.65 1.63
N MET A 1958 -7.08 -49.63 0.84
CA MET A 1958 -8.00 -50.40 0.01
C MET A 1958 -8.88 -51.32 0.85
N LEU A 1959 -8.26 -52.04 1.80
CA LEU A 1959 -9.02 -52.97 2.63
C LEU A 1959 -9.92 -52.26 3.63
N THR A 1960 -9.70 -50.97 3.90
CA THR A 1960 -10.54 -50.23 4.84
C THR A 1960 -11.62 -49.44 4.11
N GLU A 1983 -21.14 -51.37 7.64
CA GLU A 1983 -20.94 -52.43 8.63
C GLU A 1983 -19.46 -52.75 8.80
N VAL A 1984 -18.76 -52.94 7.68
CA VAL A 1984 -17.33 -53.22 7.73
C VAL A 1984 -16.57 -52.03 8.31
N HIS A 1985 -17.03 -50.82 8.01
CA HIS A 1985 -16.40 -49.62 8.55
C HIS A 1985 -16.58 -49.54 10.06
N GLN A 1986 -17.79 -49.78 10.54
CA GLN A 1986 -18.05 -49.77 11.98
C GLN A 1986 -17.41 -50.95 12.70
N ASN A 1987 -17.08 -52.01 11.98
CA ASN A 1987 -16.43 -53.18 12.58
C ASN A 1987 -14.91 -53.13 12.46
N MET A 1988 -14.34 -51.99 12.07
CA MET A 1988 -12.91 -51.84 11.92
C MET A 1988 -12.42 -50.61 12.69
N GLY A 1989 -11.23 -50.73 13.27
CA GLY A 1989 -10.61 -49.60 13.95
C GLY A 1989 -9.26 -49.30 13.32
N TYR A 1990 -8.92 -48.01 13.33
CA TYR A 1990 -7.72 -47.54 12.66
C TYR A 1990 -6.86 -46.75 13.63
N CYS A 1991 -5.54 -46.90 13.50
CA CYS A 1991 -4.57 -46.13 14.25
C CYS A 1991 -3.60 -45.51 13.25
N PRO A 1992 -3.60 -44.20 13.08
CA PRO A 1992 -2.74 -43.59 12.05
C PRO A 1992 -1.28 -43.62 12.44
N GLN A 1993 -0.41 -43.72 11.42
CA GLN A 1993 1.03 -43.70 11.66
C GLN A 1993 1.46 -42.33 12.18
N PHE A 1994 0.82 -41.26 11.71
CA PHE A 1994 1.11 -39.91 12.17
C PHE A 1994 0.14 -39.54 13.28
N ASP A 1995 0.61 -38.80 14.27
CA ASP A 1995 -0.23 -38.38 15.38
C ASP A 1995 -1.40 -37.55 14.88
N ALA A 1996 -2.58 -37.82 15.43
CA ALA A 1996 -3.81 -37.15 15.03
C ALA A 1996 -4.53 -36.67 16.28
N ILE A 1997 -4.46 -35.37 16.54
CA ILE A 1997 -5.11 -34.76 17.70
C ILE A 1997 -5.20 -33.26 17.48
N THR A 1998 -6.31 -32.66 17.89
CA THR A 1998 -6.49 -31.21 17.80
C THR A 1998 -5.58 -30.56 18.82
N GLU A 1999 -4.77 -29.59 18.36
CA GLU A 1999 -3.79 -28.97 19.22
C GLU A 1999 -4.40 -28.18 20.37
N LEU A 2000 -5.64 -27.70 20.22
CA LEU A 2000 -6.29 -26.87 21.23
C LEU A 2000 -7.40 -27.60 21.97
N LEU A 2001 -7.65 -28.87 21.65
CA LEU A 2001 -8.72 -29.60 22.31
C LEU A 2001 -8.18 -30.30 23.56
N THR A 2002 -9.08 -31.01 24.24
CA THR A 2002 -8.76 -31.72 25.47
C THR A 2002 -8.56 -33.21 25.18
N GLY A 2003 -7.90 -33.89 26.12
CA GLY A 2003 -7.62 -35.30 25.99
C GLY A 2003 -8.84 -36.18 26.09
N ARG A 2004 -9.63 -35.98 27.15
CA ARG A 2004 -10.82 -36.82 27.35
C ARG A 2004 -11.88 -36.53 26.30
N GLU A 2005 -12.01 -35.26 25.89
CA GLU A 2005 -13.01 -34.91 24.89
C GLU A 2005 -12.73 -35.56 23.54
N HIS A 2006 -11.47 -35.90 23.25
CA HIS A 2006 -11.16 -36.62 22.02
C HIS A 2006 -11.86 -37.98 21.99
N VAL A 2007 -11.63 -38.80 23.01
CA VAL A 2007 -12.24 -40.11 23.03
C VAL A 2007 -13.75 -40.01 23.24
N GLU A 2008 -14.21 -38.95 23.91
CA GLU A 2008 -15.65 -38.74 24.04
C GLU A 2008 -16.29 -38.49 22.68
N PHE A 2009 -15.67 -37.62 21.88
CA PHE A 2009 -16.19 -37.32 20.54
C PHE A 2009 -16.13 -38.56 19.65
N PHE A 2010 -15.03 -39.31 19.71
CA PHE A 2010 -14.92 -40.52 18.90
C PHE A 2010 -15.88 -41.61 19.34
N ALA A 2011 -16.25 -41.65 20.63
CA ALA A 2011 -17.24 -42.62 21.08
C ALA A 2011 -18.64 -42.19 20.65
N LEU A 2012 -18.91 -40.88 20.68
CA LEU A 2012 -20.17 -40.37 20.13
C LEU A 2012 -20.30 -40.71 18.65
N LEU A 2013 -19.21 -40.57 17.90
CA LEU A 2013 -19.24 -40.94 16.48
C LEU A 2013 -19.25 -42.45 16.27
N ARG A 2014 -18.80 -43.23 17.26
CA ARG A 2014 -18.79 -44.68 17.11
C ARG A 2014 -20.21 -45.25 17.16
N GLY A 2015 -21.06 -44.72 18.03
CA GLY A 2015 -22.41 -45.20 18.14
C GLY A 2015 -22.78 -45.65 19.55
N VAL A 2016 -21.99 -45.22 20.53
CA VAL A 2016 -22.24 -45.57 21.93
C VAL A 2016 -23.44 -44.77 22.44
N PRO A 2017 -23.92 -45.05 23.66
CA PRO A 2017 -25.07 -44.31 24.18
C PRO A 2017 -24.68 -42.93 24.70
N GLU A 2018 -25.67 -42.03 24.72
CA GLU A 2018 -25.44 -40.68 25.21
C GLU A 2018 -25.11 -40.66 26.69
N LYS A 2019 -25.69 -41.59 27.46
CA LYS A 2019 -25.42 -41.64 28.89
C LYS A 2019 -24.17 -42.46 29.21
N GLU A 2020 -23.91 -43.52 28.45
CA GLU A 2020 -22.71 -44.33 28.66
C GLU A 2020 -21.47 -43.73 28.01
N VAL A 2021 -21.58 -42.54 27.42
CA VAL A 2021 -20.44 -41.91 26.78
C VAL A 2021 -19.36 -41.58 27.80
N GLY A 2022 -19.77 -41.04 28.96
CA GLY A 2022 -18.81 -40.74 30.01
C GLY A 2022 -18.12 -41.98 30.55
N LYS A 2023 -18.88 -43.06 30.72
CA LYS A 2023 -18.30 -44.31 31.19
C LYS A 2023 -17.31 -44.87 30.18
N VAL A 2024 -17.67 -44.81 28.89
CA VAL A 2024 -16.76 -45.29 27.85
C VAL A 2024 -15.49 -44.45 27.81
N GLY A 2025 -15.63 -43.13 27.97
CA GLY A 2025 -14.46 -42.28 28.00
C GLY A 2025 -13.56 -42.55 29.18
N GLU A 2026 -14.15 -42.75 30.36
CA GLU A 2026 -13.36 -43.09 31.54
C GLU A 2026 -12.66 -44.44 31.36
N TRP A 2027 -13.35 -45.41 30.76
CA TRP A 2027 -12.74 -46.71 30.51
C TRP A 2027 -11.56 -46.58 29.55
N ALA A 2028 -11.74 -45.80 28.49
CA ALA A 2028 -10.65 -45.61 27.53
C ALA A 2028 -9.48 -44.85 28.13
N ILE A 2029 -9.75 -43.89 29.01
CA ILE A 2029 -8.68 -43.14 29.65
C ILE A 2029 -7.97 -43.92 30.75
N ARG A 2030 -8.64 -44.92 31.35
CA ARG A 2030 -8.03 -45.73 32.37
C ARG A 2030 -7.30 -46.94 31.79
N LYS A 2031 -7.74 -47.43 30.63
CA LYS A 2031 -7.11 -48.61 30.04
C LYS A 2031 -5.71 -48.30 29.54
N LEU A 2032 -5.57 -47.33 28.64
CA LEU A 2032 -4.30 -46.99 28.03
C LEU A 2032 -3.42 -46.12 28.92
N GLY A 2033 -3.77 -45.95 30.19
CA GLY A 2033 -2.94 -45.14 31.07
C GLY A 2033 -3.14 -43.66 30.82
N LEU A 2034 -2.14 -42.87 31.21
CA LEU A 2034 -2.14 -41.41 31.09
C LEU A 2034 -3.29 -40.76 31.82
N VAL A 2035 -3.76 -41.36 32.92
CA VAL A 2035 -4.86 -40.77 33.68
C VAL A 2035 -4.42 -39.50 34.38
N LYS A 2036 -3.13 -39.40 34.73
CA LYS A 2036 -2.64 -38.19 35.38
C LYS A 2036 -2.68 -36.99 34.45
N TYR A 2037 -2.60 -37.22 33.14
CA TYR A 2037 -2.68 -36.16 32.13
C TYR A 2037 -3.89 -36.36 31.23
N GLY A 2038 -5.02 -36.76 31.82
CA GLY A 2038 -6.22 -37.00 31.02
C GLY A 2038 -6.98 -35.74 30.67
N GLU A 2039 -6.83 -34.69 31.47
CA GLU A 2039 -7.52 -33.42 31.25
C GLU A 2039 -6.45 -32.36 30.97
N LYS A 2040 -6.07 -32.24 29.69
CA LYS A 2040 -5.06 -31.27 29.28
C LYS A 2040 -5.12 -31.13 27.78
N TYR A 2041 -4.38 -30.15 27.26
CA TYR A 2041 -4.34 -29.90 25.82
C TYR A 2041 -3.56 -31.01 25.14
N ALA A 2042 -4.15 -31.61 24.10
CA ALA A 2042 -3.49 -32.70 23.39
C ALA A 2042 -2.22 -32.22 22.72
N GLY A 2043 -2.19 -30.97 22.26
CA GLY A 2043 -1.01 -30.43 21.61
C GLY A 2043 0.19 -30.30 22.52
N ASN A 2044 -0.04 -30.21 23.83
CA ASN A 2044 1.05 -30.10 24.80
C ASN A 2044 1.55 -31.44 25.30
N TYR A 2045 1.12 -32.54 24.69
CA TYR A 2045 1.55 -33.87 25.11
C TYR A 2045 2.91 -34.20 24.48
N SER A 2046 3.33 -35.44 24.62
CA SER A 2046 4.57 -35.93 24.04
C SER A 2046 4.26 -36.97 22.98
N GLY A 2047 5.32 -37.50 22.36
CA GLY A 2047 5.14 -38.52 21.34
C GLY A 2047 4.46 -39.77 21.87
N GLY A 2048 4.93 -40.27 23.01
CA GLY A 2048 4.33 -41.44 23.60
C GLY A 2048 2.88 -41.21 24.00
N ASN A 2049 2.58 -40.03 24.54
CA ASN A 2049 1.20 -39.71 24.90
C ASN A 2049 0.31 -39.61 23.67
N LYS A 2050 0.85 -39.05 22.58
CA LYS A 2050 0.08 -38.97 21.34
C LYS A 2050 -0.20 -40.35 20.78
N ARG A 2051 0.80 -41.23 20.80
CA ARG A 2051 0.58 -42.60 20.34
C ARG A 2051 -0.41 -43.34 21.24
N LYS A 2052 -0.37 -43.09 22.54
CA LYS A 2052 -1.34 -43.70 23.44
C LYS A 2052 -2.76 -43.22 23.14
N LEU A 2053 -2.93 -41.92 22.91
CA LEU A 2053 -4.24 -41.40 22.53
C LEU A 2053 -4.69 -42.01 21.21
N SER A 2054 -3.76 -42.18 20.27
CA SER A 2054 -4.11 -42.73 18.96
C SER A 2054 -4.58 -44.17 19.08
N THR A 2055 -3.86 -44.99 19.85
CA THR A 2055 -4.25 -46.39 19.98
C THR A 2055 -5.49 -46.54 20.87
N ALA A 2056 -5.75 -45.55 21.73
CA ALA A 2056 -6.98 -45.57 22.50
C ALA A 2056 -8.18 -45.18 21.63
N MET A 2057 -7.95 -44.33 20.63
CA MET A 2057 -9.02 -43.96 19.71
C MET A 2057 -9.53 -45.15 18.92
N ALA A 2058 -8.65 -46.11 18.61
CA ALA A 2058 -9.06 -47.28 17.84
C ALA A 2058 -9.85 -48.30 18.66
N LEU A 2059 -9.94 -48.10 19.98
CA LEU A 2059 -10.68 -49.01 20.85
C LEU A 2059 -11.88 -48.39 21.52
N ILE A 2060 -12.20 -47.12 21.24
CA ILE A 2060 -13.32 -46.45 21.88
C ILE A 2060 -14.66 -47.00 21.42
N GLY A 2061 -14.74 -47.56 20.22
CA GLY A 2061 -15.98 -48.12 19.72
C GLY A 2061 -16.08 -49.61 19.90
N GLY A 2062 -14.94 -50.26 20.14
CA GLY A 2062 -14.88 -51.68 20.35
C GLY A 2062 -15.29 -52.49 19.14
N PRO A 2063 -14.47 -52.46 18.08
CA PRO A 2063 -14.75 -53.27 16.91
C PRO A 2063 -14.08 -54.63 17.02
N PRO A 2064 -14.54 -55.62 16.25
CA PRO A 2064 -13.93 -56.96 16.34
C PRO A 2064 -12.50 -56.98 15.81
N VAL A 2065 -12.21 -56.17 14.81
CA VAL A 2065 -10.89 -56.09 14.20
C VAL A 2065 -10.41 -54.65 14.29
N VAL A 2066 -9.24 -54.46 14.91
CA VAL A 2066 -8.60 -53.15 15.02
C VAL A 2066 -7.33 -53.18 14.18
N PHE A 2067 -7.27 -52.32 13.17
CA PHE A 2067 -6.10 -52.21 12.30
C PHE A 2067 -5.14 -51.19 12.90
N LEU A 2068 -3.95 -51.64 13.26
CA LEU A 2068 -2.91 -50.76 13.78
C LEU A 2068 -1.81 -50.57 12.75
N ASP A 2069 -1.02 -49.52 12.95
CA ASP A 2069 0.08 -49.22 12.03
C ASP A 2069 1.14 -48.44 12.79
N GLU A 2070 2.26 -49.08 13.06
CA GLU A 2070 3.36 -48.50 13.82
C GLU A 2070 2.88 -47.93 15.17
N PRO A 2071 2.49 -48.79 16.11
CA PRO A 2071 2.00 -48.30 17.40
C PRO A 2071 3.06 -47.62 18.24
N THR A 2072 4.33 -47.99 18.09
CA THR A 2072 5.42 -47.44 18.89
C THR A 2072 6.42 -46.78 17.95
N THR A 2073 6.37 -45.45 17.87
CA THR A 2073 7.30 -44.68 17.06
C THR A 2073 7.95 -43.62 17.93
N GLY A 2074 9.26 -43.75 18.13
CA GLY A 2074 9.98 -42.82 18.98
C GLY A 2074 9.66 -42.91 20.45
N MET A 2075 8.99 -43.97 20.88
CA MET A 2075 8.60 -44.13 22.28
C MET A 2075 9.80 -44.61 23.09
N ASP A 2076 9.57 -44.95 24.35
CA ASP A 2076 10.60 -45.34 25.29
C ASP A 2076 10.21 -46.64 25.98
N PRO A 2077 11.20 -47.44 26.41
CA PRO A 2077 10.88 -48.60 27.27
C PRO A 2077 10.10 -48.18 28.51
N LYS A 2078 9.52 -49.19 29.17
CA LYS A 2078 8.58 -49.03 30.28
C LYS A 2078 7.29 -48.36 29.82
N ALA A 2079 7.21 -48.05 28.53
CA ALA A 2079 6.01 -47.54 27.88
C ALA A 2079 5.63 -48.33 26.65
N ARG A 2080 6.62 -48.80 25.87
CA ARG A 2080 6.33 -49.70 24.76
C ARG A 2080 5.79 -51.03 25.26
N ARG A 2081 6.34 -51.53 26.38
CA ARG A 2081 5.84 -52.77 26.96
C ARG A 2081 4.39 -52.62 27.41
N PHE A 2082 4.01 -51.42 27.85
CA PHE A 2082 2.62 -51.18 28.25
C PHE A 2082 1.67 -51.34 27.07
N LEU A 2083 1.99 -50.68 25.96
CA LEU A 2083 1.14 -50.80 24.76
C LEU A 2083 1.16 -52.23 24.23
N TRP A 2084 2.30 -52.91 24.32
CA TRP A 2084 2.36 -54.30 23.89
C TRP A 2084 1.48 -55.19 24.75
N ASN A 2085 1.42 -54.90 26.06
CA ASN A 2085 0.55 -55.65 26.95
C ASN A 2085 -0.92 -55.38 26.64
N CYS A 2086 -1.27 -54.12 26.36
CA CYS A 2086 -2.64 -53.81 25.96
C CYS A 2086 -3.00 -54.54 24.66
N ALA A 2087 -2.07 -54.60 23.71
CA ALA A 2087 -2.32 -55.31 22.47
C ALA A 2087 -2.53 -56.81 22.72
N LEU A 2088 -1.65 -57.40 23.51
CA LEU A 2088 -1.78 -58.82 23.83
C LEU A 2088 -3.10 -59.10 24.55
N SER A 2089 -3.55 -58.17 25.40
CA SER A 2089 -4.80 -58.38 26.12
C SER A 2089 -5.99 -58.29 25.17
N VAL A 2090 -6.00 -57.30 24.28
CA VAL A 2090 -7.14 -57.17 23.37
C VAL A 2090 -7.15 -58.31 22.36
N VAL A 2091 -5.99 -58.93 22.10
CA VAL A 2091 -5.97 -60.15 21.30
C VAL A 2091 -6.52 -61.32 22.11
N LYS A 2092 -6.19 -61.38 23.41
CA LYS A 2092 -6.60 -62.52 24.22
C LYS A 2092 -8.11 -62.56 24.41
N GLU A 2093 -8.80 -61.44 24.25
CA GLU A 2093 -10.25 -61.40 24.42
C GLU A 2093 -11.01 -61.89 23.19
N GLY A 2094 -10.33 -62.54 22.25
CA GLY A 2094 -10.99 -63.04 21.06
C GLY A 2094 -11.18 -62.02 19.96
N ARG A 2095 -10.37 -60.97 19.93
CA ARG A 2095 -10.46 -59.92 18.93
C ARG A 2095 -9.10 -59.83 18.22
N SER A 2096 -9.09 -60.18 16.94
CA SER A 2096 -7.85 -60.19 16.17
C SER A 2096 -7.41 -58.78 15.83
N VAL A 2097 -6.09 -58.58 15.75
CA VAL A 2097 -5.49 -57.31 15.40
C VAL A 2097 -4.62 -57.50 14.16
N VAL A 2098 -4.39 -56.40 13.46
CA VAL A 2098 -3.53 -56.38 12.28
C VAL A 2098 -2.65 -55.15 12.36
N LEU A 2099 -1.33 -55.35 12.32
CA LEU A 2099 -0.38 -54.26 12.42
C LEU A 2099 0.80 -54.52 11.50
N THR A 2100 1.56 -53.46 11.23
CA THR A 2100 2.75 -53.54 10.39
C THR A 2100 3.68 -52.39 10.73
N SER A 2101 4.98 -52.67 10.73
CA SER A 2101 5.99 -51.68 11.05
C SER A 2101 7.33 -52.17 10.52
N HIS A 2102 8.41 -51.48 10.90
CA HIS A 2102 9.76 -51.84 10.49
C HIS A 2102 10.55 -52.57 11.56
N SER A 2103 10.31 -52.27 12.83
CA SER A 2103 11.01 -52.94 13.93
C SER A 2103 10.51 -54.38 14.03
N MET A 2104 11.38 -55.32 13.66
CA MET A 2104 11.00 -56.73 13.68
C MET A 2104 10.86 -57.28 15.08
N GLU A 2105 11.45 -56.61 16.08
CA GLU A 2105 11.25 -57.03 17.46
C GLU A 2105 9.79 -56.90 17.87
N GLU A 2106 9.15 -55.80 17.49
CA GLU A 2106 7.73 -55.62 17.77
C GLU A 2106 6.91 -56.72 17.10
N CYS A 2107 7.27 -57.09 15.87
CA CYS A 2107 6.53 -58.13 15.16
C CYS A 2107 6.70 -59.48 15.85
N GLU A 2108 7.93 -59.83 16.22
CA GLU A 2108 8.17 -61.11 16.87
C GLU A 2108 7.62 -61.15 18.29
N ALA A 2109 7.37 -59.99 18.91
CA ALA A 2109 6.81 -59.96 20.25
C ALA A 2109 5.29 -59.85 20.28
N LEU A 2110 4.67 -59.37 19.20
CA LEU A 2110 3.23 -59.18 19.15
C LEU A 2110 2.56 -60.14 18.18
N CYS A 2111 3.02 -60.20 16.94
CA CYS A 2111 2.36 -61.00 15.93
C CYS A 2111 2.51 -62.49 16.22
N THR A 2112 1.49 -63.26 15.81
CA THR A 2112 1.50 -64.71 15.96
C THR A 2112 1.37 -65.46 14.64
N ARG A 2113 0.87 -64.83 13.57
CA ARG A 2113 0.78 -65.45 12.26
C ARG A 2113 1.29 -64.42 11.24
N MET A 2114 2.58 -64.51 10.93
CA MET A 2114 3.22 -63.54 10.05
C MET A 2114 2.70 -63.67 8.63
N ALA A 2115 2.83 -62.58 7.87
CA ALA A 2115 2.45 -62.57 6.46
C ALA A 2115 3.45 -61.67 5.73
N ILE A 2116 4.49 -62.29 5.17
CA ILE A 2116 5.54 -61.56 4.49
C ILE A 2116 5.12 -61.31 3.04
N MET A 2117 5.30 -60.07 2.60
CA MET A 2117 4.95 -59.66 1.24
C MET A 2117 6.22 -59.18 0.54
N VAL A 2118 6.78 -60.02 -0.32
CA VAL A 2118 7.99 -59.67 -1.04
C VAL A 2118 7.68 -58.77 -2.23
N ASN A 2119 6.88 -59.27 -3.18
CA ASN A 2119 6.46 -58.47 -4.34
C ASN A 2119 4.97 -58.76 -4.59
N GLY A 2120 4.11 -57.99 -3.94
CA GLY A 2120 2.68 -58.06 -4.19
C GLY A 2120 1.97 -59.27 -3.62
N ARG A 2121 2.69 -60.35 -3.37
CA ARG A 2121 2.10 -61.60 -2.92
C ARG A 2121 2.64 -62.00 -1.55
N PHE A 2122 1.84 -62.76 -0.82
CA PHE A 2122 2.22 -63.28 0.49
C PHE A 2122 3.25 -64.39 0.29
N ARG A 2123 4.53 -64.05 0.51
CA ARG A 2123 5.61 -65.00 0.25
C ARG A 2123 5.83 -65.99 1.39
N CYS A 2124 5.38 -65.66 2.60
CA CYS A 2124 5.59 -66.55 3.74
C CYS A 2124 4.51 -66.31 4.77
N LEU A 2125 4.02 -67.40 5.35
CA LEU A 2125 3.00 -67.35 6.39
C LEU A 2125 3.28 -68.45 7.42
N GLY A 2126 2.73 -68.27 8.60
CA GLY A 2126 2.91 -69.21 9.69
C GLY A 2126 3.32 -68.52 10.98
N SER A 2127 3.61 -69.35 11.97
CA SER A 2127 4.00 -68.84 13.29
C SER A 2127 5.41 -68.24 13.23
N VAL A 2128 5.79 -67.59 14.33
CA VAL A 2128 7.09 -66.94 14.39
C VAL A 2128 8.20 -67.98 14.45
N GLN A 2129 8.05 -68.98 15.34
CA GLN A 2129 9.08 -70.01 15.46
C GLN A 2129 9.17 -70.88 14.21
N HIS A 2130 8.02 -71.16 13.60
CA HIS A 2130 8.02 -71.97 12.37
C HIS A 2130 8.77 -71.26 11.25
N LEU A 2131 8.53 -69.95 11.09
CA LEU A 2131 9.23 -69.20 10.06
C LEU A 2131 10.70 -69.01 10.40
N LYS A 2132 11.03 -68.89 11.69
CA LYS A 2132 12.42 -68.73 12.08
C LYS A 2132 13.21 -70.01 11.92
N ASN A 2133 12.55 -71.17 12.02
CA ASN A 2133 13.24 -72.44 11.88
C ASN A 2133 13.29 -72.93 10.43
N ARG A 2134 12.21 -72.76 9.68
CA ARG A 2134 12.13 -73.25 8.31
C ARG A 2134 13.15 -72.57 7.40
N PHE A 2135 13.05 -71.26 7.23
CA PHE A 2135 13.90 -70.52 6.32
C PHE A 2135 14.97 -69.70 7.03
N GLY A 2136 15.05 -69.79 8.36
CA GLY A 2136 16.04 -69.05 9.11
C GLY A 2136 17.41 -69.69 9.05
N ASP A 2137 18.38 -68.96 9.60
CA ASP A 2137 19.76 -69.44 9.64
C ASP A 2137 19.93 -70.41 10.81
N GLY A 2138 21.18 -70.82 11.06
CA GLY A 2138 21.47 -71.73 12.15
C GLY A 2138 21.54 -71.02 13.48
N TYR A 2139 21.97 -71.78 14.49
CA TYR A 2139 22.05 -71.24 15.84
C TYR A 2139 23.28 -70.34 15.99
N THR A 2140 23.36 -69.64 17.11
CA THR A 2140 24.52 -68.80 17.42
C THR A 2140 24.97 -69.11 18.84
N ILE A 2141 26.28 -69.28 19.01
CA ILE A 2141 26.85 -69.63 20.30
C ILE A 2141 27.84 -68.55 20.73
N VAL A 2142 27.90 -68.33 22.04
CA VAL A 2142 28.84 -67.38 22.63
C VAL A 2142 29.51 -68.06 23.82
N VAL A 2143 30.84 -68.02 23.82
CA VAL A 2143 31.64 -68.68 24.85
C VAL A 2143 32.57 -67.66 25.48
N ARG A 2144 32.86 -67.87 26.77
CA ARG A 2144 33.79 -67.02 27.51
C ARG A 2144 34.75 -67.92 28.27
N ILE A 2145 36.04 -67.59 28.20
CA ILE A 2145 37.06 -68.36 28.89
C ILE A 2145 37.42 -67.70 30.22
N PRO A 2150 45.03 -63.55 29.63
CA PRO A 2150 44.83 -63.68 28.18
C PRO A 2150 43.95 -64.87 27.82
N ASP A 2151 44.04 -65.30 26.56
CA ASP A 2151 43.24 -66.43 26.08
C ASP A 2151 44.13 -67.49 25.45
N LEU A 2152 43.53 -68.51 24.85
CA LEU A 2152 44.27 -69.60 24.23
C LEU A 2152 43.64 -69.95 22.89
N LYS A 2153 44.50 -70.12 21.88
CA LYS A 2153 44.07 -70.50 20.54
C LYS A 2153 43.49 -71.90 20.54
N PRO A 2154 43.89 -72.76 21.49
CA PRO A 2154 43.37 -74.13 21.49
C PRO A 2154 41.87 -74.22 21.65
N VAL A 2155 41.26 -73.30 22.39
CA VAL A 2155 39.81 -73.31 22.55
C VAL A 2155 39.12 -73.05 21.22
N GLN A 2156 39.60 -72.04 20.48
CA GLN A 2156 39.03 -71.76 19.17
C GLN A 2156 39.29 -72.90 18.19
N ASP A 2157 40.46 -73.54 18.29
CA ASP A 2157 40.76 -74.67 17.42
C ASP A 2157 39.80 -75.82 17.69
N PHE A 2158 39.55 -76.12 18.98
CA PHE A 2158 38.61 -77.19 19.32
C PHE A 2158 37.20 -76.84 18.88
N PHE A 2159 36.80 -75.57 19.03
CA PHE A 2159 35.47 -75.17 18.61
C PHE A 2159 35.31 -75.29 17.10
N GLY A 2160 36.36 -74.97 16.34
CA GLY A 2160 36.29 -75.11 14.89
C GLY A 2160 36.31 -76.55 14.45
N LEU A 2161 37.05 -77.40 15.17
CA LEU A 2161 37.13 -78.81 14.79
C LEU A 2161 35.87 -79.57 15.21
N ALA A 2162 35.14 -79.07 16.21
CA ALA A 2162 33.96 -79.77 16.68
C ALA A 2162 32.78 -79.62 15.71
N PHE A 2163 32.61 -78.41 15.16
CA PHE A 2163 31.49 -78.15 14.26
C PHE A 2163 32.00 -77.88 12.85
N PRO A 2164 31.39 -78.50 11.84
CA PRO A 2164 31.84 -78.28 10.46
C PRO A 2164 31.43 -76.92 9.91
N GLY A 2165 30.26 -76.45 10.31
CA GLY A 2165 29.74 -75.17 9.87
C GLY A 2165 30.03 -73.99 10.77
N SER A 2166 31.04 -74.09 11.63
CA SER A 2166 31.36 -72.98 12.52
C SER A 2166 31.98 -71.82 11.75
N VAL A 2167 31.50 -70.61 12.03
CA VAL A 2167 31.98 -69.40 11.37
C VAL A 2167 32.28 -68.35 12.45
N LEU A 2168 33.49 -67.81 12.43
CA LEU A 2168 33.91 -66.80 13.40
C LEU A 2168 33.26 -65.47 13.03
N LYS A 2169 32.15 -65.16 13.69
CA LYS A 2169 31.47 -63.90 13.45
C LYS A 2169 32.22 -62.73 14.05
N GLU A 2170 32.76 -62.90 15.26
CA GLU A 2170 33.52 -61.86 15.92
C GLU A 2170 34.51 -62.51 16.89
N LYS A 2171 35.76 -62.05 16.86
CA LYS A 2171 36.82 -62.59 17.70
C LYS A 2171 37.33 -61.50 18.62
N HIS A 2172 37.28 -61.74 19.92
CA HIS A 2172 37.75 -60.78 20.91
C HIS A 2172 38.66 -61.46 21.93
N ARG A 2173 39.05 -60.74 22.97
CA ARG A 2173 39.91 -61.27 24.01
C ARG A 2173 39.04 -61.87 25.12
N ASN A 2174 39.27 -63.16 25.40
CA ASN A 2174 38.54 -63.89 26.44
C ASN A 2174 37.03 -63.91 26.18
N MET A 2175 36.64 -63.80 24.91
CA MET A 2175 35.23 -63.84 24.54
C MET A 2175 35.08 -64.13 23.06
N LEU A 2176 34.40 -65.23 22.73
CA LEU A 2176 34.25 -65.64 21.33
C LEU A 2176 32.78 -65.89 21.02
N GLN A 2177 32.44 -65.76 19.75
CA GLN A 2177 31.10 -66.06 19.25
C GLN A 2177 31.21 -66.74 17.89
N TYR A 2178 30.28 -67.64 17.63
CA TYR A 2178 30.28 -68.43 16.40
C TYR A 2178 28.85 -68.69 15.96
N GLN A 2179 28.70 -69.10 14.70
CA GLN A 2179 27.42 -69.41 14.10
C GLN A 2179 27.44 -70.81 13.53
N LEU A 2180 26.34 -71.54 13.71
CA LEU A 2180 26.24 -72.92 13.25
C LEU A 2180 25.07 -73.05 12.28
N PRO A 2181 25.31 -73.18 10.98
CA PRO A 2181 24.20 -73.32 10.02
C PRO A 2181 23.88 -74.78 9.72
N SER A 2182 22.60 -75.08 9.54
CA SER A 2182 22.13 -76.41 9.15
C SER A 2182 22.44 -77.47 10.20
N SER A 2183 22.86 -77.04 11.39
CA SER A 2183 23.17 -77.95 12.49
C SER A 2183 22.35 -77.63 13.73
N LEU A 2184 21.12 -77.14 13.54
CA LEU A 2184 20.27 -76.77 14.67
C LEU A 2184 19.49 -77.96 15.20
N SER A 2185 19.18 -78.94 14.35
CA SER A 2185 18.43 -80.12 14.79
C SER A 2185 19.21 -80.97 15.77
N SER A 2186 20.54 -80.80 15.85
CA SER A 2186 21.38 -81.55 16.77
C SER A 2186 21.74 -80.76 18.01
N LEU A 2187 20.82 -79.95 18.53
CA LEU A 2187 21.12 -79.11 19.69
C LEU A 2187 21.43 -79.94 20.93
N ALA A 2188 20.87 -81.15 21.02
CA ALA A 2188 21.17 -82.02 22.15
C ALA A 2188 22.66 -82.38 22.18
N ARG A 2189 23.19 -82.84 21.04
CA ARG A 2189 24.61 -83.10 20.95
C ARG A 2189 25.45 -81.84 21.11
N ILE A 2190 24.93 -80.68 20.70
CA ILE A 2190 25.65 -79.43 20.89
C ILE A 2190 25.83 -79.14 22.38
N PHE A 2191 24.74 -79.25 23.14
CA PHE A 2191 24.82 -79.05 24.58
C PHE A 2191 25.68 -80.11 25.25
N SER A 2192 25.65 -81.35 24.75
CA SER A 2192 26.50 -82.40 25.29
C SER A 2192 27.97 -82.07 25.09
N ILE A 2193 28.33 -81.65 23.88
CA ILE A 2193 29.72 -81.28 23.60
C ILE A 2193 30.13 -80.06 24.41
N LEU A 2194 29.20 -79.13 24.64
CA LEU A 2194 29.50 -77.97 25.46
C LEU A 2194 29.79 -78.37 26.89
N SER A 2195 28.95 -79.24 27.46
CA SER A 2195 29.18 -79.72 28.82
C SER A 2195 30.45 -80.55 28.91
N GLN A 2196 30.83 -81.23 27.83
CA GLN A 2196 32.07 -82.00 27.83
C GLN A 2196 33.29 -81.09 27.81
N SER A 2197 33.28 -80.08 26.94
CA SER A 2197 34.41 -79.17 26.78
C SER A 2197 34.42 -78.05 27.83
N LYS A 2198 33.41 -77.99 28.70
CA LYS A 2198 33.41 -77.00 29.77
C LYS A 2198 34.66 -77.14 30.65
N LYS A 2199 35.02 -78.39 30.99
CA LYS A 2199 36.19 -78.63 31.82
C LYS A 2199 37.48 -78.74 31.02
N ARG A 2200 37.41 -79.10 29.74
CA ARG A 2200 38.62 -79.23 28.94
C ARG A 2200 39.11 -77.87 28.46
N LEU A 2201 38.24 -77.10 27.82
CA LEU A 2201 38.61 -75.79 27.31
C LEU A 2201 38.66 -74.71 28.38
N HIS A 2202 38.24 -75.03 29.61
CA HIS A 2202 38.24 -74.09 30.73
C HIS A 2202 37.43 -72.84 30.39
N ILE A 2203 36.25 -73.05 29.82
CA ILE A 2203 35.36 -71.96 29.46
C ILE A 2203 34.56 -71.55 30.68
N GLU A 2204 34.36 -70.24 30.86
CA GLU A 2204 33.69 -69.72 32.04
C GLU A 2204 32.18 -69.59 31.85
N ASP A 2205 31.70 -69.36 30.62
CA ASP A 2205 30.28 -69.16 30.40
C ASP A 2205 29.93 -69.58 28.98
N TYR A 2206 28.74 -70.17 28.83
CA TYR A 2206 28.22 -70.60 27.54
C TYR A 2206 26.87 -69.95 27.31
N SER A 2207 26.54 -69.76 26.03
CA SER A 2207 25.22 -69.25 25.67
C SER A 2207 24.90 -69.71 24.26
N VAL A 2208 23.64 -70.11 24.04
CA VAL A 2208 23.17 -70.58 22.74
C VAL A 2208 21.82 -69.94 22.46
N SER A 2209 21.68 -69.35 21.27
CA SER A 2209 20.45 -68.69 20.87
C SER A 2209 20.10 -69.07 19.44
N GLN A 2210 18.85 -68.81 19.07
CA GLN A 2210 18.38 -69.08 17.73
C GLN A 2210 18.43 -67.81 16.87
N THR A 2211 17.99 -67.94 15.62
CA THR A 2211 17.99 -66.81 14.71
C THR A 2211 16.74 -65.96 14.91
N THR A 2212 16.93 -64.64 14.95
CA THR A 2212 15.82 -63.74 15.16
C THR A 2212 15.04 -63.53 13.86
N LEU A 2213 13.91 -62.83 13.98
CA LEU A 2213 13.04 -62.63 12.81
C LEU A 2213 13.63 -61.60 11.86
N ASP A 2214 14.38 -60.62 12.38
CA ASP A 2214 15.00 -59.62 11.52
C ASP A 2214 16.03 -60.24 10.60
N GLN A 2215 16.73 -61.27 11.06
CA GLN A 2215 17.67 -61.98 10.18
C GLN A 2215 16.92 -62.66 9.03
N VAL A 2216 15.79 -63.28 9.33
CA VAL A 2216 14.98 -63.91 8.28
C VAL A 2216 14.49 -62.85 7.30
N PHE A 2217 14.11 -61.68 7.82
CA PHE A 2217 13.61 -60.62 6.94
C PHE A 2217 14.72 -60.09 6.02
N VAL A 2218 15.91 -59.86 6.57
CA VAL A 2218 16.98 -59.34 5.71
C VAL A 2218 17.46 -60.42 4.75
N ASN A 2219 17.32 -61.69 5.12
CA ASN A 2219 17.64 -62.76 4.17
C ASN A 2219 16.63 -62.80 3.03
N PHE A 2220 15.34 -62.62 3.36
CA PHE A 2220 14.32 -62.57 2.31
C PHE A 2220 14.47 -61.34 1.44
N ALA A 2221 15.01 -60.25 1.99
CA ALA A 2221 15.19 -59.03 1.21
C ALA A 2221 16.48 -59.05 0.41
N LYS A 2222 17.45 -59.90 0.80
CA LYS A 2222 18.73 -59.93 0.10
C LYS A 2222 18.62 -60.68 -1.23
N ASP A 2223 18.04 -61.87 -1.20
CA ASP A 2223 17.93 -62.69 -2.41
C ASP A 2223 16.86 -62.20 -3.38
N GLN A 2224 16.21 -61.08 -3.10
CA GLN A 2224 15.19 -60.54 -3.99
C GLN A 2224 15.83 -59.98 -5.27
C1 NAG B . -33.45 52.14 -15.05
C2 NAG B . -34.75 52.93 -14.98
C3 NAG B . -35.70 52.46 -16.08
C4 NAG B . -35.02 52.51 -17.44
C5 NAG B . -33.68 51.77 -17.40
C6 NAG B . -32.87 51.92 -18.67
C7 NAG B . -35.17 53.65 -12.67
C8 NAG B . -35.91 53.36 -11.39
N2 NAG B . -35.38 52.78 -13.67
O3 NAG B . -36.86 53.28 -16.09
O4 NAG B . -35.86 51.88 -18.41
O5 NAG B . -32.86 52.29 -16.33
O6 NAG B . -31.48 51.86 -18.41
O7 NAG B . -34.44 54.63 -12.79
C1 NAG B . -36.21 52.84 -19.44
C2 NAG B . -36.10 52.15 -20.80
C3 NAG B . -37.27 52.53 -21.68
C4 NAG B . -38.56 52.03 -21.04
C5 NAG B . -38.71 52.61 -19.63
C6 NAG B . -38.89 51.56 -18.57
C7 NAG B . -34.45 53.71 -21.80
C8 NAG B . -33.10 53.81 -22.46
N2 NAG B . -34.83 52.47 -21.46
O3 NAG B . -37.11 51.95 -22.97
O4 NAG B . -39.68 52.41 -21.84
O5 NAG B . -37.57 53.41 -19.27
O6 NAG B . -38.84 52.12 -17.26
O7 NAG B . -35.13 54.69 -21.58
C1 NAG C . 11.47 47.73 -16.07
C2 NAG C . 11.34 48.76 -17.20
C3 NAG C . 10.96 48.06 -18.51
C4 NAG C . 11.92 46.93 -18.82
C5 NAG C . 12.01 45.97 -17.63
C6 NAG C . 13.03 44.88 -17.81
C7 NAG C . 10.43 51.03 -17.36
C8 NAG C . 9.34 51.96 -16.91
N2 NAG C . 10.37 49.79 -16.87
O3 NAG C . 10.97 49.01 -19.57
O4 NAG C . 11.49 46.21 -19.97
O5 NAG C . 12.40 46.70 -16.45
O6 NAG C . 13.42 44.32 -16.56
O7 NAG C . 11.30 51.38 -18.15
C1 NAG C . 12.46 46.38 -21.02
C2 NAG C . 12.59 45.07 -21.80
C3 NAG C . 12.88 45.36 -23.26
C4 NAG C . 11.67 46.05 -23.89
C5 NAG C . 11.24 47.24 -23.04
C6 NAG C . 9.84 47.10 -22.46
C7 NAG C . 14.90 44.51 -21.14
C8 NAG C . 15.79 43.47 -20.52
N2 NAG C . 13.61 44.20 -21.24
O3 NAG C . 13.15 44.14 -23.94
O4 NAG C . 12.00 46.52 -25.19
O5 NAG C . 12.13 47.49 -21.95
O6 NAG C . 9.46 48.25 -21.73
O7 NAG C . 15.36 45.59 -21.53
C1 BMA C . 11.50 45.59 -26.19
C2 BMA C . 11.09 46.42 -27.44
C3 BMA C . 10.76 45.49 -28.61
C4 BMA C . 11.85 44.43 -28.81
C5 BMA C . 12.11 43.68 -27.50
C6 BMA C . 13.22 42.65 -27.61
O2 BMA C . 12.15 47.26 -27.86
O3 BMA C . 10.57 46.21 -29.82
O4 BMA C . 11.46 43.51 -29.82
O5 BMA C . 12.50 44.63 -26.51
O6 BMA C . 13.50 42.42 -28.98
C1 BMA C . 9.15 46.41 -30.02
C2 BMA C . 8.93 47.91 -30.35
C3 BMA C . 7.48 48.16 -30.76
C4 BMA C . 7.01 47.15 -31.83
C5 BMA C . 7.26 45.72 -31.32
C6 BMA C . 6.85 44.66 -32.32
O2 BMA C . 9.74 48.30 -31.45
O3 BMA C . 7.29 49.48 -31.24
O4 BMA C . 5.63 47.33 -32.09
O5 BMA C . 8.67 45.57 -31.06
O6 BMA C . 7.73 44.74 -33.44
C1 BMA C . 14.93 42.49 -29.18
C2 BMA C . 15.18 42.78 -30.68
C3 BMA C . 16.67 43.07 -30.93
C4 BMA C . 17.21 44.10 -29.93
C5 BMA C . 16.93 43.63 -28.49
C6 BMA C . 17.42 44.59 -27.44
O2 BMA C . 14.47 43.94 -31.10
O3 BMA C . 16.90 43.53 -32.26
O4 BMA C . 18.61 44.24 -30.10
O5 BMA C . 15.50 43.49 -28.35
O6 BMA C . 17.33 43.95 -26.17
C1 CLR D . -11.86 59.22 -47.58
C2 CLR D . -10.57 58.41 -47.57
C3 CLR D . -9.35 59.31 -47.37
C4 CLR D . -9.45 60.04 -46.03
C5 CLR D . -10.80 60.73 -45.96
C6 CLR D . -10.88 62.03 -45.64
C7 CLR D . -12.03 62.57 -44.82
C8 CLR D . -13.29 61.73 -45.02
C9 CLR D . -13.22 60.91 -46.31
C10 CLR D . -12.04 59.95 -46.25
C11 CLR D . -14.52 60.18 -46.65
C12 CLR D . -15.79 61.03 -46.47
C13 CLR D . -15.74 61.66 -45.09
C14 CLR D . -14.53 62.58 -45.06
C15 CLR D . -14.78 63.52 -43.89
C16 CLR D . -16.30 63.62 -43.79
C17 CLR D . -16.90 62.55 -44.70
C18 CLR D . -15.56 60.56 -44.04
C19 CLR D . -12.27 58.94 -45.14
C20 CLR D . -17.99 61.76 -44.00
C21 CLR D . -19.00 61.22 -45.02
C22 CLR D . -18.70 62.62 -42.95
C23 CLR D . -20.11 62.13 -42.69
C24 CLR D . -21.13 63.22 -42.98
C25 CLR D . -21.52 63.22 -44.46
C26 CLR D . -22.85 62.50 -44.67
C27 CLR D . -21.58 64.65 -45.00
O1 CLR D . -8.16 58.51 -47.37
C1 NAG E . -31.19 27.57 0.46
C2 NAG E . -32.63 27.27 0.85
C3 NAG E . -32.87 27.64 2.30
C4 NAG E . -31.85 26.96 3.20
C5 NAG E . -30.43 27.26 2.72
C6 NAG E . -29.36 26.51 3.48
C7 NAG E . -34.16 27.39 -1.07
C8 NAG E . -35.10 28.25 -1.86
N2 NAG E . -33.56 27.96 -0.02
O3 NAG E . -34.19 27.25 2.68
O4 NAG E . -31.99 27.41 4.54
O5 NAG E . -30.29 26.87 1.33
O6 NAG E . -29.90 25.87 4.64
O7 NAG E . -33.95 26.21 -1.37
C1 NAG F . 0.00 56.78 -26.80
C2 NAG F . -1.06 57.88 -26.71
C3 NAG F . -0.43 59.26 -26.93
C4 NAG F . 0.74 59.48 -25.98
C5 NAG F . 1.75 58.35 -26.14
C6 NAG F . 2.89 58.44 -25.14
C7 NAG F . -3.43 57.78 -27.36
C8 NAG F . -3.75 58.14 -25.94
N2 NAG F . -2.13 57.66 -27.66
O3 NAG F . -1.40 60.28 -26.73
O4 NAG F . 1.38 60.72 -26.26
O5 NAG F . 1.11 57.09 -25.91
O6 NAG F . 4.16 58.42 -25.78
O7 NAG F . -4.31 57.58 -28.21
#